data_3RUG
#
_entry.id   3RUG
#
_cell.length_a   81.140
_cell.length_b   118.834
_cell.length_c   108.125
_cell.angle_alpha   90.00
_cell.angle_beta   110.24
_cell.angle_gamma   90.00
#
_symmetry.space_group_name_H-M   'P 1 21 1'
#
loop_
_entity.id
_entity.type
_entity.pdbx_description
1 polymer 'Antigen-presenting glycoprotein CD1d1'
2 polymer Beta-2-microglobulin
3 polymer 'Valpha10(mouse variable domain, human constant domain)'
4 polymer 'Vbeta8.1(mouse variable domain, human constant domain)'
5 branched 2-acetamido-2-deoxy-beta-D-glucopyranose-(1-4)-2-acetamido-2-deoxy-beta-D-glucopyranose
6 non-polymer (11E,14E)-N-[(2S,3S,4R)-1-(alpha-D-glucopyranosyloxy)-3,4-dihydroxyoctadecan-2-yl]icosa-11,14-dienamide
7 non-polymer 2-acetamido-2-deoxy-beta-D-glucopyranose
8 water water
#
loop_
_entity_poly.entity_id
_entity_poly.type
_entity_poly.pdbx_seq_one_letter_code
_entity_poly.pdbx_strand_id
1 'polypeptide(L)'
;SEAQQKNYTFRCLQMSSFANRSWSRTDSVVWLGDLQTHRWSNDSATISFTKPWSQGKLSNQQWEKLQHMFQVYRVSFTRD
IQELVKMMSPKEDYPIEIQLSAGCEMYPGNASESFLHVAFQGKYVVRFWGTSWQTVPGAPSWLDLPIKVLNADQGTSATV
QMLLNDTCPLFVRGLLEAGKSDLEKQEKPVAWLSSVPSSAHGHRQLVCHVSGFYPKPVWVMWMRGDQEQQGTHRGDFLPN
ADETWYLQATLDVEAGEEAGLACRVKHSSLGGQDIILYWGSLHHILDAQKMVWNHRHHHHHH
;
A,C
2 'polypeptide(L)'
;IQKTPQIQVYSRHPPENGKPNILNCYVTQFHPPHIEIQMLKNGKKIPKVEMSDMSFSKDWSFYILAHTEFTPTETDTYAC
RVKHASMAEPKTVYWDRDM
;
B,D
3 'polypeptide(L)'
;GQQVEQSPASLVLQEGENAELQCTYSTTLNSMQWFYQRPGGRLVSLLYSPSWAEQRGGRLTSSAASNESRSSLHISSSQI
TDSGTYLCAIASSSFSKLVFGQGTSLSVVPNIQNPDPAVYQLRDSKSSDKSVCLFTDFDSQTNVSQSKDSDVYITDKCVL
DMRSMDFKSNSAVAWSNKSDFACANAFNNSIIPEDTFFPSPESS
;
E,G
4 'polypeptide(L)'
;EAAVTQSPRSKVAVTGGKVTLSCHQTNNHDYMYWYRQDTGHGLRLIHYSYVADSTEKGDIPDGYKASRPSQENFSLILEL
ASLSQTAVYFCASRLGGYEQYFGPGTRLTVLEDLKNVFPPEVAVFEPSEAEISHTQKATLVCLATGFYPDHVELSWWVNG
KEVHSGVCTDPQPLKEQPALNDSRYALSSRLRVSATFWQNPRNHFRCQVQFYGLSENDEWTQDRAKPVTQIVSAEAWGRA
D
;
F,H
#
loop_
_chem_comp.id
_chem_comp.type
_chem_comp.name
_chem_comp.formula
DB6 non-polymer (11E,14E)-N-[(2S,3S,4R)-1-(alpha-D-glucopyranosyloxy)-3,4-dihydroxyoctadecan-2-yl]icosa-11,14-dienamide 'C44 H83 N O9'
NAG D-saccharide, beta linking 2-acetamido-2-deoxy-beta-D-glucopyranose 'C8 H15 N O6'
#
# COMPACT_ATOMS: atom_id res chain seq x y z
N TYR A 8 -14.07 -13.11 -33.49
CA TYR A 8 -13.11 -12.97 -32.33
C TYR A 8 -13.71 -13.33 -30.99
N THR A 9 -13.05 -14.27 -30.31
CA THR A 9 -13.40 -14.70 -28.98
C THR A 9 -12.36 -14.17 -28.00
N PHE A 10 -12.82 -13.35 -27.07
CA PHE A 10 -11.97 -12.82 -26.04
C PHE A 10 -12.15 -13.68 -24.78
N ARG A 11 -11.06 -14.28 -24.31
CA ARG A 11 -11.18 -15.08 -23.14
C ARG A 11 -10.15 -14.80 -22.04
N CYS A 12 -10.65 -14.65 -20.81
CA CYS A 12 -9.82 -14.55 -19.63
C CYS A 12 -9.88 -15.90 -18.91
N LEU A 13 -8.71 -16.41 -18.57
CA LEU A 13 -8.55 -17.74 -18.02
C LEU A 13 -7.79 -17.65 -16.73
N GLN A 14 -8.41 -18.04 -15.64
CA GLN A 14 -7.78 -18.09 -14.36
C GLN A 14 -7.61 -19.54 -13.92
N MET A 15 -6.44 -19.83 -13.39
CA MET A 15 -6.19 -21.11 -12.82
C MET A 15 -5.71 -20.94 -11.38
N SER A 16 -6.48 -21.45 -10.44
CA SER A 16 -6.11 -21.40 -9.01
C SER A 16 -5.81 -22.80 -8.46
N SER A 17 -4.72 -22.91 -7.72
CA SER A 17 -4.41 -24.16 -7.04
C SER A 17 -4.40 -23.92 -5.54
N PHE A 18 -5.10 -24.78 -4.82
CA PHE A 18 -5.15 -24.75 -3.36
C PHE A 18 -4.63 -26.10 -2.87
N ALA A 19 -3.38 -26.13 -2.42
CA ALA A 19 -2.75 -27.36 -1.93
C ALA A 19 -3.24 -27.72 -0.52
N ASN A 20 -3.23 -26.75 0.39
CA ASN A 20 -3.67 -27.00 1.76
C ASN A 20 -4.14 -25.69 2.37
N ARG A 21 -4.35 -25.68 3.69
CA ARG A 21 -4.92 -24.51 4.37
C ARG A 21 -4.00 -23.29 4.25
N SER A 22 -2.73 -23.55 4.01
CA SER A 22 -1.71 -22.51 4.06
C SER A 22 -1.02 -22.18 2.71
N TRP A 23 -1.46 -22.77 1.61
CA TRP A 23 -0.80 -22.63 0.30
C TRP A 23 -1.82 -22.55 -0.84
N SER A 24 -1.76 -21.44 -1.58
CA SER A 24 -2.53 -21.29 -2.82
C SER A 24 -1.76 -20.39 -3.79
N ARG A 25 -2.24 -20.38 -5.03
CA ARG A 25 -1.58 -19.70 -6.14
C ARG A 25 -2.67 -19.42 -7.16
N THR A 26 -2.76 -18.20 -7.67
CA THR A 26 -3.69 -17.95 -8.78
C THR A 26 -2.92 -17.35 -9.93
N ASP A 27 -3.08 -17.92 -11.12
CA ASP A 27 -2.44 -17.33 -12.32
C ASP A 27 -3.47 -17.12 -13.44
N SER A 28 -3.33 -16.01 -14.19
CA SER A 28 -4.28 -15.72 -15.26
C SER A 28 -3.59 -15.44 -16.57
N VAL A 29 -4.28 -15.79 -17.65
CA VAL A 29 -3.88 -15.32 -18.97
C VAL A 29 -5.09 -14.86 -19.74
N VAL A 30 -4.87 -13.89 -20.61
CA VAL A 30 -5.92 -13.36 -21.47
C VAL A 30 -5.57 -13.49 -22.96
N TRP A 31 -6.56 -13.90 -23.73
CA TRP A 31 -6.39 -14.19 -25.13
C TRP A 31 -7.40 -13.36 -25.94
N LEU A 32 -6.95 -12.78 -27.05
CA LEU A 32 -7.88 -12.23 -28.06
C LEU A 32 -7.69 -13.08 -29.32
N GLY A 33 -8.70 -13.87 -29.64
CA GLY A 33 -8.56 -15.00 -30.54
C GLY A 33 -7.38 -15.88 -30.17
N ASP A 34 -6.37 -15.92 -31.02
CA ASP A 34 -5.22 -16.74 -30.68
C ASP A 34 -3.96 -15.94 -30.36
N LEU A 35 -4.10 -14.64 -30.11
CA LEU A 35 -2.96 -13.87 -29.63
C LEU A 35 -3.19 -13.61 -28.16
N GLN A 36 -2.14 -13.82 -27.36
CA GLN A 36 -2.18 -13.48 -25.93
C GLN A 36 -2.05 -11.97 -25.73
N THR A 37 -2.90 -11.39 -24.89
CA THR A 37 -2.82 -9.94 -24.64
C THR A 37 -2.40 -9.57 -23.21
N HIS A 38 -2.68 -10.46 -22.26
CA HIS A 38 -2.32 -10.25 -20.86
C HIS A 38 -1.84 -11.50 -20.15
N ARG A 39 -1.07 -11.26 -19.10
CA ARG A 39 -0.59 -12.28 -18.17
C ARG A 39 -0.76 -11.67 -16.78
N TRP A 40 -1.21 -12.48 -15.82
CA TRP A 40 -1.22 -12.05 -14.42
C TRP A 40 -0.71 -13.15 -13.53
N SER A 41 0.57 -13.06 -13.23
CA SER A 41 1.27 -14.05 -12.44
C SER A 41 0.96 -13.87 -10.97
N ASN A 42 0.88 -14.97 -10.23
CA ASN A 42 0.68 -14.87 -8.78
C ASN A 42 1.70 -14.00 -8.03
N ASP A 43 2.95 -13.97 -8.47
CA ASP A 43 3.95 -13.14 -7.75
C ASP A 43 3.92 -11.66 -8.11
N SER A 44 3.07 -11.28 -9.04
CA SER A 44 3.05 -9.89 -9.44
C SER A 44 1.84 -9.19 -8.89
N ALA A 45 2.06 -8.02 -8.31
CA ALA A 45 0.93 -7.22 -7.81
C ALA A 45 0.04 -6.75 -8.95
N THR A 46 0.59 -6.73 -10.18
CA THR A 46 -0.11 -6.12 -11.32
C THR A 46 -0.15 -6.99 -12.57
N ILE A 47 -1.22 -6.78 -13.34
CA ILE A 47 -1.45 -7.40 -14.64
C ILE A 47 -0.42 -6.88 -15.65
N SER A 48 0.18 -7.78 -16.44
CA SER A 48 1.16 -7.41 -17.47
C SER A 48 0.54 -7.43 -18.86
N PHE A 49 0.93 -6.44 -19.65
CA PHE A 49 0.60 -6.32 -21.06
C PHE A 49 1.54 -7.24 -21.82
N THR A 50 1.03 -8.10 -22.68
CA THR A 50 1.90 -8.89 -23.56
C THR A 50 1.88 -8.39 -24.99
N LYS A 51 1.15 -7.31 -25.25
CA LYS A 51 1.19 -6.65 -26.58
C LYS A 51 1.36 -5.15 -26.35
N PRO A 52 1.89 -4.41 -27.37
CA PRO A 52 1.95 -2.95 -27.27
C PRO A 52 0.57 -2.33 -27.09
N TRP A 53 -0.45 -3.00 -27.59
CA TRP A 53 -1.82 -2.45 -27.61
C TRP A 53 -2.79 -3.03 -26.55
N SER A 54 -2.22 -3.72 -25.55
CA SER A 54 -2.97 -4.49 -24.56
C SER A 54 -3.89 -3.61 -23.69
N GLN A 55 -3.62 -2.31 -23.65
CA GLN A 55 -4.47 -1.39 -22.91
C GLN A 55 -5.74 -1.02 -23.70
N GLY A 56 -5.84 -1.48 -24.94
CA GLY A 56 -6.96 -1.14 -25.80
C GLY A 56 -7.10 0.36 -25.90
N LYS A 57 -8.33 0.84 -25.75
CA LYS A 57 -8.60 2.26 -25.81
C LYS A 57 -8.92 2.90 -24.44
N LEU A 58 -8.54 2.22 -23.34
CA LEU A 58 -8.77 2.77 -22.00
C LEU A 58 -7.70 3.76 -21.58
N SER A 59 -8.08 4.75 -20.76
CA SER A 59 -7.13 5.68 -20.19
C SER A 59 -6.34 4.97 -19.12
N ASN A 60 -5.25 5.62 -18.73
CA ASN A 60 -4.33 5.13 -17.73
C ASN A 60 -4.98 4.98 -16.35
N GLN A 61 -5.72 6.00 -15.94
CA GLN A 61 -6.49 5.97 -14.70
C GLN A 61 -7.69 5.01 -14.81
N GLN A 62 -8.25 4.86 -16.01
CA GLN A 62 -9.28 3.85 -16.18
C GLN A 62 -8.72 2.43 -16.07
N TRP A 63 -7.54 2.21 -16.67
CA TRP A 63 -6.85 0.94 -16.58
C TRP A 63 -6.49 0.63 -15.14
N GLU A 64 -6.00 1.64 -14.42
CA GLU A 64 -5.58 1.48 -13.02
C GLU A 64 -6.77 1.17 -12.11
N LYS A 65 -7.96 1.66 -12.48
CA LYS A 65 -9.20 1.36 -11.78
C LYS A 65 -9.72 -0.09 -12.03
N LEU A 66 -9.62 -0.56 -13.27
CA LEU A 66 -9.98 -1.93 -13.61
C LEU A 66 -9.06 -2.91 -12.87
N GLN A 67 -7.79 -2.55 -12.80
CA GLN A 67 -6.78 -3.37 -12.18
C GLN A 67 -6.95 -3.49 -10.68
N HIS A 68 -7.22 -2.36 -10.03
CA HIS A 68 -7.41 -2.33 -8.59
C HIS A 68 -8.60 -3.21 -8.21
N MET A 69 -9.62 -3.14 -9.06
CA MET A 69 -10.78 -3.98 -8.95
C MET A 69 -10.41 -5.46 -8.92
N PHE A 70 -9.62 -5.89 -9.91
CA PHE A 70 -9.16 -7.29 -9.99
C PHE A 70 -8.20 -7.64 -8.88
N GLN A 71 -7.41 -6.66 -8.42
CA GLN A 71 -6.49 -6.93 -7.32
C GLN A 71 -7.29 -7.24 -6.04
N VAL A 72 -8.42 -6.56 -5.86
CA VAL A 72 -9.32 -6.86 -4.75
C VAL A 72 -9.95 -8.24 -4.96
N TYR A 73 -10.34 -8.51 -6.19
CA TYR A 73 -10.94 -9.78 -6.47
C TYR A 73 -10.00 -10.95 -6.16
N ARG A 74 -8.73 -10.82 -6.53
CA ARG A 74 -7.84 -11.98 -6.40
C ARG A 74 -7.63 -12.37 -4.92
N VAL A 75 -7.41 -11.38 -4.06
CA VAL A 75 -7.33 -11.61 -2.61
C VAL A 75 -8.64 -12.18 -2.04
N SER A 76 -9.80 -11.63 -2.44
CA SER A 76 -11.11 -12.07 -1.88
C SER A 76 -11.52 -13.46 -2.34
N PHE A 77 -11.26 -13.76 -3.61
CA PHE A 77 -11.48 -15.10 -4.17
C PHE A 77 -10.71 -16.09 -3.29
N THR A 78 -9.44 -15.82 -3.05
CA THR A 78 -8.58 -16.73 -2.31
C THR A 78 -9.16 -16.99 -0.90
N ARG A 79 -9.49 -15.92 -0.19
CA ARG A 79 -10.04 -16.07 1.16
C ARG A 79 -11.38 -16.72 1.14
N ASP A 80 -12.22 -16.36 0.17
CA ASP A 80 -13.54 -16.96 0.06
C ASP A 80 -13.52 -18.46 -0.19
N ILE A 81 -12.66 -18.93 -1.11
CA ILE A 81 -12.51 -20.37 -1.35
C ILE A 81 -12.03 -21.12 -0.09
N GLN A 82 -11.00 -20.58 0.54
CA GLN A 82 -10.46 -21.19 1.75
C GLN A 82 -11.52 -21.35 2.85
N GLU A 83 -12.56 -20.52 2.84
CA GLU A 83 -13.68 -20.72 3.76
C GLU A 83 -14.67 -21.76 3.20
N LEU A 84 -14.99 -21.62 1.94
CA LEU A 84 -15.96 -22.48 1.28
C LEU A 84 -15.56 -23.98 1.23
N VAL A 85 -14.26 -24.27 1.21
CA VAL A 85 -13.81 -25.67 1.23
C VAL A 85 -14.12 -26.42 2.55
N LYS A 86 -14.39 -25.67 3.62
CA LYS A 86 -14.87 -26.25 4.87
C LYS A 86 -16.26 -26.87 4.68
N MET A 87 -17.00 -26.40 3.67
CA MET A 87 -18.39 -26.83 3.40
C MET A 87 -18.46 -28.09 2.54
N MET A 88 -17.29 -28.68 2.23
CA MET A 88 -17.17 -29.79 1.29
C MET A 88 -17.66 -31.12 1.86
N SER A 89 -17.90 -32.10 0.98
CA SER A 89 -18.49 -33.42 1.33
C SER A 89 -17.66 -34.25 2.33
N PRO A 90 -16.36 -34.48 2.03
CA PRO A 90 -15.44 -34.63 3.17
C PRO A 90 -14.68 -33.31 3.32
N LYS A 91 -14.72 -32.71 4.52
CA LYS A 91 -14.29 -31.33 4.70
C LYS A 91 -12.87 -31.08 4.14
N GLU A 92 -12.66 -29.91 3.53
CA GLU A 92 -11.32 -29.46 3.10
C GLU A 92 -10.53 -30.52 2.33
N ASP A 93 -11.14 -31.09 1.30
CA ASP A 93 -10.57 -32.19 0.52
C ASP A 93 -9.47 -31.71 -0.44
N TYR A 94 -8.38 -31.23 0.12
CA TYR A 94 -7.23 -30.79 -0.65
C TYR A 94 -6.49 -31.97 -1.29
N PRO A 95 -5.80 -31.75 -2.44
CA PRO A 95 -5.66 -30.50 -3.21
C PRO A 95 -6.87 -30.16 -4.09
N ILE A 96 -7.07 -28.85 -4.26
CA ILE A 96 -8.20 -28.32 -5.01
C ILE A 96 -7.71 -27.46 -6.20
N GLU A 97 -8.24 -27.75 -7.40
CA GLU A 97 -7.93 -26.97 -8.60
C GLU A 97 -9.21 -26.29 -9.03
N ILE A 98 -9.19 -24.96 -9.17
CA ILE A 98 -10.35 -24.23 -9.69
C ILE A 98 -9.96 -23.50 -10.98
N GLN A 99 -10.78 -23.62 -12.03
CA GLN A 99 -10.53 -22.89 -13.25
C GLN A 99 -11.71 -22.01 -13.59
N LEU A 100 -11.39 -20.82 -14.07
CA LEU A 100 -12.44 -19.91 -14.55
C LEU A 100 -12.14 -19.49 -15.95
N SER A 101 -13.18 -19.49 -16.75
CA SER A 101 -13.11 -19.07 -18.13
C SER A 101 -14.27 -18.08 -18.41
N ALA A 102 -13.91 -16.81 -18.59
CA ALA A 102 -14.83 -15.72 -18.71
C ALA A 102 -14.51 -14.98 -20.01
N GLY A 103 -15.44 -14.17 -20.48
CA GLY A 103 -15.14 -13.48 -21.71
C GLY A 103 -16.36 -13.30 -22.57
N CYS A 104 -16.11 -13.05 -23.85
CA CYS A 104 -17.16 -12.70 -24.78
C CYS A 104 -16.78 -13.02 -26.22
N GLU A 105 -17.73 -13.58 -26.96
CA GLU A 105 -17.62 -13.75 -28.41
C GLU A 105 -18.06 -12.43 -29.02
N MET A 106 -17.26 -11.90 -29.93
CA MET A 106 -17.62 -10.67 -30.66
C MET A 106 -18.12 -11.07 -32.05
N TYR A 107 -19.28 -10.55 -32.43
CA TYR A 107 -19.89 -10.79 -33.75
C TYR A 107 -20.06 -9.46 -34.52
N PRO A 108 -20.59 -9.52 -35.76
CA PRO A 108 -20.99 -8.26 -36.44
C PRO A 108 -22.44 -7.82 -36.10
N GLY A 109 -22.70 -6.51 -36.08
CA GLY A 109 -21.67 -5.50 -36.30
C GLY A 109 -21.06 -5.15 -34.96
N ASN A 110 -21.95 -4.88 -34.00
CA ASN A 110 -21.61 -4.73 -32.60
C ASN A 110 -22.53 -5.65 -31.77
N ALA A 111 -22.60 -6.92 -32.16
CA ALA A 111 -23.36 -7.94 -31.42
C ALA A 111 -22.37 -8.85 -30.71
N SER A 112 -22.73 -9.31 -29.50
CA SER A 112 -21.84 -10.16 -28.70
C SER A 112 -22.53 -10.96 -27.59
N GLU A 113 -21.91 -12.07 -27.21
CA GLU A 113 -22.40 -12.97 -26.16
C GLU A 113 -21.30 -13.25 -25.15
N SER A 114 -21.65 -13.12 -23.87
CA SER A 114 -20.67 -13.24 -22.80
C SER A 114 -20.87 -14.53 -22.05
N PHE A 115 -19.82 -15.00 -21.40
CA PHE A 115 -19.86 -16.24 -20.65
C PHE A 115 -18.93 -16.14 -19.44
N LEU A 116 -19.23 -16.93 -18.40
CA LEU A 116 -18.35 -17.07 -17.27
C LEU A 116 -18.54 -18.49 -16.76
N HIS A 117 -17.57 -19.36 -17.08
CA HIS A 117 -17.63 -20.76 -16.67
C HIS A 117 -16.61 -21.12 -15.60
N VAL A 118 -17.00 -21.99 -14.67
CA VAL A 118 -16.11 -22.36 -13.57
C VAL A 118 -16.03 -23.88 -13.47
N ALA A 119 -14.82 -24.41 -13.41
CA ALA A 119 -14.57 -25.82 -13.26
C ALA A 119 -13.91 -26.10 -11.93
N PHE A 120 -14.22 -27.26 -11.39
CA PHE A 120 -13.69 -27.73 -10.11
C PHE A 120 -13.15 -29.13 -10.33
N GLN A 121 -11.85 -29.33 -10.05
CA GLN A 121 -11.11 -30.55 -10.37
C GLN A 121 -11.16 -30.93 -11.85
N GLY A 122 -11.13 -29.97 -12.76
CA GLY A 122 -11.20 -30.31 -14.17
C GLY A 122 -12.61 -30.52 -14.66
N LYS A 123 -13.59 -30.16 -13.86
CA LYS A 123 -14.97 -30.38 -14.24
C LYS A 123 -15.81 -29.13 -14.06
N TYR A 124 -16.50 -28.77 -15.14
CA TYR A 124 -17.43 -27.66 -15.19
C TYR A 124 -18.59 -27.84 -14.17
N VAL A 125 -18.73 -26.90 -13.23
CA VAL A 125 -19.72 -27.03 -12.16
C VAL A 125 -20.60 -25.81 -11.95
N VAL A 126 -20.08 -24.63 -12.29
CA VAL A 126 -20.79 -23.36 -12.04
C VAL A 126 -20.65 -22.42 -13.22
N ARG A 127 -21.74 -21.71 -13.54
CA ARG A 127 -21.72 -20.58 -14.45
C ARG A 127 -22.39 -19.37 -13.83
N PHE A 128 -22.04 -18.17 -14.32
CA PHE A 128 -22.83 -16.98 -14.05
C PHE A 128 -23.81 -16.80 -15.20
N TRP A 129 -25.06 -16.48 -14.86
CA TRP A 129 -26.12 -16.49 -15.88
C TRP A 129 -27.19 -15.44 -15.63
N GLY A 130 -27.19 -14.39 -16.43
CA GLY A 130 -28.12 -13.29 -16.24
C GLY A 130 -27.74 -12.47 -15.03
N THR A 131 -28.33 -12.79 -13.90
CA THR A 131 -28.10 -11.99 -12.69
C THR A 131 -27.53 -12.81 -11.52
N SER A 132 -27.34 -14.11 -11.74
CA SER A 132 -26.96 -14.96 -10.60
C SER A 132 -25.94 -16.08 -10.93
N TRP A 133 -25.31 -16.62 -9.91
CA TRP A 133 -24.53 -17.85 -10.05
C TRP A 133 -25.47 -19.06 -10.07
N GLN A 134 -25.10 -20.07 -10.88
CA GLN A 134 -25.84 -21.34 -10.97
C GLN A 134 -24.90 -22.53 -10.96
N THR A 135 -25.22 -23.56 -10.16
CA THR A 135 -24.65 -24.89 -10.42
C THR A 135 -25.22 -25.40 -11.70
N VAL A 136 -24.51 -26.35 -12.27
CA VAL A 136 -24.76 -26.89 -13.56
C VAL A 136 -25.01 -28.40 -13.37
N PRO A 137 -25.88 -29.01 -14.19
CA PRO A 137 -26.21 -30.42 -13.99
C PRO A 137 -24.98 -31.29 -13.75
N GLY A 138 -25.02 -32.07 -12.67
CA GLY A 138 -23.93 -33.00 -12.39
C GLY A 138 -22.88 -32.46 -11.44
N ALA A 139 -23.13 -31.23 -10.94
CA ALA A 139 -22.29 -30.59 -9.93
C ALA A 139 -22.42 -31.30 -8.58
N PRO A 140 -21.35 -31.31 -7.77
CA PRO A 140 -21.47 -31.92 -6.43
C PRO A 140 -22.52 -31.23 -5.57
N SER A 141 -23.27 -32.05 -4.85
CA SER A 141 -24.42 -31.56 -4.11
C SER A 141 -24.01 -30.55 -3.04
N TRP A 142 -22.81 -30.70 -2.46
CA TRP A 142 -22.35 -29.79 -1.43
C TRP A 142 -22.16 -28.32 -1.90
N LEU A 143 -22.12 -28.08 -3.21
CA LEU A 143 -22.03 -26.74 -3.79
C LEU A 143 -23.29 -25.93 -3.62
N ASP A 144 -24.42 -26.57 -3.35
CA ASP A 144 -25.68 -25.82 -3.22
C ASP A 144 -25.66 -24.70 -2.18
N LEU A 145 -25.13 -24.96 -1.00
CA LEU A 145 -25.10 -23.93 0.05
C LEU A 145 -24.10 -22.82 -0.29
N PRO A 146 -22.85 -23.16 -0.65
CA PRO A 146 -21.93 -22.10 -1.08
C PRO A 146 -22.53 -21.16 -2.15
N ILE A 147 -23.23 -21.73 -3.12
CA ILE A 147 -23.79 -20.92 -4.21
C ILE A 147 -24.93 -20.01 -3.71
N LYS A 148 -25.81 -20.57 -2.88
CA LYS A 148 -26.80 -19.76 -2.15
C LYS A 148 -26.13 -18.59 -1.41
N VAL A 149 -25.08 -18.85 -0.65
CA VAL A 149 -24.38 -17.78 0.06
C VAL A 149 -23.81 -16.71 -0.88
N LEU A 150 -23.03 -17.14 -1.88
CA LEU A 150 -22.48 -16.26 -2.87
C LEU A 150 -23.59 -15.43 -3.52
N ASN A 151 -24.73 -16.04 -3.81
CA ASN A 151 -25.87 -15.33 -4.45
C ASN A 151 -26.55 -14.25 -3.60
N ALA A 152 -26.26 -14.22 -2.29
CA ALA A 152 -26.70 -13.12 -1.41
C ALA A 152 -25.91 -11.83 -1.65
N ASP A 153 -24.69 -11.98 -2.17
CA ASP A 153 -23.83 -10.82 -2.41
C ASP A 153 -24.27 -10.09 -3.67
N GLN A 154 -25.13 -9.09 -3.54
CA GLN A 154 -25.64 -8.41 -4.73
C GLN A 154 -24.65 -7.39 -5.29
N GLY A 155 -23.72 -6.95 -4.45
CA GLY A 155 -22.63 -6.09 -4.89
C GLY A 155 -21.75 -6.85 -5.88
N THR A 156 -21.39 -8.08 -5.53
CA THR A 156 -20.59 -8.91 -6.44
C THR A 156 -21.39 -9.18 -7.71
N SER A 157 -22.68 -9.44 -7.57
CA SER A 157 -23.48 -9.77 -8.70
C SER A 157 -23.63 -8.61 -9.68
N ALA A 158 -23.77 -7.39 -9.16
CA ALA A 158 -23.84 -6.19 -10.00
C ALA A 158 -22.52 -5.97 -10.74
N THR A 159 -21.41 -6.16 -10.06
CA THR A 159 -20.10 -6.02 -10.69
C THR A 159 -19.89 -7.01 -11.86
N VAL A 160 -20.20 -8.28 -11.62
CA VAL A 160 -20.05 -9.33 -12.60
C VAL A 160 -20.94 -9.05 -13.83
N GLN A 161 -22.22 -8.75 -13.58
CA GLN A 161 -23.15 -8.33 -14.63
C GLN A 161 -22.57 -7.18 -15.44
N MET A 162 -22.06 -6.15 -14.77
CA MET A 162 -21.48 -5.04 -15.49
C MET A 162 -20.26 -5.49 -16.32
N LEU A 163 -19.41 -6.35 -15.77
CA LEU A 163 -18.25 -6.84 -16.52
C LEU A 163 -18.64 -7.64 -17.74
N LEU A 164 -19.58 -8.56 -17.58
CA LEU A 164 -19.97 -9.41 -18.68
C LEU A 164 -20.76 -8.65 -19.77
N ASN A 165 -21.73 -7.84 -19.37
CA ASN A 165 -22.65 -7.20 -20.32
C ASN A 165 -21.99 -6.03 -21.06
N ASP A 166 -21.19 -5.26 -20.35
CA ASP A 166 -20.71 -3.97 -20.85
C ASP A 166 -19.20 -3.87 -20.95
N THR A 167 -18.47 -4.10 -19.85
CA THR A 167 -17.01 -3.88 -19.87
C THR A 167 -16.34 -4.77 -20.88
N CYS A 168 -16.71 -6.04 -20.92
CA CYS A 168 -16.15 -6.95 -21.89
C CYS A 168 -16.32 -6.43 -23.32
N PRO A 169 -17.57 -6.38 -23.85
CA PRO A 169 -17.61 -6.04 -25.28
C PRO A 169 -17.00 -4.68 -25.58
N LEU A 170 -17.14 -3.71 -24.69
CA LEU A 170 -16.57 -2.38 -24.91
C LEU A 170 -15.02 -2.35 -24.87
N PHE A 171 -14.42 -2.96 -23.85
CA PHE A 171 -12.97 -3.09 -23.78
C PHE A 171 -12.44 -3.74 -25.06
N VAL A 172 -13.13 -4.77 -25.51
CA VAL A 172 -12.63 -5.59 -26.60
C VAL A 172 -12.74 -4.88 -27.97
N ARG A 173 -13.74 -4.01 -28.13
CA ARG A 173 -13.89 -3.30 -29.40
C ARG A 173 -12.74 -2.33 -29.58
N GLY A 174 -12.23 -1.81 -28.48
CA GLY A 174 -11.04 -0.99 -28.46
C GLY A 174 -9.77 -1.79 -28.68
N LEU A 175 -9.67 -2.99 -28.09
CA LEU A 175 -8.49 -3.85 -28.36
C LEU A 175 -8.42 -4.19 -29.85
N LEU A 176 -9.56 -4.56 -30.43
CA LEU A 176 -9.60 -4.90 -31.85
C LEU A 176 -9.15 -3.73 -32.75
N GLU A 177 -9.52 -2.49 -32.38
CA GLU A 177 -9.02 -1.31 -33.10
C GLU A 177 -7.54 -1.11 -32.89
N ALA A 178 -7.08 -1.08 -31.62
CA ALA A 178 -5.66 -0.84 -31.34
C ALA A 178 -4.72 -1.95 -31.85
N GLY A 179 -5.23 -3.18 -31.93
CA GLY A 179 -4.42 -4.33 -32.31
C GLY A 179 -4.59 -4.77 -33.74
N LYS A 180 -5.26 -3.93 -34.52
CA LYS A 180 -5.69 -4.27 -35.88
C LYS A 180 -4.54 -4.78 -36.76
N SER A 181 -3.40 -4.09 -36.75
CA SER A 181 -2.31 -4.53 -37.62
C SER A 181 -1.69 -5.87 -37.20
N ASP A 182 -1.59 -6.13 -35.89
CA ASP A 182 -1.14 -7.44 -35.42
C ASP A 182 -2.20 -8.52 -35.69
N LEU A 183 -3.47 -8.19 -35.50
CA LEU A 183 -4.53 -9.18 -35.70
C LEU A 183 -4.68 -9.55 -37.17
N GLU A 184 -4.40 -8.58 -38.03
CA GLU A 184 -4.52 -8.78 -39.48
C GLU A 184 -3.20 -9.14 -40.19
N LYS A 185 -2.13 -9.35 -39.43
CA LYS A 185 -0.84 -9.75 -40.03
C LYS A 185 -0.84 -11.07 -40.81
N GLN A 186 -0.01 -11.14 -41.86
CA GLN A 186 0.14 -12.37 -42.65
C GLN A 186 1.59 -12.82 -42.60
N GLU A 187 1.79 -14.08 -42.20
CA GLU A 187 3.12 -14.69 -42.14
C GLU A 187 3.07 -15.98 -42.93
N LYS A 188 4.05 -16.16 -43.82
CA LYS A 188 4.03 -17.25 -44.80
C LYS A 188 4.59 -18.53 -44.22
N PRO A 189 3.87 -19.64 -44.47
CA PRO A 189 4.39 -20.95 -44.12
C PRO A 189 5.59 -21.31 -44.99
N VAL A 190 6.57 -22.01 -44.40
CA VAL A 190 7.64 -22.70 -45.12
C VAL A 190 7.37 -24.19 -44.94
N ALA A 191 7.46 -24.96 -46.01
CA ALA A 191 7.22 -26.38 -45.92
C ALA A 191 8.44 -27.22 -46.23
N TRP A 192 8.45 -28.45 -45.74
CA TRP A 192 9.56 -29.35 -45.98
C TRP A 192 9.12 -30.79 -45.77
N LEU A 193 9.87 -31.72 -46.36
CA LEU A 193 9.42 -33.11 -46.37
C LEU A 193 10.38 -34.04 -45.66
N SER A 194 9.82 -35.14 -45.15
CA SER A 194 10.59 -36.21 -44.55
C SER A 194 9.77 -37.48 -44.51
N SER A 195 10.36 -38.58 -44.06
CA SER A 195 9.73 -39.90 -44.00
C SER A 195 10.29 -40.71 -42.85
N VAL A 196 9.45 -41.59 -42.30
CA VAL A 196 9.87 -42.59 -41.31
C VAL A 196 9.12 -43.89 -41.58
N PRO A 197 9.66 -45.04 -41.07
CA PRO A 197 8.99 -46.35 -41.18
C PRO A 197 7.60 -46.36 -40.56
N SER A 198 6.73 -47.24 -41.07
CA SER A 198 5.42 -47.52 -40.47
C SER A 198 5.45 -48.68 -39.46
N GLY A 202 5.49 -53.41 -44.45
CA GLY A 202 6.47 -52.86 -45.38
C GLY A 202 6.14 -51.47 -45.94
N HIS A 203 5.54 -50.63 -45.10
CA HIS A 203 5.07 -49.30 -45.50
C HIS A 203 5.98 -48.16 -44.98
N ARG A 204 5.94 -47.01 -45.65
CA ARG A 204 6.61 -45.81 -45.14
C ARG A 204 5.57 -44.76 -44.74
N GLN A 205 5.99 -43.82 -43.89
CA GLN A 205 5.13 -42.71 -43.50
C GLN A 205 5.74 -41.40 -43.94
N LEU A 206 5.04 -40.70 -44.80
CA LEU A 206 5.57 -39.46 -45.35
C LEU A 206 5.01 -38.30 -44.55
N VAL A 207 5.85 -37.29 -44.32
CA VAL A 207 5.46 -36.17 -43.50
C VAL A 207 5.71 -34.85 -44.24
N CYS A 208 4.66 -34.03 -44.28
CA CYS A 208 4.77 -32.66 -44.76
C CYS A 208 4.73 -31.70 -43.57
N HIS A 209 5.81 -30.94 -43.37
CA HIS A 209 5.97 -30.06 -42.24
C HIS A 209 5.70 -28.65 -42.73
N VAL A 210 4.74 -27.98 -42.09
CA VAL A 210 4.38 -26.64 -42.51
C VAL A 210 4.55 -25.73 -41.30
N SER A 211 5.46 -24.78 -41.38
CA SER A 211 5.79 -23.98 -40.20
C SER A 211 5.87 -22.47 -40.46
N GLY A 212 5.32 -21.71 -39.52
CA GLY A 212 5.48 -20.26 -39.54
C GLY A 212 4.28 -19.53 -40.12
N PHE A 213 3.16 -20.21 -40.30
CA PHE A 213 1.99 -19.49 -40.83
C PHE A 213 1.18 -18.73 -39.77
N TYR A 214 0.67 -17.57 -40.19
CA TYR A 214 -0.31 -16.76 -39.47
C TYR A 214 -1.14 -15.96 -40.49
N PRO A 215 -2.48 -15.92 -40.33
CA PRO A 215 -3.30 -16.53 -39.27
C PRO A 215 -3.42 -18.05 -39.35
N LYS A 216 -4.23 -18.58 -38.45
CA LYS A 216 -4.29 -20.00 -38.15
C LYS A 216 -4.80 -20.89 -39.29
N PRO A 217 -5.87 -20.49 -39.99
CA PRO A 217 -6.40 -21.40 -41.04
C PRO A 217 -5.46 -21.64 -42.24
N VAL A 218 -5.17 -22.92 -42.50
CA VAL A 218 -4.44 -23.38 -43.67
C VAL A 218 -5.13 -24.61 -44.21
N TRP A 219 -4.63 -25.10 -45.34
CA TRP A 219 -5.08 -26.32 -45.98
C TRP A 219 -3.80 -26.99 -46.47
N VAL A 220 -3.67 -28.28 -46.17
CA VAL A 220 -2.47 -29.04 -46.46
C VAL A 220 -2.97 -30.42 -46.85
N MET A 221 -2.68 -30.84 -48.07
CA MET A 221 -3.07 -32.16 -48.56
C MET A 221 -1.92 -32.84 -49.26
N TRP A 222 -1.84 -34.17 -49.15
CA TRP A 222 -0.97 -34.93 -50.04
C TRP A 222 -1.74 -35.17 -51.34
N MET A 223 -1.06 -34.88 -52.44
CA MET A 223 -1.63 -34.95 -53.80
C MET A 223 -0.86 -35.96 -54.67
N ARG A 224 -1.57 -36.68 -55.53
CA ARG A 224 -0.93 -37.39 -56.64
C ARG A 224 -1.53 -36.81 -57.91
N GLY A 225 -0.78 -35.95 -58.60
CA GLY A 225 -1.35 -35.09 -59.63
C GLY A 225 -2.42 -34.18 -59.03
N ASP A 226 -3.66 -34.33 -59.49
CA ASP A 226 -4.78 -33.55 -58.99
C ASP A 226 -5.65 -34.31 -57.99
N GLN A 227 -5.37 -35.59 -57.78
CA GLN A 227 -6.16 -36.36 -56.82
C GLN A 227 -5.71 -36.06 -55.39
N GLU A 228 -6.67 -35.73 -54.52
CA GLU A 228 -6.38 -35.54 -53.10
C GLU A 228 -6.27 -36.90 -52.48
N GLN A 229 -5.14 -37.19 -51.85
CA GLN A 229 -4.96 -38.47 -51.18
C GLN A 229 -5.79 -38.50 -49.89
N GLN A 230 -6.87 -39.27 -49.91
CA GLN A 230 -7.85 -39.25 -48.80
C GLN A 230 -7.34 -39.82 -47.46
N GLY A 231 -6.20 -40.54 -47.50
CA GLY A 231 -5.59 -41.08 -46.28
C GLY A 231 -4.70 -40.09 -45.56
N THR A 232 -4.68 -38.85 -46.06
CA THR A 232 -3.93 -37.77 -45.44
C THR A 232 -4.43 -37.54 -44.03
N HIS A 233 -3.55 -37.70 -43.04
CA HIS A 233 -3.90 -37.38 -41.67
C HIS A 233 -3.28 -36.04 -41.28
N ARG A 234 -4.15 -35.05 -41.07
CA ARG A 234 -3.71 -33.74 -40.65
C ARG A 234 -3.55 -33.70 -39.13
N GLY A 235 -2.36 -33.35 -38.68
CA GLY A 235 -2.06 -33.34 -37.24
C GLY A 235 -2.70 -32.16 -36.52
N ASP A 236 -2.26 -31.92 -35.28
CA ASP A 236 -2.80 -30.80 -34.50
C ASP A 236 -2.03 -29.52 -34.82
N PHE A 237 -2.70 -28.39 -34.68
CA PHE A 237 -2.04 -27.10 -34.78
C PHE A 237 -1.18 -26.91 -33.56
N LEU A 238 0.13 -26.76 -33.74
CA LEU A 238 1.07 -26.64 -32.63
C LEU A 238 1.66 -25.25 -32.62
N PRO A 239 1.74 -24.57 -31.47
CA PRO A 239 2.26 -23.19 -31.55
C PRO A 239 3.77 -23.09 -31.67
N ASN A 240 4.24 -22.05 -32.33
CA ASN A 240 5.63 -21.63 -32.22
C ASN A 240 5.73 -20.47 -31.24
N ALA A 241 6.94 -20.20 -30.78
CA ALA A 241 7.17 -19.17 -29.79
C ALA A 241 6.92 -17.72 -30.26
N ASP A 242 7.01 -17.47 -31.57
CA ASP A 242 6.77 -16.12 -32.12
C ASP A 242 5.32 -15.96 -32.56
N GLU A 243 4.44 -16.81 -32.05
CA GLU A 243 3.03 -16.68 -32.38
C GLU A 243 2.73 -16.99 -33.86
N THR A 244 3.51 -17.88 -34.45
CA THR A 244 3.06 -18.51 -35.67
C THR A 244 2.71 -19.94 -35.33
N TRP A 245 2.16 -20.65 -36.30
CA TRP A 245 1.62 -22.00 -36.12
C TRP A 245 2.40 -23.01 -36.94
N TYR A 246 2.28 -24.27 -36.51
CA TYR A 246 3.02 -25.37 -37.09
C TYR A 246 2.05 -26.50 -37.25
N LEU A 247 2.14 -27.20 -38.37
CA LEU A 247 1.25 -28.31 -38.65
C LEU A 247 1.97 -29.29 -39.55
N GLN A 248 1.76 -30.58 -39.29
CA GLN A 248 2.26 -31.58 -40.17
C GLN A 248 1.12 -32.41 -40.69
N ALA A 249 1.24 -32.83 -41.95
CA ALA A 249 0.33 -33.80 -42.54
C ALA A 249 1.12 -35.00 -43.04
N THR A 250 0.57 -36.18 -42.81
CA THR A 250 1.30 -37.43 -43.03
C THR A 250 0.50 -38.37 -43.91
N LEU A 251 1.18 -39.27 -44.60
CA LEU A 251 0.50 -40.26 -45.43
C LEU A 251 1.26 -41.58 -45.44
N ASP A 252 0.52 -42.66 -45.22
CA ASP A 252 1.06 -44.01 -45.24
C ASP A 252 1.05 -44.57 -46.68
N VAL A 253 2.23 -44.83 -47.23
CA VAL A 253 2.34 -45.40 -48.58
C VAL A 253 3.33 -46.56 -48.62
N GLU A 254 3.04 -47.57 -49.45
CA GLU A 254 3.96 -48.70 -49.71
C GLU A 254 5.25 -48.20 -50.33
N ALA A 255 6.37 -48.85 -50.03
CA ALA A 255 7.68 -48.34 -50.47
C ALA A 255 7.77 -48.41 -51.99
N GLY A 256 8.37 -47.39 -52.59
CA GLY A 256 8.37 -47.26 -54.05
C GLY A 256 7.14 -46.57 -54.61
N GLU A 257 6.39 -45.88 -53.75
CA GLU A 257 5.22 -45.10 -54.17
C GLU A 257 5.33 -43.62 -53.84
N GLU A 258 6.36 -43.22 -53.08
CA GLU A 258 6.55 -41.83 -52.78
C GLU A 258 6.60 -41.09 -54.12
N ALA A 259 7.35 -41.65 -55.06
CA ALA A 259 7.33 -41.25 -56.49
C ALA A 259 5.99 -40.68 -56.95
N GLY A 260 5.98 -39.39 -57.28
CA GLY A 260 4.76 -38.76 -57.83
C GLY A 260 3.87 -38.02 -56.84
N LEU A 261 4.07 -38.24 -55.55
CA LEU A 261 3.27 -37.54 -54.55
C LEU A 261 3.83 -36.13 -54.33
N ALA A 262 2.92 -35.20 -54.06
CA ALA A 262 3.31 -33.84 -53.65
C ALA A 262 2.55 -33.41 -52.41
N CYS A 263 3.11 -32.47 -51.68
CA CYS A 263 2.40 -31.84 -50.61
C CYS A 263 2.04 -30.41 -51.02
N ARG A 264 0.75 -30.13 -51.11
CA ARG A 264 0.27 -28.80 -51.44
C ARG A 264 -0.26 -28.09 -50.20
N VAL A 265 0.19 -26.84 -50.02
CA VAL A 265 -0.22 -25.97 -48.93
C VAL A 265 -0.88 -24.71 -49.49
N LYS A 266 -2.13 -24.47 -49.08
CA LYS A 266 -2.80 -23.19 -49.37
C LYS A 266 -2.88 -22.35 -48.08
N HIS A 267 -2.60 -21.06 -48.17
CA HIS A 267 -2.71 -20.18 -47.02
C HIS A 267 -2.89 -18.73 -47.46
N SER A 268 -3.73 -17.99 -46.75
CA SER A 268 -3.98 -16.57 -47.07
C SER A 268 -2.73 -15.73 -47.34
N SER A 269 -1.62 -16.03 -46.68
CA SER A 269 -0.45 -15.17 -46.84
C SER A 269 0.30 -15.35 -48.17
N LEU A 270 -0.03 -16.39 -48.92
CA LEU A 270 0.74 -16.78 -50.12
C LEU A 270 0.27 -16.09 -51.42
N GLY A 271 -0.71 -15.19 -51.28
CA GLY A 271 -1.26 -14.40 -52.37
C GLY A 271 -1.69 -15.14 -53.61
N GLY A 272 -2.27 -16.33 -53.44
CA GLY A 272 -2.76 -17.07 -54.59
C GLY A 272 -1.78 -18.08 -55.17
N GLN A 273 -0.55 -18.10 -54.67
CA GLN A 273 0.45 -19.02 -55.19
C GLN A 273 0.78 -20.11 -54.17
N ASP A 274 0.19 -21.29 -54.35
CA ASP A 274 0.37 -22.39 -53.39
C ASP A 274 1.81 -22.87 -53.29
N ILE A 275 2.13 -23.47 -52.15
CA ILE A 275 3.38 -24.22 -52.05
C ILE A 275 3.07 -25.62 -52.53
N ILE A 276 3.92 -26.14 -53.40
CA ILE A 276 3.82 -27.50 -53.86
C ILE A 276 5.20 -28.10 -53.77
N LEU A 277 5.32 -29.17 -52.99
CA LEU A 277 6.59 -29.84 -52.81
C LEU A 277 6.43 -31.20 -53.39
N TYR A 278 7.28 -31.57 -54.35
CA TYR A 278 7.25 -32.93 -54.89
C TYR A 278 8.27 -33.81 -54.16
N TRP A 279 7.83 -35.01 -53.80
CA TRP A 279 8.74 -35.98 -53.27
C TRP A 279 9.77 -36.34 -54.34
N GLY A 280 11.04 -36.35 -53.97
CA GLY A 280 12.11 -36.71 -54.91
C GLY A 280 12.61 -35.57 -55.79
N SER A 281 12.01 -34.40 -55.66
CA SER A 281 12.36 -33.25 -56.47
C SER A 281 13.77 -32.75 -56.12
N LEU A 282 14.41 -32.04 -57.04
CA LEU A 282 15.66 -31.36 -56.71
C LEU A 282 15.55 -30.55 -55.42
N HIS A 283 14.48 -29.77 -55.27
CA HIS A 283 14.27 -28.97 -54.05
C HIS A 283 14.26 -29.83 -52.78
N HIS A 284 13.61 -30.99 -52.85
CA HIS A 284 13.53 -31.94 -51.75
C HIS A 284 14.90 -32.57 -51.51
N ILE A 285 15.53 -33.09 -52.56
CA ILE A 285 16.87 -33.68 -52.40
C ILE A 285 17.83 -32.69 -51.74
N LEU A 286 17.84 -31.44 -52.20
CA LEU A 286 18.78 -30.46 -51.65
C LEU A 286 18.48 -30.12 -50.20
N ASP A 287 17.18 -30.17 -49.84
CA ASP A 287 16.73 -30.02 -48.45
C ASP A 287 17.22 -31.17 -47.58
N ALA A 288 16.95 -32.40 -48.02
CA ALA A 288 17.29 -33.61 -47.27
C ALA A 288 18.80 -33.73 -47.01
N GLN A 289 19.61 -33.27 -47.96
CA GLN A 289 21.07 -33.24 -47.79
C GLN A 289 21.47 -32.37 -46.60
N LYS A 290 20.79 -31.24 -46.44
CA LYS A 290 21.08 -30.33 -45.34
C LYS A 290 20.64 -30.86 -43.98
N MET A 291 19.73 -31.84 -43.96
CA MET A 291 19.12 -32.32 -42.70
C MET A 291 19.42 -33.79 -42.37
N VAL A 292 20.52 -34.33 -42.91
CA VAL A 292 20.91 -35.73 -42.63
C VAL A 292 21.43 -35.85 -41.20
N TRP A 293 21.14 -36.98 -40.57
CA TRP A 293 21.60 -37.27 -39.21
C TRP A 293 21.75 -38.79 -38.98
N ASN A 294 22.41 -39.15 -37.87
CA ASN A 294 22.79 -40.54 -37.59
C ASN A 294 21.71 -41.49 -37.01
N HIS A 295 20.51 -40.98 -36.74
CA HIS A 295 19.42 -41.78 -36.16
C HIS A 295 19.75 -42.50 -34.85
N ARG A 296 20.75 -42.02 -34.12
CA ARG A 296 21.07 -42.47 -32.75
C ARG A 296 21.75 -41.37 -31.96
N GLN B 2 -7.39 -36.94 -13.00
CA GLN B 2 -5.96 -36.91 -13.44
C GLN B 2 -5.74 -37.37 -14.89
N LYS B 3 -4.95 -36.61 -15.62
CA LYS B 3 -4.76 -36.84 -17.03
C LYS B 3 -3.28 -36.67 -17.47
N THR B 4 -2.82 -37.61 -18.29
CA THR B 4 -1.40 -37.74 -18.67
C THR B 4 -0.98 -36.84 -19.83
N PRO B 5 0.14 -36.10 -19.69
CA PRO B 5 0.48 -35.15 -20.75
C PRO B 5 0.88 -35.77 -22.08
N GLN B 6 0.56 -35.10 -23.19
CA GLN B 6 1.11 -35.48 -24.47
C GLN B 6 2.26 -34.53 -24.74
N ILE B 7 3.33 -35.05 -25.32
CA ILE B 7 4.54 -34.29 -25.49
C ILE B 7 4.96 -34.33 -26.97
N GLN B 8 5.24 -33.16 -27.53
CA GLN B 8 5.62 -33.07 -28.94
C GLN B 8 6.81 -32.17 -29.08
N VAL B 9 7.82 -32.64 -29.80
CA VAL B 9 9.07 -31.90 -29.94
C VAL B 9 9.32 -31.60 -31.44
N TYR B 10 9.64 -30.35 -31.75
CA TYR B 10 9.69 -29.89 -33.14
C TYR B 10 10.45 -28.57 -33.27
N SER B 11 11.04 -28.37 -34.45
CA SER B 11 11.81 -27.17 -34.75
C SER B 11 10.96 -26.10 -35.43
N ARG B 12 11.29 -24.85 -35.13
CA ARG B 12 10.71 -23.66 -35.71
C ARG B 12 10.93 -23.53 -37.24
N HIS B 13 12.12 -23.95 -37.67
CA HIS B 13 12.59 -23.74 -39.01
C HIS B 13 13.04 -25.09 -39.56
N PRO B 14 13.16 -25.22 -40.90
CA PRO B 14 13.65 -26.49 -41.43
C PRO B 14 14.98 -26.87 -40.77
N PRO B 15 15.05 -28.09 -40.22
CA PRO B 15 16.19 -28.57 -39.44
C PRO B 15 17.48 -28.72 -40.25
N GLU B 16 18.19 -27.62 -40.47
CA GLU B 16 19.39 -27.59 -41.28
C GLU B 16 20.68 -27.63 -40.42
N ASN B 17 21.43 -28.73 -40.51
CA ASN B 17 22.62 -28.97 -39.67
C ASN B 17 23.53 -27.77 -39.61
N GLY B 18 24.03 -27.46 -38.42
CA GLY B 18 24.94 -26.34 -38.23
C GLY B 18 24.36 -24.94 -38.44
N LYS B 19 23.07 -24.84 -38.77
CA LYS B 19 22.41 -23.54 -38.87
C LYS B 19 21.52 -23.29 -37.63
N PRO B 20 21.58 -22.06 -37.06
CA PRO B 20 20.82 -21.74 -35.85
C PRO B 20 19.30 -21.81 -36.07
N ASN B 21 18.62 -22.42 -35.10
CA ASN B 21 17.21 -22.81 -35.16
C ASN B 21 16.58 -22.61 -33.76
N ILE B 22 15.35 -23.08 -33.56
CA ILE B 22 14.66 -22.96 -32.27
C ILE B 22 13.92 -24.25 -32.04
N LEU B 23 14.16 -24.90 -30.92
CA LEU B 23 13.49 -26.16 -30.62
C LEU B 23 12.33 -25.91 -29.66
N ASN B 24 11.16 -26.44 -30.01
CA ASN B 24 9.91 -26.30 -29.24
C ASN B 24 9.54 -27.59 -28.57
N CYS B 25 9.17 -27.53 -27.29
CA CYS B 25 8.56 -28.71 -26.65
C CYS B 25 7.18 -28.29 -26.14
N TYR B 26 6.17 -29.00 -26.62
CA TYR B 26 4.81 -28.60 -26.44
C TYR B 26 4.07 -29.68 -25.67
N VAL B 27 3.60 -29.31 -24.48
CA VAL B 27 3.01 -30.28 -23.56
C VAL B 27 1.57 -29.95 -23.31
N THR B 28 0.71 -30.93 -23.57
CA THR B 28 -0.71 -30.70 -23.58
C THR B 28 -1.45 -31.79 -22.83
N GLN B 29 -2.75 -31.58 -22.74
CA GLN B 29 -3.71 -32.56 -22.23
C GLN B 29 -3.48 -33.09 -20.81
N PHE B 30 -2.77 -32.34 -19.98
CA PHE B 30 -2.51 -32.77 -18.60
C PHE B 30 -3.40 -32.07 -17.57
N HIS B 31 -3.60 -32.75 -16.45
CA HIS B 31 -4.34 -32.27 -15.27
C HIS B 31 -3.91 -33.12 -14.05
N PRO B 32 -3.60 -32.50 -12.89
CA PRO B 32 -3.50 -31.08 -12.46
C PRO B 32 -2.39 -30.34 -13.19
N PRO B 33 -2.28 -29.01 -12.97
CA PRO B 33 -1.37 -28.23 -13.81
C PRO B 33 0.11 -28.24 -13.39
N HIS B 34 0.40 -28.75 -12.19
CA HIS B 34 1.77 -28.75 -11.69
C HIS B 34 2.61 -29.75 -12.46
N ILE B 35 3.75 -29.30 -12.95
CA ILE B 35 4.51 -30.02 -13.96
C ILE B 35 5.93 -29.45 -13.99
N GLU B 36 6.91 -30.30 -14.27
CA GLU B 36 8.24 -29.80 -14.56
C GLU B 36 8.70 -30.30 -15.93
N ILE B 37 9.23 -29.37 -16.69
CA ILE B 37 9.66 -29.63 -18.04
C ILE B 37 11.12 -29.21 -18.19
N GLN B 38 11.96 -30.13 -18.66
CA GLN B 38 13.34 -29.76 -19.02
C GLN B 38 13.61 -30.11 -20.49
N MET B 39 14.46 -29.32 -21.14
CA MET B 39 14.97 -29.71 -22.46
C MET B 39 16.46 -30.05 -22.36
N LEU B 40 16.85 -31.12 -23.07
CA LEU B 40 18.18 -31.72 -22.89
C LEU B 40 18.97 -31.81 -24.19
N LYS B 41 20.25 -31.44 -24.08
CA LYS B 41 21.26 -31.67 -25.12
C LYS B 41 22.22 -32.79 -24.69
N ASN B 42 22.18 -33.92 -25.40
CA ASN B 42 22.96 -35.10 -25.04
C ASN B 42 22.83 -35.46 -23.55
N GLY B 43 21.60 -35.57 -23.05
CA GLY B 43 21.31 -35.97 -21.66
C GLY B 43 21.60 -34.97 -20.54
N LYS B 44 22.16 -33.81 -20.89
CA LYS B 44 22.45 -32.73 -19.95
C LYS B 44 21.49 -31.56 -20.19
N LYS B 45 21.02 -30.96 -19.09
CA LYS B 45 20.04 -29.87 -19.10
C LYS B 45 20.57 -28.60 -19.76
N ILE B 46 19.77 -28.08 -20.70
CA ILE B 46 20.02 -26.77 -21.31
C ILE B 46 19.53 -25.68 -20.34
N PRO B 47 20.30 -24.58 -20.18
CA PRO B 47 19.92 -23.64 -19.11
C PRO B 47 18.97 -22.48 -19.51
N LYS B 48 19.13 -21.92 -20.70
CA LYS B 48 18.32 -20.77 -21.11
C LYS B 48 16.98 -21.21 -21.75
N VAL B 49 16.22 -22.04 -21.04
CA VAL B 49 14.95 -22.54 -21.57
C VAL B 49 13.81 -21.60 -21.19
N GLU B 50 13.19 -21.01 -22.21
CA GLU B 50 12.07 -20.14 -22.00
C GLU B 50 10.75 -20.91 -22.00
N MET B 51 9.82 -20.40 -21.20
CA MET B 51 8.57 -21.06 -20.93
C MET B 51 7.38 -20.10 -21.16
N SER B 52 6.46 -20.46 -22.06
CA SER B 52 5.20 -19.71 -22.18
C SER B 52 4.39 -19.75 -20.86
N ASP B 53 3.39 -18.88 -20.76
CA ASP B 53 2.51 -18.92 -19.62
C ASP B 53 1.61 -20.13 -19.81
N MET B 54 1.31 -20.84 -18.74
CA MET B 54 0.41 -21.96 -18.83
C MET B 54 -1.00 -21.49 -19.17
N SER B 55 -1.69 -22.27 -19.98
CA SER B 55 -3.04 -21.95 -20.36
C SER B 55 -3.84 -23.23 -20.35
N PHE B 56 -5.13 -23.15 -20.70
CA PHE B 56 -5.98 -24.35 -20.81
C PHE B 56 -7.00 -24.33 -21.95
N SER B 57 -7.49 -25.52 -22.29
CA SER B 57 -8.28 -25.75 -23.48
C SER B 57 -9.75 -25.83 -23.14
N LYS B 58 -10.59 -25.88 -24.19
CA LYS B 58 -12.03 -26.03 -24.03
C LYS B 58 -12.41 -27.27 -23.20
N ASP B 59 -11.52 -28.26 -23.09
CA ASP B 59 -11.85 -29.41 -22.25
C ASP B 59 -11.25 -29.31 -20.83
N TRP B 60 -10.81 -28.10 -20.49
CA TRP B 60 -10.20 -27.77 -19.19
C TRP B 60 -8.78 -28.33 -18.96
N SER B 61 -8.27 -29.15 -19.89
CA SER B 61 -6.88 -29.62 -19.77
C SER B 61 -5.90 -28.51 -20.04
N PHE B 62 -4.75 -28.61 -19.37
CA PHE B 62 -3.72 -27.60 -19.48
C PHE B 62 -2.72 -27.81 -20.62
N TYR B 63 -2.05 -26.74 -21.03
CA TYR B 63 -0.97 -26.89 -22.02
C TYR B 63 0.02 -25.76 -21.83
N ILE B 64 1.25 -25.98 -22.26
CA ILE B 64 2.33 -25.02 -22.13
C ILE B 64 3.35 -25.35 -23.19
N LEU B 65 4.12 -24.35 -23.61
CA LEU B 65 5.16 -24.51 -24.63
C LEU B 65 6.48 -24.14 -24.04
N ALA B 66 7.43 -25.06 -24.10
CA ALA B 66 8.83 -24.76 -23.80
C ALA B 66 9.65 -24.57 -25.10
N HIS B 67 10.57 -23.62 -25.14
CA HIS B 67 11.42 -23.50 -26.33
C HIS B 67 12.82 -22.98 -26.01
N THR B 68 13.78 -23.38 -26.84
CA THR B 68 15.17 -23.00 -26.67
C THR B 68 15.86 -22.80 -28.03
N GLU B 69 16.82 -21.88 -28.08
CA GLU B 69 17.70 -21.74 -29.24
C GLU B 69 18.61 -22.95 -29.30
N PHE B 70 18.83 -23.47 -30.50
CA PHE B 70 19.69 -24.64 -30.71
C PHE B 70 20.21 -24.70 -32.15
N THR B 71 21.32 -25.40 -32.38
CA THR B 71 21.76 -25.70 -33.74
C THR B 71 21.86 -27.22 -33.89
N PRO B 72 20.98 -27.81 -34.74
CA PRO B 72 20.95 -29.24 -34.94
C PRO B 72 22.22 -29.71 -35.63
N THR B 73 22.53 -30.99 -35.42
CA THR B 73 23.79 -31.59 -35.82
C THR B 73 23.46 -33.02 -36.23
N GLU B 74 24.40 -33.69 -36.88
CA GLU B 74 24.24 -35.07 -37.31
C GLU B 74 24.22 -36.05 -36.14
N THR B 75 24.91 -35.71 -35.06
CA THR B 75 25.06 -36.63 -33.92
C THR B 75 24.49 -36.14 -32.58
N ASP B 76 24.53 -34.82 -32.31
CA ASP B 76 23.98 -34.27 -31.06
C ASP B 76 22.51 -34.59 -30.85
N THR B 77 22.16 -34.94 -29.63
CA THR B 77 20.84 -35.41 -29.30
C THR B 77 20.04 -34.37 -28.52
N TYR B 78 18.80 -34.14 -28.94
CA TYR B 78 17.93 -33.23 -28.22
C TYR B 78 16.68 -33.92 -27.69
N ALA B 79 16.23 -33.48 -26.52
CA ALA B 79 15.18 -34.18 -25.81
C ALA B 79 14.36 -33.28 -24.89
N CYS B 80 13.13 -33.72 -24.61
CA CYS B 80 12.23 -33.03 -23.67
C CYS B 80 11.79 -34.00 -22.59
N ARG B 81 12.06 -33.61 -21.35
CA ARG B 81 11.89 -34.48 -20.22
C ARG B 81 10.81 -33.89 -19.31
N VAL B 82 9.76 -34.66 -19.11
CA VAL B 82 8.59 -34.15 -18.43
C VAL B 82 8.26 -34.95 -17.18
N LYS B 83 8.00 -34.23 -16.10
CA LYS B 83 7.64 -34.86 -14.84
C LYS B 83 6.25 -34.43 -14.42
N HIS B 84 5.34 -35.39 -14.32
CA HIS B 84 3.99 -35.08 -13.94
C HIS B 84 3.46 -36.22 -13.12
N ALA B 85 2.55 -35.92 -12.18
CA ALA B 85 2.06 -36.90 -11.19
C ALA B 85 1.35 -38.08 -11.81
N SER B 86 0.81 -37.91 -13.02
CA SER B 86 0.10 -39.00 -13.69
C SER B 86 1.03 -40.13 -14.12
N MET B 87 2.33 -39.85 -14.23
CA MET B 87 3.35 -40.79 -14.70
C MET B 87 4.39 -41.14 -13.61
N ALA B 88 4.47 -42.43 -13.27
CA ALA B 88 5.43 -42.91 -12.26
C ALA B 88 6.87 -42.39 -12.44
N GLU B 89 7.31 -42.27 -13.69
CA GLU B 89 8.68 -41.88 -13.98
C GLU B 89 8.68 -40.66 -14.91
N PRO B 90 9.72 -39.83 -14.82
CA PRO B 90 9.92 -38.79 -15.81
C PRO B 90 9.79 -39.38 -17.22
N LYS B 91 9.17 -38.62 -18.13
CA LYS B 91 9.09 -39.04 -19.51
C LYS B 91 10.03 -38.22 -20.39
N THR B 92 10.85 -38.92 -21.16
CA THR B 92 11.74 -38.29 -22.11
C THR B 92 11.26 -38.61 -23.53
N VAL B 93 11.11 -37.54 -24.31
CA VAL B 93 10.78 -37.65 -25.71
C VAL B 93 11.96 -37.04 -26.45
N TYR B 94 12.67 -37.86 -27.20
CA TYR B 94 13.79 -37.37 -28.02
C TYR B 94 13.22 -36.66 -29.24
N TRP B 95 13.87 -35.59 -29.65
CA TRP B 95 13.54 -34.91 -30.89
C TRP B 95 13.91 -35.78 -32.09
N ASP B 96 12.90 -36.14 -32.87
CA ASP B 96 13.14 -36.86 -34.11
C ASP B 96 12.74 -36.05 -35.35
N ARG B 97 13.73 -35.34 -35.90
CA ARG B 97 13.77 -34.70 -37.21
C ARG B 97 12.76 -35.17 -38.28
N ASP B 98 12.60 -36.48 -38.38
CA ASP B 98 11.86 -37.10 -39.49
C ASP B 98 10.40 -37.34 -39.18
N MET B 99 10.09 -37.41 -37.88
CA MET B 99 8.74 -37.74 -37.38
C MET B 99 7.70 -36.70 -37.80
N TYR C 8 17.38 11.53 -42.93
CA TYR C 8 18.33 11.61 -41.76
C TYR C 8 17.74 11.27 -40.39
N THR C 9 18.41 10.34 -39.71
CA THR C 9 18.14 9.95 -38.32
C THR C 9 19.18 10.56 -37.38
N PHE C 10 18.71 11.38 -36.44
CA PHE C 10 19.55 11.94 -35.40
C PHE C 10 19.44 11.02 -34.17
N ARG C 11 20.55 10.55 -33.62
CA ARG C 11 20.41 9.77 -32.40
C ARG C 11 21.37 10.14 -31.28
N CYS C 12 20.85 10.19 -30.07
CA CYS C 12 21.69 10.34 -28.92
C CYS C 12 21.67 9.03 -28.19
N LEU C 13 22.88 8.57 -27.90
CA LEU C 13 23.11 7.28 -27.31
C LEU C 13 23.81 7.44 -26.01
N GLN C 14 23.23 6.84 -24.96
CA GLN C 14 23.80 6.88 -23.63
C GLN C 14 24.05 5.46 -23.19
N MET C 15 25.20 5.26 -22.58
CA MET C 15 25.57 3.94 -22.06
C MET C 15 26.08 4.14 -20.64
N SER C 16 25.34 3.52 -19.73
CA SER C 16 25.59 3.66 -18.30
C SER C 16 25.94 2.31 -17.69
N SER C 17 27.05 2.28 -16.97
CA SER C 17 27.47 1.09 -16.26
C SER C 17 27.44 1.30 -14.78
N PHE C 18 26.76 0.40 -14.06
CA PHE C 18 26.75 0.41 -12.59
C PHE C 18 27.37 -0.90 -12.08
N ALA C 19 28.64 -0.87 -11.67
CA ALA C 19 29.38 -2.07 -11.19
C ALA C 19 28.98 -2.49 -9.76
N ASN C 20 28.71 -1.49 -8.91
CA ASN C 20 28.26 -1.70 -7.54
C ASN C 20 27.68 -0.40 -6.98
N ARG C 21 27.38 -0.36 -5.69
CA ARG C 21 26.73 0.80 -5.06
C ARG C 21 27.57 2.10 -5.02
N SER C 22 28.88 2.00 -5.26
CA SER C 22 29.74 3.20 -5.26
C SER C 22 30.59 3.40 -6.55
N TRP C 23 30.35 2.58 -7.58
CA TRP C 23 31.02 2.74 -8.89
C TRP C 23 29.96 2.76 -10.01
N SER C 24 29.96 3.85 -10.77
CA SER C 24 29.16 3.97 -12.00
C SER C 24 29.84 4.94 -12.95
N ARG C 25 29.37 4.92 -14.19
CA ARG C 25 29.96 5.64 -15.28
C ARG C 25 28.89 5.81 -16.36
N THR C 26 28.75 7.01 -16.90
CA THR C 26 27.85 7.27 -18.03
C THR C 26 28.60 8.01 -19.14
N ASP C 27 28.51 7.45 -20.36
CA ASP C 27 29.19 8.00 -21.53
C ASP C 27 28.19 8.15 -22.68
N SER C 28 28.26 9.28 -23.42
CA SER C 28 27.33 9.52 -24.51
C SER C 28 28.04 9.84 -25.82
N VAL C 29 27.37 9.51 -26.93
CA VAL C 29 27.74 9.98 -28.24
C VAL C 29 26.48 10.38 -29.03
N VAL C 30 26.64 11.31 -29.95
CA VAL C 30 25.57 11.77 -30.83
C VAL C 30 25.94 11.62 -32.31
N TRP C 31 24.98 11.16 -33.10
CA TRP C 31 25.17 10.86 -34.52
C TRP C 31 24.10 11.58 -35.33
N LEU C 32 24.52 12.18 -36.42
CA LEU C 32 23.55 12.67 -37.37
C LEU C 32 23.75 11.83 -38.62
N GLY C 33 22.82 10.94 -38.86
CA GLY C 33 22.98 9.94 -39.90
C GLY C 33 24.22 9.16 -39.54
N ASP C 34 25.19 9.16 -40.43
CA ASP C 34 26.36 8.35 -40.11
C ASP C 34 27.55 9.23 -39.75
N LEU C 35 27.28 10.47 -39.34
CA LEU C 35 28.39 11.33 -38.86
C LEU C 35 28.24 11.57 -37.37
N GLN C 36 29.33 11.38 -36.63
CA GLN C 36 29.33 11.73 -35.22
C GLN C 36 29.43 13.25 -34.98
N THR C 37 28.47 13.78 -34.22
CA THR C 37 28.45 15.22 -33.96
C THR C 37 28.92 15.64 -32.57
N HIS C 38 28.76 14.74 -31.58
CA HIS C 38 29.08 15.04 -30.18
C HIS C 38 29.61 13.82 -29.45
N ARG C 39 30.22 14.09 -28.31
CA ARG C 39 30.84 13.14 -27.41
C ARG C 39 30.63 13.75 -26.03
N TRP C 40 30.27 12.90 -25.07
CA TRP C 40 30.17 13.33 -23.68
C TRP C 40 30.70 12.25 -22.75
N SER C 41 31.98 12.36 -22.42
CA SER C 41 32.70 11.37 -21.65
C SER C 41 32.37 11.56 -20.17
N ASN C 42 32.34 10.48 -19.41
CA ASN C 42 32.09 10.56 -17.97
C ASN C 42 33.06 11.46 -17.23
N ASP C 43 34.30 11.53 -17.70
CA ASP C 43 35.27 12.36 -17.00
C ASP C 43 35.24 13.85 -17.40
N SER C 44 34.37 14.20 -18.34
CA SER C 44 34.18 15.60 -18.72
C SER C 44 32.85 16.16 -18.15
N ALA C 45 32.93 17.34 -17.53
CA ALA C 45 31.73 18.04 -17.08
C ALA C 45 30.96 18.64 -18.25
N THR C 46 31.60 18.75 -19.41
CA THR C 46 30.98 19.38 -20.56
C THR C 46 30.94 18.48 -21.81
N ILE C 47 29.90 18.69 -22.62
CA ILE C 47 29.72 18.00 -23.87
C ILE C 47 30.70 18.60 -24.87
N SER C 48 31.29 17.74 -25.73
CA SER C 48 32.25 18.16 -26.74
C SER C 48 31.72 18.02 -28.17
N PHE C 49 32.01 19.03 -28.99
CA PHE C 49 31.70 18.99 -30.42
C PHE C 49 32.73 18.16 -31.13
N THR C 50 32.27 17.30 -32.05
CA THR C 50 33.17 16.55 -32.92
C THR C 50 33.10 17.02 -34.40
N LYS C 51 32.42 18.15 -34.62
CA LYS C 51 32.38 18.85 -35.93
C LYS C 51 32.39 20.37 -35.70
N PRO C 52 32.93 21.15 -36.65
CA PRO C 52 32.88 22.62 -36.53
C PRO C 52 31.43 23.09 -36.47
N TRP C 53 30.52 22.25 -36.94
CA TRP C 53 29.14 22.68 -37.08
C TRP C 53 28.17 22.03 -36.08
N SER C 54 28.73 21.31 -35.11
CA SER C 54 27.99 20.57 -34.07
C SER C 54 27.07 21.43 -33.17
N GLN C 55 27.29 22.74 -33.13
CA GLN C 55 26.38 23.65 -32.43
C GLN C 55 25.11 23.91 -33.22
N GLY C 56 25.11 23.59 -34.49
CA GLY C 56 23.94 23.84 -35.33
C GLY C 56 23.68 25.34 -35.44
N LYS C 57 22.42 25.72 -35.25
CA LYS C 57 21.98 27.11 -35.30
C LYS C 57 21.70 27.71 -33.95
N LEU C 58 22.03 27.01 -32.87
CA LEU C 58 21.81 27.56 -31.53
C LEU C 58 22.81 28.65 -31.17
N SER C 59 22.39 29.55 -30.28
CA SER C 59 23.24 30.61 -29.81
C SER C 59 24.16 30.02 -28.74
N ASN C 60 25.22 30.75 -28.40
CA ASN C 60 26.15 30.26 -27.39
C ASN C 60 25.45 30.03 -26.05
N GLN C 61 24.58 30.96 -25.66
CA GLN C 61 23.89 30.88 -24.37
C GLN C 61 22.86 29.75 -24.33
N GLN C 62 22.13 29.56 -25.43
CA GLN C 62 21.21 28.43 -25.57
C GLN C 62 21.95 27.11 -25.47
N TRP C 63 23.13 27.03 -26.10
CA TRP C 63 23.99 25.88 -25.88
C TRP C 63 24.30 25.69 -24.40
N GLU C 64 24.65 26.77 -23.68
CA GLU C 64 24.97 26.68 -22.24
C GLU C 64 23.75 26.15 -21.48
N LYS C 65 22.56 26.52 -21.94
CA LYS C 65 21.33 26.16 -21.26
C LYS C 65 20.98 24.69 -21.53
N LEU C 66 21.09 24.26 -22.79
CA LEU C 66 20.81 22.87 -23.14
C LEU C 66 21.81 22.00 -22.41
N GLN C 67 23.02 22.51 -22.24
CA GLN C 67 24.07 21.78 -21.55
C GLN C 67 23.87 21.62 -20.04
N HIS C 68 23.50 22.72 -19.37
CA HIS C 68 23.19 22.66 -17.95
C HIS C 68 22.12 21.61 -17.65
N MET C 69 21.10 21.59 -18.50
CA MET C 69 20.03 20.65 -18.39
C MET C 69 20.52 19.20 -18.45
N PHE C 70 21.47 18.92 -19.32
CA PHE C 70 22.04 17.60 -19.39
C PHE C 70 22.98 17.27 -18.24
N GLN C 71 23.65 18.28 -17.68
CA GLN C 71 24.53 18.01 -16.53
C GLN C 71 23.67 17.68 -15.32
N VAL C 72 22.50 18.31 -15.23
CA VAL C 72 21.60 18.04 -14.11
C VAL C 72 21.03 16.64 -14.33
N TYR C 73 20.67 16.33 -15.57
CA TYR C 73 20.18 15.00 -15.90
C TYR C 73 21.19 13.86 -15.60
N ARG C 74 22.46 14.07 -15.85
CA ARG C 74 23.44 12.98 -15.68
C ARG C 74 23.59 12.57 -14.21
N VAL C 75 23.70 13.57 -13.34
CA VAL C 75 23.70 13.36 -11.89
C VAL C 75 22.38 12.79 -11.36
N SER C 76 21.24 13.35 -11.78
CA SER C 76 19.94 12.86 -11.30
C SER C 76 19.72 11.43 -11.75
N PHE C 77 20.13 11.12 -12.98
CA PHE C 77 19.91 9.78 -13.52
C PHE C 77 20.69 8.75 -12.71
N THR C 78 21.94 9.07 -12.43
CA THR C 78 22.80 8.19 -11.65
C THR C 78 22.22 7.96 -10.24
N ARG C 79 21.78 9.02 -9.56
CA ARG C 79 21.12 8.92 -8.23
C ARG C 79 19.87 8.08 -8.18
N ASP C 80 18.98 8.31 -9.14
CA ASP C 80 17.71 7.63 -9.21
C ASP C 80 17.88 6.15 -9.52
N ILE C 81 18.80 5.81 -10.44
CA ILE C 81 19.04 4.40 -10.72
C ILE C 81 19.55 3.67 -9.49
N GLN C 82 20.44 4.30 -8.75
CA GLN C 82 21.04 3.70 -7.55
C GLN C 82 19.99 3.43 -6.48
N GLU C 83 18.86 4.16 -6.51
CA GLU C 83 17.72 3.89 -5.60
C GLU C 83 16.78 2.86 -6.22
N LEU C 84 16.59 2.99 -7.52
CA LEU C 84 15.76 2.06 -8.26
C LEU C 84 16.24 0.60 -8.18
N VAL C 85 17.55 0.37 -8.16
CA VAL C 85 18.09 -0.98 -8.14
C VAL C 85 17.77 -1.74 -6.84
N LYS C 86 17.31 -1.01 -5.84
CA LYS C 86 16.83 -1.59 -4.58
C LYS C 86 15.49 -2.28 -4.74
N MET C 87 14.74 -1.88 -5.78
CA MET C 87 13.38 -2.38 -6.03
C MET C 87 13.40 -3.61 -6.92
N MET C 88 14.62 -4.01 -7.29
CA MET C 88 14.93 -5.11 -8.19
C MET C 88 14.76 -6.49 -7.53
N SER C 89 14.39 -7.48 -8.33
CA SER C 89 14.52 -8.89 -7.90
C SER C 89 15.56 -9.64 -8.75
N PRO C 90 16.63 -10.16 -8.10
CA PRO C 90 16.92 -9.91 -6.67
C PRO C 90 17.64 -8.56 -6.43
N LYS C 91 17.51 -8.01 -5.23
CA LYS C 91 18.00 -6.66 -4.90
C LYS C 91 19.43 -6.35 -5.34
N GLU C 92 19.61 -5.15 -5.90
CA GLU C 92 20.94 -4.62 -6.21
C GLU C 92 21.77 -5.65 -7.02
N ASP C 93 21.19 -6.11 -8.14
CA ASP C 93 21.74 -7.24 -8.89
C ASP C 93 22.89 -6.86 -9.85
N TYR C 94 23.87 -6.16 -9.31
CA TYR C 94 25.05 -5.70 -10.02
C TYR C 94 25.84 -6.84 -10.64
N PRO C 95 26.54 -6.60 -11.76
CA PRO C 95 26.64 -5.34 -12.53
C PRO C 95 25.44 -5.10 -13.43
N ILE C 96 25.15 -3.81 -13.67
CA ILE C 96 23.98 -3.37 -14.43
C ILE C 96 24.41 -2.44 -15.59
N GLU C 97 23.85 -2.69 -16.76
CA GLU C 97 24.14 -1.91 -17.95
C GLU C 97 22.81 -1.33 -18.41
N ILE C 98 22.76 -0.02 -18.52
CA ILE C 98 21.62 0.67 -19.07
C ILE C 98 22.02 1.48 -20.31
N GLN C 99 21.22 1.38 -21.35
CA GLN C 99 21.45 2.11 -22.59
C GLN C 99 20.18 2.86 -22.95
N LEU C 100 20.35 4.12 -23.38
CA LEU C 100 19.27 4.94 -23.95
C LEU C 100 19.59 5.34 -25.37
N SER C 101 18.58 5.27 -26.21
CA SER C 101 18.69 5.70 -27.58
C SER C 101 17.50 6.64 -27.80
N ALA C 102 17.77 7.93 -28.00
CA ALA C 102 16.73 8.92 -28.16
C ALA C 102 17.12 9.79 -29.35
N GLY C 103 16.11 10.36 -30.01
CA GLY C 103 16.37 11.29 -31.09
C GLY C 103 15.17 11.39 -32.00
N CYS C 104 15.43 11.69 -33.27
CA CYS C 104 14.36 11.87 -34.25
C CYS C 104 14.75 11.51 -35.69
N GLU C 105 13.80 10.94 -36.41
CA GLU C 105 13.91 10.68 -37.84
C GLU C 105 13.37 11.91 -38.54
N MET C 106 14.18 12.52 -39.42
CA MET C 106 13.75 13.69 -40.20
C MET C 106 13.28 13.22 -41.56
N TYR C 107 12.10 13.70 -41.95
CA TYR C 107 11.48 13.44 -43.26
C TYR C 107 11.23 14.72 -44.07
N PRO C 108 11.04 14.58 -45.40
CA PRO C 108 10.33 15.62 -46.17
C PRO C 108 8.88 15.85 -45.69
N GLY C 109 8.43 17.10 -45.67
CA GLY C 109 9.31 18.22 -45.97
C GLY C 109 9.89 18.65 -44.65
N ASN C 110 9.00 18.96 -43.71
CA ASN C 110 9.38 19.24 -42.36
C ASN C 110 8.56 18.39 -41.36
N ALA C 111 8.37 17.12 -41.71
CA ALA C 111 7.78 16.13 -40.80
C ALA C 111 8.87 15.26 -40.16
N SER C 112 8.63 14.82 -38.94
CA SER C 112 9.57 13.94 -38.27
C SER C 112 8.86 13.09 -37.24
N GLU C 113 9.56 12.04 -36.80
CA GLU C 113 9.11 11.18 -35.71
C GLU C 113 10.24 11.05 -34.70
N SER C 114 9.91 11.31 -33.43
CA SER C 114 10.82 11.20 -32.31
C SER C 114 10.69 9.87 -31.54
N PHE C 115 11.73 9.51 -30.79
CA PHE C 115 11.78 8.26 -30.04
C PHE C 115 12.74 8.36 -28.86
N LEU C 116 12.49 7.50 -27.86
CA LEU C 116 13.31 7.37 -26.68
C LEU C 116 13.17 5.95 -26.19
N HIS C 117 14.17 5.12 -26.47
CA HIS C 117 14.15 3.69 -26.05
C HIS C 117 15.19 3.41 -24.99
N VAL C 118 14.82 2.57 -24.03
CA VAL C 118 15.71 2.25 -22.93
C VAL C 118 15.93 0.74 -22.86
N ALA C 119 17.17 0.31 -22.75
CA ALA C 119 17.43 -1.14 -22.60
C ALA C 119 18.17 -1.39 -21.30
N PHE C 120 17.88 -2.55 -20.69
CA PHE C 120 18.46 -3.02 -19.42
C PHE C 120 19.11 -4.37 -19.65
N GLN C 121 20.40 -4.49 -19.31
CA GLN C 121 21.20 -5.68 -19.56
C GLN C 121 21.17 -6.09 -21.03
N GLY C 122 21.13 -5.10 -21.92
CA GLY C 122 21.13 -5.37 -23.36
C GLY C 122 19.78 -5.60 -23.99
N LYS C 123 18.70 -5.45 -23.21
CA LYS C 123 17.39 -5.77 -23.72
C LYS C 123 16.41 -4.59 -23.60
N TYR C 124 15.65 -4.33 -24.67
CA TYR C 124 14.71 -3.22 -24.72
C TYR C 124 13.61 -3.45 -23.68
N VAL C 125 13.36 -2.48 -22.80
CA VAL C 125 12.43 -2.66 -21.69
C VAL C 125 11.46 -1.50 -21.49
N VAL C 126 11.90 -0.27 -21.87
CA VAL C 126 11.16 0.96 -21.58
C VAL C 126 11.28 1.93 -22.75
N ARG C 127 10.16 2.55 -23.09
CA ARG C 127 10.18 3.68 -24.01
C ARG C 127 9.38 4.82 -23.39
N PHE C 128 9.59 6.02 -23.91
CA PHE C 128 8.70 7.15 -23.64
C PHE C 128 7.76 7.31 -24.83
N TRP C 129 6.48 7.46 -24.56
CA TRP C 129 5.49 7.48 -25.62
C TRP C 129 4.35 8.43 -25.23
N GLY C 130 4.14 9.46 -26.04
CA GLY C 130 3.16 10.48 -25.77
C GLY C 130 3.54 11.38 -24.62
N THR C 131 3.02 11.04 -23.44
CA THR C 131 3.20 11.85 -22.24
C THR C 131 3.70 11.03 -21.08
N SER C 132 4.12 9.80 -21.33
CA SER C 132 4.50 8.96 -20.19
C SER C 132 5.46 7.85 -20.54
N TRP C 133 6.23 7.40 -19.55
CA TRP C 133 7.10 6.25 -19.65
C TRP C 133 6.26 4.97 -19.67
N GLN C 134 6.65 3.98 -20.48
CA GLN C 134 5.91 2.72 -20.52
C GLN C 134 6.88 1.58 -20.57
N THR C 135 6.57 0.50 -19.85
CA THR C 135 7.25 -0.78 -20.08
C THR C 135 6.81 -1.37 -21.39
N VAL C 136 7.66 -2.25 -21.88
CA VAL C 136 7.52 -2.89 -23.17
C VAL C 136 7.20 -4.39 -22.92
N PRO C 137 6.35 -5.01 -23.76
CA PRO C 137 6.06 -6.44 -23.56
C PRO C 137 7.32 -7.32 -23.39
N GLY C 138 7.34 -8.10 -22.32
CA GLY C 138 8.53 -8.90 -21.99
C GLY C 138 9.47 -8.30 -20.96
N ALA C 139 9.34 -7.00 -20.68
CA ALA C 139 10.10 -6.36 -19.60
C ALA C 139 9.87 -7.01 -18.21
N PRO C 140 10.93 -7.14 -17.38
CA PRO C 140 10.79 -7.74 -16.04
C PRO C 140 9.73 -7.01 -15.22
N SER C 141 8.83 -7.75 -14.58
CA SER C 141 7.67 -7.14 -13.91
C SER C 141 8.03 -6.25 -12.73
N TRP C 142 9.24 -6.38 -12.19
CA TRP C 142 9.64 -5.58 -11.04
C TRP C 142 9.81 -4.12 -11.44
N LEU C 143 9.90 -3.88 -12.75
CA LEU C 143 10.06 -2.55 -13.29
C LEU C 143 8.78 -1.76 -13.19
N ASP C 144 7.66 -2.48 -12.99
CA ASP C 144 6.36 -1.81 -13.02
C ASP C 144 6.24 -0.76 -11.94
N LEU C 145 6.68 -1.03 -10.71
CA LEU C 145 6.59 -0.02 -9.65
C LEU C 145 7.46 1.23 -9.94
N PRO C 146 8.76 1.05 -10.20
CA PRO C 146 9.65 2.16 -10.56
C PRO C 146 9.10 3.07 -11.66
N ILE C 147 8.48 2.50 -12.69
CA ILE C 147 7.94 3.32 -13.78
C ILE C 147 6.72 4.12 -13.34
N LYS C 148 5.89 3.52 -12.49
CA LYS C 148 4.76 4.19 -11.87
C LYS C 148 5.24 5.41 -11.08
N VAL C 149 6.25 5.22 -10.25
CA VAL C 149 6.87 6.28 -9.49
C VAL C 149 7.36 7.39 -10.43
N LEU C 150 8.21 7.02 -11.41
CA LEU C 150 8.75 7.96 -12.41
C LEU C 150 7.66 8.75 -13.10
N ASN C 151 6.56 8.06 -13.41
CA ASN C 151 5.43 8.70 -14.06
C ASN C 151 4.71 9.75 -13.21
N ALA C 152 4.95 9.75 -11.89
CA ALA C 152 4.46 10.84 -11.02
C ALA C 152 5.16 12.18 -11.27
N ASP C 153 6.37 12.13 -11.83
CA ASP C 153 7.15 13.34 -12.01
C ASP C 153 6.74 14.05 -13.29
N GLN C 154 5.85 15.04 -13.15
CA GLN C 154 5.22 15.69 -14.29
C GLN C 154 6.19 16.72 -14.87
N GLY C 155 7.11 17.18 -14.02
CA GLY C 155 8.13 18.11 -14.45
C GLY C 155 9.11 17.43 -15.39
N THR C 156 9.60 16.25 -15.01
CA THR C 156 10.45 15.48 -15.90
C THR C 156 9.65 15.14 -17.17
N SER C 157 8.40 14.76 -17.00
CA SER C 157 7.62 14.36 -18.14
C SER C 157 7.45 15.48 -19.14
N ALA C 158 7.19 16.71 -18.66
CA ALA C 158 7.05 17.89 -19.57
C ALA C 158 8.36 18.16 -20.32
N THR C 159 9.46 18.22 -19.57
CA THR C 159 10.78 18.38 -20.18
C THR C 159 11.02 17.36 -21.33
N VAL C 160 10.73 16.09 -21.08
CA VAL C 160 10.95 15.04 -22.11
C VAL C 160 10.06 15.30 -23.34
N GLN C 161 8.76 15.49 -23.11
CA GLN C 161 7.84 15.88 -24.18
C GLN C 161 8.35 17.05 -25.04
N MET C 162 8.74 18.16 -24.42
CA MET C 162 9.27 19.25 -25.20
C MET C 162 10.55 18.85 -25.98
N LEU C 163 11.45 18.10 -25.36
CA LEU C 163 12.67 17.66 -26.06
C LEU C 163 12.34 16.77 -27.27
N LEU C 164 11.46 15.79 -27.07
CA LEU C 164 11.05 14.91 -28.17
C LEU C 164 10.25 15.61 -29.28
N ASN C 165 9.21 16.36 -28.89
CA ASN C 165 8.27 16.96 -29.85
C ASN C 165 8.82 18.20 -30.53
N ASP C 166 9.63 18.98 -29.83
CA ASP C 166 10.00 20.30 -30.35
C ASP C 166 11.50 20.50 -30.52
N THR C 167 12.26 20.29 -29.46
CA THR C 167 13.70 20.61 -29.43
C THR C 167 14.53 19.78 -30.40
N CYS C 168 14.23 18.48 -30.45
CA CYS C 168 14.91 17.58 -31.37
C CYS C 168 14.78 18.04 -32.84
N PRO C 169 13.54 18.10 -33.39
CA PRO C 169 13.44 18.44 -34.81
C PRO C 169 13.96 19.84 -35.12
N LEU C 170 13.68 20.80 -34.26
CA LEU C 170 14.19 22.16 -34.43
C LEU C 170 15.71 22.16 -34.52
N PHE C 171 16.32 21.54 -33.51
CA PHE C 171 17.76 21.55 -33.40
C PHE C 171 18.34 20.88 -34.62
N VAL C 172 17.77 19.75 -35.01
CA VAL C 172 18.31 18.92 -36.09
C VAL C 172 18.17 19.61 -37.46
N ARG C 173 17.12 20.42 -37.60
CA ARG C 173 16.95 21.22 -38.82
C ARG C 173 18.07 22.25 -38.94
N GLY C 174 18.50 22.79 -37.81
CA GLY C 174 19.64 23.71 -37.78
C GLY C 174 20.98 23.04 -38.05
N LEU C 175 21.16 21.81 -37.54
CA LEU C 175 22.35 21.02 -37.86
C LEU C 175 22.43 20.63 -39.34
N LEU C 176 21.28 20.32 -39.95
CA LEU C 176 21.25 19.91 -41.35
C LEU C 176 21.72 21.06 -42.22
N GLU C 177 21.34 22.28 -41.87
CA GLU C 177 21.81 23.46 -42.61
C GLU C 177 23.29 23.75 -42.39
N ALA C 178 23.70 23.84 -41.12
CA ALA C 178 25.07 24.21 -40.76
C ALA C 178 26.11 23.19 -41.23
N GLY C 179 25.71 21.92 -41.32
CA GLY C 179 26.65 20.87 -41.65
C GLY C 179 26.55 20.41 -43.08
N LYS C 180 25.84 21.18 -43.91
CA LYS C 180 25.40 20.71 -45.22
C LYS C 180 26.55 20.38 -46.15
N SER C 181 27.64 21.12 -46.04
CA SER C 181 28.80 20.86 -46.87
C SER C 181 29.43 19.49 -46.56
N ASP C 182 29.69 19.18 -45.29
CA ASP C 182 30.16 17.84 -44.88
C ASP C 182 29.15 16.72 -45.25
N LEU C 183 27.86 16.96 -45.03
CA LEU C 183 26.84 15.94 -45.29
C LEU C 183 26.64 15.58 -46.75
N GLU C 184 26.94 16.52 -47.64
CA GLU C 184 26.80 16.32 -49.08
C GLU C 184 28.14 16.06 -49.78
N LYS C 185 29.20 15.96 -48.98
CA LYS C 185 30.54 15.68 -49.47
C LYS C 185 30.58 14.39 -50.34
N GLN C 186 31.45 14.36 -51.34
CA GLN C 186 31.61 13.17 -52.15
C GLN C 186 33.06 12.69 -52.09
N GLU C 187 33.23 11.41 -51.78
CA GLU C 187 34.58 10.82 -51.69
C GLU C 187 34.62 9.53 -52.50
N LYS C 188 35.59 9.44 -53.40
CA LYS C 188 35.62 8.35 -54.36
C LYS C 188 36.11 7.03 -53.74
N PRO C 189 35.42 5.94 -54.03
CA PRO C 189 35.95 4.64 -53.62
C PRO C 189 37.21 4.31 -54.40
N VAL C 190 38.12 3.55 -53.80
CA VAL C 190 39.21 2.93 -54.56
C VAL C 190 39.02 1.41 -54.38
N ALA C 191 39.26 0.63 -55.42
CA ALA C 191 39.07 -0.80 -55.34
C ALA C 191 40.29 -1.59 -55.74
N TRP C 192 40.33 -2.84 -55.25
CA TRP C 192 41.39 -3.77 -55.58
C TRP C 192 40.94 -5.21 -55.30
N LEU C 193 41.65 -6.19 -55.88
CA LEU C 193 41.19 -7.56 -55.80
C LEU C 193 42.18 -8.46 -55.11
N SER C 194 41.69 -9.60 -54.62
CA SER C 194 42.54 -10.62 -54.02
C SER C 194 41.71 -11.88 -53.97
N SER C 195 42.32 -12.96 -53.51
CA SER C 195 41.61 -14.22 -53.34
C SER C 195 42.21 -15.05 -52.24
N VAL C 196 41.35 -15.84 -51.62
CA VAL C 196 41.71 -16.88 -50.66
C VAL C 196 40.94 -18.19 -50.97
N PRO C 197 41.43 -19.33 -50.46
CA PRO C 197 40.71 -20.62 -50.57
C PRO C 197 39.31 -20.63 -49.97
N SER C 198 38.42 -21.48 -50.50
CA SER C 198 37.13 -21.74 -49.85
C SER C 198 37.30 -22.70 -48.67
N GLY C 202 38.87 -27.46 -53.82
CA GLY C 202 39.21 -27.00 -55.19
C GLY C 202 38.42 -25.77 -55.67
N HIS C 203 38.08 -24.91 -54.72
CA HIS C 203 37.37 -23.66 -54.98
C HIS C 203 38.19 -22.49 -54.44
N ARG C 204 38.06 -21.33 -55.07
CA ARG C 204 38.70 -20.11 -54.57
C ARG C 204 37.64 -19.09 -54.18
N GLN C 205 37.93 -18.26 -53.19
CA GLN C 205 37.10 -17.11 -52.86
C GLN C 205 37.76 -15.83 -53.37
N LEU C 206 37.10 -15.16 -54.30
CA LEU C 206 37.61 -13.92 -54.87
C LEU C 206 37.08 -12.75 -54.06
N VAL C 207 37.94 -11.78 -53.81
CA VAL C 207 37.54 -10.64 -52.97
C VAL C 207 37.71 -9.32 -53.73
N CYS C 208 36.65 -8.52 -53.71
CA CYS C 208 36.71 -7.16 -54.25
C CYS C 208 36.60 -6.19 -53.08
N HIS C 209 37.70 -5.48 -52.83
CA HIS C 209 37.78 -4.53 -51.73
C HIS C 209 37.43 -3.17 -52.29
N VAL C 210 36.56 -2.45 -51.58
CA VAL C 210 36.18 -1.07 -51.98
C VAL C 210 36.34 -0.18 -50.78
N SER C 211 37.14 0.88 -50.90
CA SER C 211 37.44 1.65 -49.71
C SER C 211 37.54 3.14 -49.92
N GLY C 212 37.09 3.89 -48.92
CA GLY C 212 37.19 5.31 -48.90
C GLY C 212 36.06 6.04 -49.61
N PHE C 213 34.92 5.39 -49.78
CA PHE C 213 33.77 6.11 -50.36
C PHE C 213 32.89 6.76 -49.27
N TYR C 214 32.29 7.89 -49.65
CA TYR C 214 31.30 8.64 -48.90
C TYR C 214 30.49 9.46 -49.90
N PRO C 215 29.16 9.49 -49.75
CA PRO C 215 28.34 8.87 -48.69
C PRO C 215 28.16 7.36 -48.83
N LYS C 216 27.48 6.79 -47.84
CA LYS C 216 27.38 5.36 -47.60
C LYS C 216 26.82 4.46 -48.72
N PRO C 217 25.74 4.87 -49.42
CA PRO C 217 25.18 3.95 -50.43
C PRO C 217 26.17 3.67 -51.58
N VAL C 218 26.37 2.40 -51.92
CA VAL C 218 27.21 1.92 -53.03
C VAL C 218 26.58 0.69 -53.60
N TRP C 219 27.07 0.28 -54.78
CA TRP C 219 26.68 -0.96 -55.40
C TRP C 219 27.98 -1.68 -55.83
N VAL C 220 28.18 -2.93 -55.39
CA VAL C 220 29.39 -3.68 -55.74
C VAL C 220 28.97 -5.08 -56.15
N MET C 221 29.23 -5.45 -57.42
CA MET C 221 28.85 -6.78 -57.92
C MET C 221 29.98 -7.46 -58.65
N TRP C 222 30.15 -8.77 -58.44
CA TRP C 222 30.97 -9.57 -59.34
C TRP C 222 30.17 -9.83 -60.62
N MET C 223 30.78 -9.61 -61.78
CA MET C 223 30.12 -9.83 -63.09
C MET C 223 30.88 -10.85 -63.99
N ARG C 224 30.16 -11.55 -64.84
CA ARG C 224 30.79 -12.19 -65.98
C ARG C 224 30.07 -11.62 -67.19
N GLY C 225 30.82 -10.88 -68.02
CA GLY C 225 30.21 -10.03 -69.03
C GLY C 225 29.22 -9.09 -68.34
N ASP C 226 27.97 -9.14 -68.79
CA ASP C 226 26.92 -8.30 -68.24
C ASP C 226 26.00 -9.02 -67.26
N GLN C 227 26.28 -10.30 -67.01
CA GLN C 227 25.49 -11.04 -66.03
C GLN C 227 26.04 -10.77 -64.62
N GLU C 228 25.15 -10.37 -63.70
CA GLU C 228 25.49 -10.32 -62.30
C GLU C 228 25.68 -11.74 -61.80
N GLN C 229 26.77 -11.99 -61.09
CA GLN C 229 26.95 -13.32 -60.49
C GLN C 229 26.15 -13.32 -59.18
N GLN C 230 25.16 -14.19 -59.10
CA GLN C 230 24.15 -14.16 -58.01
C GLN C 230 24.73 -14.57 -56.65
N GLY C 231 25.78 -15.39 -56.68
CA GLY C 231 26.48 -15.81 -55.47
C GLY C 231 27.39 -14.74 -54.89
N THR C 232 27.29 -13.50 -55.39
CA THR C 232 28.01 -12.37 -54.79
C THR C 232 27.48 -12.12 -53.37
N HIS C 233 28.40 -12.18 -52.40
CA HIS C 233 28.11 -11.87 -51.00
C HIS C 233 28.65 -10.48 -50.62
N ARG C 234 27.73 -9.57 -50.29
CA ARG C 234 28.10 -8.28 -49.74
C ARG C 234 28.49 -8.47 -48.30
N GLY C 235 29.71 -8.07 -47.93
CA GLY C 235 30.10 -7.98 -46.51
C GLY C 235 29.34 -6.82 -45.83
N ASP C 236 29.67 -6.53 -44.58
CA ASP C 236 29.06 -5.38 -43.89
C ASP C 236 29.85 -4.12 -44.23
N PHE C 237 29.23 -2.96 -44.00
CA PHE C 237 29.94 -1.70 -44.10
C PHE C 237 30.80 -1.51 -42.87
N LEU C 238 32.10 -1.35 -43.09
CA LEU C 238 33.07 -1.15 -42.02
C LEU C 238 33.54 0.29 -42.06
N PRO C 239 33.64 0.95 -40.90
CA PRO C 239 34.06 2.33 -40.94
C PRO C 239 35.56 2.48 -41.07
N ASN C 240 35.98 3.50 -41.81
CA ASN C 240 37.33 3.99 -41.74
C ASN C 240 37.38 5.13 -40.74
N ALA C 241 38.57 5.49 -40.25
CA ALA C 241 38.68 6.52 -39.22
C ALA C 241 38.38 7.94 -39.71
N ASP C 242 38.45 8.15 -41.01
CA ASP C 242 38.27 9.50 -41.61
C ASP C 242 36.83 9.67 -42.03
N GLU C 243 35.95 8.81 -41.52
CA GLU C 243 34.53 8.88 -41.81
C GLU C 243 34.15 8.55 -43.27
N THR C 244 34.93 7.67 -43.89
CA THR C 244 34.54 7.09 -45.16
C THR C 244 34.32 5.61 -44.89
N TRP C 245 33.86 4.88 -45.90
CA TRP C 245 33.44 3.49 -45.72
C TRP C 245 34.32 2.51 -46.44
N TYR C 246 34.28 1.27 -45.94
CA TYR C 246 34.98 0.16 -46.54
C TYR C 246 33.95 -0.93 -46.64
N LEU C 247 34.02 -1.66 -47.73
CA LEU C 247 33.20 -2.81 -47.93
C LEU C 247 33.91 -3.73 -48.89
N GLN C 248 33.72 -5.03 -48.72
CA GLN C 248 34.17 -5.98 -49.71
C GLN C 248 33.04 -6.85 -50.19
N ALA C 249 33.16 -7.34 -51.42
CA ALA C 249 32.24 -8.33 -51.97
C ALA C 249 33.02 -9.59 -52.43
N THR C 250 32.47 -10.75 -52.13
CA THR C 250 33.17 -12.00 -52.40
C THR C 250 32.35 -12.91 -53.32
N LEU C 251 33.05 -13.78 -54.01
CA LEU C 251 32.40 -14.78 -54.85
C LEU C 251 33.24 -16.03 -54.78
N ASP C 252 32.56 -17.14 -54.54
CA ASP C 252 33.18 -18.45 -54.53
C ASP C 252 33.20 -18.96 -55.98
N VAL C 253 34.33 -19.49 -56.43
CA VAL C 253 34.45 -20.03 -57.80
C VAL C 253 35.30 -21.30 -57.82
N GLU C 254 35.16 -22.11 -58.88
CA GLU C 254 36.07 -23.24 -59.15
C GLU C 254 37.37 -22.68 -59.70
N ALA C 255 38.49 -23.30 -59.32
CA ALA C 255 39.80 -22.88 -59.85
C ALA C 255 39.80 -22.98 -61.37
N GLY C 256 40.46 -22.01 -62.01
CA GLY C 256 40.48 -21.93 -63.47
C GLY C 256 39.38 -21.08 -64.10
N GLU C 257 38.33 -20.78 -63.33
CA GLU C 257 37.15 -20.05 -63.83
C GLU C 257 37.15 -18.57 -63.44
N GLU C 258 38.27 -18.11 -62.88
CA GLU C 258 38.44 -16.74 -62.43
C GLU C 258 38.59 -15.81 -63.62
N ALA C 259 39.33 -16.27 -64.63
CA ALA C 259 39.49 -15.51 -65.86
C ALA C 259 38.13 -15.21 -66.46
N GLY C 260 37.88 -13.94 -66.77
CA GLY C 260 36.57 -13.56 -67.27
C GLY C 260 35.74 -12.87 -66.21
N LEU C 261 36.16 -12.90 -64.92
CA LEU C 261 35.36 -12.19 -63.92
C LEU C 261 35.78 -10.73 -63.76
N ALA C 262 34.81 -9.90 -63.43
CA ALA C 262 35.07 -8.49 -63.12
C ALA C 262 34.30 -8.12 -61.88
N CYS C 263 34.83 -7.14 -61.16
CA CYS C 263 34.12 -6.50 -60.06
C CYS C 263 33.78 -5.10 -60.53
N ARG C 264 32.48 -4.77 -60.48
CA ARG C 264 32.02 -3.46 -60.88
C ARG C 264 31.46 -2.70 -59.68
N VAL C 265 31.91 -1.45 -59.54
CA VAL C 265 31.55 -0.57 -58.44
C VAL C 265 30.81 0.68 -58.97
N LYS C 266 29.57 0.87 -58.49
CA LYS C 266 28.83 2.10 -58.72
C LYS C 266 28.75 2.97 -57.47
N HIS C 267 28.92 4.27 -57.64
CA HIS C 267 28.87 5.20 -56.53
C HIS C 267 28.71 6.64 -56.97
N SER C 268 28.00 7.41 -56.14
CA SER C 268 27.59 8.76 -56.49
C SER C 268 28.77 9.68 -56.80
N SER C 269 29.92 9.39 -56.22
CA SER C 269 31.13 10.21 -56.39
C SER C 269 31.88 10.03 -57.71
N LEU C 270 31.51 8.99 -58.47
CA LEU C 270 32.25 8.60 -59.67
C LEU C 270 31.74 9.23 -61.00
N GLY C 271 30.60 9.93 -60.93
CA GLY C 271 30.12 10.81 -62.00
C GLY C 271 29.93 10.13 -63.33
N GLY C 272 29.21 9.01 -63.30
CA GLY C 272 28.84 8.24 -64.47
C GLY C 272 29.81 7.14 -64.89
N GLN C 273 31.04 7.17 -64.37
CA GLN C 273 32.06 6.20 -64.75
C GLN C 273 32.28 5.13 -63.66
N ASP C 274 31.64 3.97 -63.82
CA ASP C 274 31.83 2.88 -62.87
C ASP C 274 33.31 2.42 -62.84
N ILE C 275 33.75 1.94 -61.67
CA ILE C 275 35.04 1.25 -61.54
C ILE C 275 34.82 -0.19 -62.00
N ILE C 276 35.67 -0.68 -62.90
CA ILE C 276 35.57 -2.05 -63.34
C ILE C 276 36.96 -2.65 -63.32
N LEU C 277 37.15 -3.70 -62.51
CA LEU C 277 38.45 -4.39 -62.42
C LEU C 277 38.28 -5.82 -62.88
N TYR C 278 39.08 -6.24 -63.86
CA TYR C 278 38.93 -7.57 -64.42
C TYR C 278 39.93 -8.48 -63.74
N TRP C 279 39.49 -9.66 -63.32
CA TRP C 279 40.44 -10.62 -62.79
C TRP C 279 41.57 -10.85 -63.82
N GLY C 280 42.83 -10.74 -63.38
CA GLY C 280 44.01 -11.12 -64.22
C GLY C 280 44.36 -10.14 -65.33
N SER C 281 43.71 -8.98 -65.33
CA SER C 281 44.12 -7.87 -66.20
C SER C 281 45.53 -7.38 -65.87
N LEU C 282 46.13 -6.65 -66.78
CA LEU C 282 47.39 -6.01 -66.52
C LEU C 282 47.32 -5.16 -65.25
N HIS C 283 46.27 -4.34 -65.12
CA HIS C 283 46.05 -3.53 -63.93
C HIS C 283 46.11 -4.41 -62.67
N HIS C 284 45.44 -5.55 -62.70
CA HIS C 284 45.37 -6.42 -61.53
C HIS C 284 46.74 -7.02 -61.24
N ILE C 285 47.40 -7.50 -62.28
CA ILE C 285 48.74 -8.06 -62.16
C ILE C 285 49.73 -7.07 -61.50
N LEU C 286 49.73 -5.82 -61.98
CA LEU C 286 50.57 -4.78 -61.41
C LEU C 286 50.28 -4.50 -59.93
N ASP C 287 48.99 -4.45 -59.56
CA ASP C 287 48.54 -4.42 -58.16
C ASP C 287 49.03 -5.56 -57.32
N ALA C 288 48.75 -6.79 -57.75
CA ALA C 288 49.17 -7.99 -57.06
C ALA C 288 50.67 -7.98 -56.71
N GLN C 289 51.49 -7.58 -57.69
CA GLN C 289 52.95 -7.43 -57.49
C GLN C 289 53.33 -6.48 -56.36
N LYS C 290 52.53 -5.43 -56.14
CA LYS C 290 52.83 -4.41 -55.12
C LYS C 290 52.39 -4.84 -53.73
N MET C 291 51.57 -5.88 -53.66
CA MET C 291 50.91 -6.26 -52.41
C MET C 291 51.35 -7.63 -51.94
N VAL C 292 52.40 -8.14 -52.56
CA VAL C 292 52.91 -9.49 -52.30
C VAL C 292 53.37 -9.65 -50.81
N TRP C 293 53.17 -10.84 -50.25
CA TRP C 293 53.57 -11.11 -48.87
C TRP C 293 53.74 -12.61 -48.58
N ASN C 294 54.38 -12.90 -47.45
CA ASN C 294 54.87 -14.25 -47.11
C ASN C 294 53.82 -15.30 -46.76
N HIS C 295 52.90 -14.95 -45.86
CA HIS C 295 51.83 -15.84 -45.34
C HIS C 295 52.29 -16.61 -44.09
N GLN D 2 25.31 -11.68 -22.29
CA GLN D 2 26.74 -11.73 -22.70
C GLN D 2 26.89 -12.12 -24.17
N LYS D 3 27.64 -11.30 -24.94
CA LYS D 3 27.80 -11.52 -26.38
C LYS D 3 29.27 -11.33 -26.75
N THR D 4 29.76 -12.22 -27.62
CA THR D 4 31.19 -12.34 -28.00
C THR D 4 31.56 -11.38 -29.13
N PRO D 5 32.67 -10.64 -28.99
CA PRO D 5 32.95 -9.67 -30.05
C PRO D 5 33.35 -10.34 -31.38
N GLN D 6 33.03 -9.68 -32.49
CA GLN D 6 33.52 -10.03 -33.80
C GLN D 6 34.67 -9.06 -34.06
N ILE D 7 35.73 -9.54 -34.72
CA ILE D 7 36.91 -8.71 -34.89
C ILE D 7 37.31 -8.67 -36.36
N GLN D 8 37.42 -7.48 -36.94
CA GLN D 8 37.79 -7.43 -38.38
C GLN D 8 38.94 -6.44 -38.52
N VAL D 9 39.97 -6.83 -39.26
CA VAL D 9 41.19 -6.02 -39.42
C VAL D 9 41.34 -5.75 -40.90
N TYR D 10 41.55 -4.49 -41.27
CA TYR D 10 41.56 -4.09 -42.68
C TYR D 10 42.27 -2.76 -42.84
N SER D 11 42.91 -2.56 -43.99
CA SER D 11 43.66 -1.32 -44.24
C SER D 11 42.79 -0.26 -44.90
N ARG D 12 43.10 1.00 -44.60
CA ARG D 12 42.43 2.15 -45.21
C ARG D 12 42.57 2.22 -46.74
N HIS D 13 43.80 2.08 -47.22
CA HIS D 13 44.17 2.19 -48.63
C HIS D 13 44.62 0.82 -49.16
N PRO D 14 44.68 0.62 -50.49
CA PRO D 14 45.20 -0.68 -50.93
C PRO D 14 46.56 -0.97 -50.29
N PRO D 15 46.79 -2.22 -49.89
CA PRO D 15 47.98 -2.58 -49.09
C PRO D 15 49.26 -2.71 -49.91
N GLU D 16 49.79 -1.58 -50.39
CA GLU D 16 51.04 -1.58 -51.13
C GLU D 16 52.23 -1.66 -50.21
N ASN D 17 53.11 -2.64 -50.42
CA ASN D 17 54.31 -2.80 -49.63
C ASN D 17 55.17 -1.55 -49.59
N GLY D 18 55.62 -1.20 -48.40
CA GLY D 18 56.49 -0.03 -48.24
C GLY D 18 55.82 1.33 -48.37
N LYS D 19 54.50 1.36 -48.59
CA LYS D 19 53.73 2.61 -48.66
C LYS D 19 52.93 2.86 -47.37
N PRO D 20 53.11 4.06 -46.75
CA PRO D 20 52.33 4.49 -45.60
C PRO D 20 50.83 4.32 -45.78
N ASN D 21 50.17 3.87 -44.71
CA ASN D 21 48.80 3.41 -44.76
C ASN D 21 48.23 3.52 -43.33
N ILE D 22 46.97 3.13 -43.16
CA ILE D 22 46.34 3.13 -41.84
C ILE D 22 45.69 1.79 -41.67
N LEU D 23 45.96 1.15 -40.54
CA LEU D 23 45.40 -0.16 -40.26
C LEU D 23 44.25 -0.02 -39.25
N ASN D 24 43.08 -0.59 -39.59
CA ASN D 24 41.86 -0.51 -38.76
C ASN D 24 41.53 -1.82 -38.06
N CYS D 25 41.17 -1.73 -36.77
CA CYS D 25 40.60 -2.88 -36.08
C CYS D 25 39.18 -2.58 -35.56
N TYR D 26 38.20 -3.30 -36.10
CA TYR D 26 36.78 -3.01 -35.90
C TYR D 26 36.13 -4.13 -35.09
N VAL D 27 35.72 -3.78 -33.86
CA VAL D 27 35.24 -4.74 -32.89
C VAL D 27 33.78 -4.44 -32.66
N THR D 28 32.93 -5.45 -32.89
CA THR D 28 31.48 -5.29 -32.84
C THR D 28 30.83 -6.46 -32.10
N GLN D 29 29.51 -6.34 -31.87
CA GLN D 29 28.64 -7.41 -31.39
C GLN D 29 28.93 -7.87 -29.97
N PHE D 30 29.55 -7.03 -29.16
CA PHE D 30 29.87 -7.45 -27.82
C PHE D 30 28.97 -6.80 -26.80
N HIS D 31 28.85 -7.46 -25.65
CA HIS D 31 28.07 -6.96 -24.52
C HIS D 31 28.49 -7.78 -23.28
N PRO D 32 28.79 -7.13 -22.13
CA PRO D 32 28.86 -5.73 -21.72
C PRO D 32 29.92 -4.91 -22.48
N PRO D 33 29.93 -3.58 -22.27
CA PRO D 33 30.81 -2.69 -23.07
C PRO D 33 32.29 -2.68 -22.66
N HIS D 34 32.59 -3.15 -21.46
CA HIS D 34 33.96 -3.17 -20.95
C HIS D 34 34.84 -4.18 -21.69
N ILE D 35 35.95 -3.69 -22.23
CA ILE D 35 36.73 -4.43 -23.21
C ILE D 35 38.13 -3.84 -23.33
N GLU D 36 39.10 -4.69 -23.64
CA GLU D 36 40.44 -4.18 -23.85
C GLU D 36 40.91 -4.55 -25.26
N ILE D 37 41.44 -3.56 -25.97
CA ILE D 37 41.85 -3.75 -27.36
C ILE D 37 43.26 -3.22 -27.59
N GLN D 38 44.13 -4.08 -28.11
CA GLN D 38 45.47 -3.62 -28.52
C GLN D 38 45.78 -3.93 -29.99
N MET D 39 46.63 -3.12 -30.62
CA MET D 39 47.14 -3.52 -31.93
C MET D 39 48.61 -3.91 -31.79
N LEU D 40 48.97 -5.00 -32.47
CA LEU D 40 50.32 -5.57 -32.35
C LEU D 40 51.05 -5.50 -33.69
N LYS D 41 52.36 -5.18 -33.64
CA LYS D 41 53.24 -5.32 -34.80
C LYS D 41 54.27 -6.37 -34.48
N ASN D 42 54.24 -7.49 -35.21
CA ASN D 42 55.18 -8.59 -34.95
C ASN D 42 55.13 -9.07 -33.49
N GLY D 43 53.95 -8.99 -32.88
CA GLY D 43 53.75 -9.52 -31.53
C GLY D 43 54.00 -8.52 -30.42
N LYS D 44 54.44 -7.31 -30.78
CA LYS D 44 54.64 -6.25 -29.81
C LYS D 44 53.61 -5.10 -29.92
N LYS D 45 53.05 -4.72 -28.78
CA LYS D 45 52.06 -3.67 -28.72
C LYS D 45 52.55 -2.40 -29.41
N ILE D 46 51.75 -1.92 -30.36
CA ILE D 46 51.98 -0.63 -30.97
C ILE D 46 51.54 0.44 -29.95
N PRO D 47 52.43 1.41 -29.67
CA PRO D 47 52.11 2.41 -28.64
C PRO D 47 51.02 3.44 -29.03
N LYS D 48 51.17 4.15 -30.15
CA LYS D 48 50.15 5.13 -30.58
C LYS D 48 48.99 4.52 -31.37
N VAL D 49 48.05 3.91 -30.64
CA VAL D 49 46.82 3.44 -31.26
C VAL D 49 45.70 4.40 -30.87
N GLU D 50 44.98 4.94 -31.85
CA GLU D 50 43.84 5.79 -31.54
C GLU D 50 42.55 4.96 -31.49
N MET D 51 41.65 5.36 -30.59
CA MET D 51 40.41 4.63 -30.36
C MET D 51 39.23 5.57 -30.64
N SER D 52 38.25 5.09 -31.38
CA SER D 52 37.00 5.82 -31.54
C SER D 52 36.20 5.77 -30.22
N ASP D 53 35.19 6.64 -30.08
CA ASP D 53 34.24 6.54 -28.96
C ASP D 53 33.43 5.28 -29.15
N MET D 54 33.09 4.61 -28.05
CA MET D 54 32.23 3.46 -28.19
C MET D 54 30.83 3.91 -28.52
N SER D 55 30.18 3.13 -29.36
CA SER D 55 28.82 3.38 -29.69
C SER D 55 28.09 2.03 -29.60
N PHE D 56 26.81 2.00 -29.93
CA PHE D 56 26.06 0.78 -30.02
C PHE D 56 25.07 0.85 -31.17
N SER D 57 24.62 -0.31 -31.60
CA SER D 57 23.80 -0.38 -32.81
C SER D 57 22.37 -0.73 -32.46
N LYS D 58 21.60 -0.99 -33.51
CA LYS D 58 20.16 -1.18 -33.40
C LYS D 58 19.77 -2.37 -32.54
N ASP D 59 20.66 -3.35 -32.40
CA ASP D 59 20.34 -4.50 -31.59
C ASP D 59 20.94 -4.38 -30.17
N TRP D 60 21.35 -3.15 -29.83
CA TRP D 60 21.95 -2.81 -28.55
C TRP D 60 23.38 -3.30 -28.27
N SER D 61 23.96 -4.15 -29.12
CA SER D 61 25.38 -4.55 -28.94
C SER D 61 26.35 -3.43 -29.31
N PHE D 62 27.51 -3.43 -28.68
CA PHE D 62 28.44 -2.33 -28.76
C PHE D 62 29.40 -2.50 -29.93
N TYR D 63 30.06 -1.43 -30.31
CA TYR D 63 31.11 -1.52 -31.30
C TYR D 63 32.05 -0.36 -31.13
N ILE D 64 33.28 -0.58 -31.57
CA ILE D 64 34.30 0.42 -31.49
C ILE D 64 35.37 0.19 -32.59
N LEU D 65 36.07 1.24 -32.96
CA LEU D 65 37.10 1.19 -34.01
C LEU D 65 38.46 1.62 -33.48
N ALA D 66 39.48 0.77 -33.64
CA ALA D 66 40.88 1.15 -33.32
C ALA D 66 41.63 1.31 -34.64
N HIS D 67 42.55 2.27 -34.69
CA HIS D 67 43.33 2.48 -35.93
C HIS D 67 44.72 3.01 -35.63
N THR D 68 45.66 2.70 -36.50
CA THR D 68 47.04 3.10 -36.28
C THR D 68 47.72 3.38 -37.63
N GLU D 69 48.65 4.33 -37.64
CA GLU D 69 49.48 4.53 -38.86
C GLU D 69 50.37 3.30 -39.00
N PHE D 70 50.54 2.80 -40.23
CA PHE D 70 51.44 1.67 -40.48
C PHE D 70 51.92 1.64 -41.93
N THR D 71 52.98 0.87 -42.18
CA THR D 71 53.43 0.61 -43.55
C THR D 71 53.55 -0.88 -43.72
N PRO D 72 52.65 -1.47 -44.52
CA PRO D 72 52.77 -2.90 -44.71
C PRO D 72 54.07 -3.26 -45.44
N THR D 73 54.38 -4.55 -45.43
CA THR D 73 55.66 -5.08 -45.80
C THR D 73 55.40 -6.56 -46.09
N GLU D 74 56.29 -7.20 -46.85
CA GLU D 74 56.17 -8.66 -47.09
C GLU D 74 56.14 -9.51 -45.83
N THR D 75 56.87 -9.10 -44.81
CA THR D 75 57.14 -9.99 -43.67
C THR D 75 56.67 -9.46 -42.33
N ASP D 76 56.45 -8.16 -42.22
CA ASP D 76 55.90 -7.59 -40.99
C ASP D 76 54.49 -8.10 -40.76
N THR D 77 54.23 -8.57 -39.54
CA THR D 77 52.89 -9.04 -39.15
C THR D 77 52.14 -8.01 -38.30
N TYR D 78 50.82 -7.94 -38.48
CA TYR D 78 49.97 -7.05 -37.68
C TYR D 78 48.75 -7.77 -37.18
N ALA D 79 48.34 -7.42 -35.96
CA ALA D 79 47.28 -8.17 -35.31
C ALA D 79 46.50 -7.32 -34.35
N CYS D 80 45.26 -7.71 -34.10
CA CYS D 80 44.43 -7.00 -33.14
C CYS D 80 44.07 -8.00 -32.06
N ARG D 81 44.31 -7.63 -30.81
CA ARG D 81 44.12 -8.53 -29.69
C ARG D 81 43.04 -7.98 -28.78
N VAL D 82 42.09 -8.82 -28.43
CA VAL D 82 40.92 -8.36 -27.74
C VAL D 82 40.64 -9.23 -26.50
N LYS D 83 40.46 -8.54 -25.39
CA LYS D 83 40.17 -9.19 -24.12
C LYS D 83 38.76 -8.78 -23.71
N HIS D 84 37.85 -9.74 -23.57
CA HIS D 84 36.47 -9.46 -23.18
C HIS D 84 35.94 -10.61 -22.35
N ALA D 85 35.03 -10.31 -21.42
CA ALA D 85 34.54 -11.30 -20.46
C ALA D 85 33.90 -12.52 -21.13
N SER D 86 33.36 -12.33 -22.33
CA SER D 86 32.68 -13.39 -23.05
C SER D 86 33.64 -14.51 -23.51
N MET D 87 34.95 -14.28 -23.40
CA MET D 87 35.96 -15.21 -23.89
C MET D 87 37.02 -15.56 -22.80
N ALA D 88 37.29 -16.85 -22.61
CA ALA D 88 38.24 -17.29 -21.59
C ALA D 88 39.66 -16.75 -21.76
N GLU D 89 40.02 -16.45 -23.00
CA GLU D 89 41.37 -16.05 -23.35
C GLU D 89 41.28 -14.84 -24.28
N PRO D 90 42.28 -13.94 -24.23
CA PRO D 90 42.25 -12.88 -25.22
C PRO D 90 42.30 -13.42 -26.67
N LYS D 91 41.62 -12.76 -27.60
CA LYS D 91 41.58 -13.23 -28.98
C LYS D 91 42.46 -12.36 -29.86
N THR D 92 43.39 -13.00 -30.55
CA THR D 92 44.27 -12.34 -31.50
C THR D 92 43.75 -12.66 -32.88
N VAL D 93 43.50 -11.62 -33.65
CA VAL D 93 43.15 -11.76 -35.05
C VAL D 93 44.22 -11.03 -35.86
N TYR D 94 44.93 -11.77 -36.72
CA TYR D 94 46.00 -11.24 -37.55
C TYR D 94 45.40 -10.58 -38.79
N TRP D 95 45.97 -9.45 -39.18
CA TRP D 95 45.65 -8.85 -40.48
C TRP D 95 46.00 -9.81 -41.63
N ASP D 96 45.01 -10.11 -42.45
CA ASP D 96 45.22 -10.91 -43.66
C ASP D 96 44.77 -10.07 -44.87
N ARG D 97 45.76 -9.47 -45.51
CA ARG D 97 45.71 -8.72 -46.76
C ARG D 97 44.69 -9.24 -47.77
N ASP D 98 44.75 -10.55 -48.00
CA ASP D 98 43.99 -11.21 -49.06
C ASP D 98 42.54 -11.44 -48.73
N MET D 99 42.24 -11.60 -47.44
CA MET D 99 40.85 -11.65 -47.01
C MET D 99 40.28 -10.25 -47.11
N GLN E 3 -8.97 -5.08 13.94
CA GLN E 3 -9.20 -4.87 12.48
C GLN E 3 -10.46 -4.02 12.19
N VAL E 4 -11.31 -3.88 13.21
CA VAL E 4 -12.42 -2.94 13.14
C VAL E 4 -12.27 -1.93 14.28
N GLU E 5 -12.25 -0.66 13.92
CA GLU E 5 -12.07 0.38 14.91
C GLU E 5 -13.25 1.34 15.00
N GLN E 6 -13.70 1.57 16.22
CA GLN E 6 -14.77 2.53 16.47
C GLN E 6 -14.19 3.76 17.13
N SER E 7 -14.84 4.91 16.90
CA SER E 7 -14.45 6.13 17.59
C SER E 7 -15.63 7.10 17.62
N PRO E 8 -15.67 7.98 18.62
CA PRO E 8 -14.80 8.02 19.80
C PRO E 8 -15.13 6.86 20.73
N ALA E 9 -14.26 6.58 21.70
CA ALA E 9 -14.54 5.51 22.66
C ALA E 9 -15.72 5.88 23.56
N SER E 10 -15.82 7.15 23.91
CA SER E 10 -17.01 7.67 24.56
C SER E 10 -17.40 9.07 24.08
N LEU E 11 -18.69 9.36 24.19
CA LEU E 11 -19.23 10.61 23.77
C LEU E 11 -20.36 10.97 24.73
N VAL E 12 -20.33 12.20 25.24
CA VAL E 12 -21.39 12.73 26.05
C VAL E 12 -22.09 13.82 25.26
N LEU E 13 -23.41 13.86 25.34
CA LEU E 13 -24.10 15.00 24.78
C LEU E 13 -25.47 15.24 25.39
N GLN E 14 -26.01 16.41 25.06
CA GLN E 14 -27.24 16.86 25.65
C GLN E 14 -28.39 16.43 24.76
N GLU E 15 -29.46 15.93 25.38
CA GLU E 15 -30.68 15.59 24.67
C GLU E 15 -30.98 16.67 23.61
N GLY E 16 -31.38 16.26 22.42
CA GLY E 16 -31.57 17.21 21.33
C GLY E 16 -30.44 17.19 20.32
N GLU E 17 -29.18 17.07 20.77
CA GLU E 17 -28.01 17.05 19.88
C GLU E 17 -27.93 15.79 19.00
N ASN E 18 -27.31 15.91 17.83
CA ASN E 18 -27.11 14.77 16.96
C ASN E 18 -25.80 14.08 17.32
N ALA E 19 -25.79 12.76 17.20
CA ALA E 19 -24.61 11.97 17.46
C ALA E 19 -24.13 11.41 16.13
N GLU E 20 -22.81 11.39 15.95
CA GLU E 20 -22.20 10.71 14.83
C GLU E 20 -21.15 9.73 15.36
N LEU E 21 -21.27 8.45 15.02
CA LEU E 21 -20.31 7.48 15.50
C LEU E 21 -19.58 6.77 14.35
N GLN E 22 -18.25 6.70 14.42
CA GLN E 22 -17.44 6.20 13.32
C GLN E 22 -17.06 4.74 13.48
N CYS E 23 -16.96 4.06 12.34
CA CYS E 23 -16.46 2.69 12.29
C CYS E 23 -15.47 2.61 11.12
N THR E 24 -14.19 2.42 11.41
CA THR E 24 -13.20 2.27 10.34
C THR E 24 -12.77 0.82 10.24
N TYR E 25 -12.45 0.40 9.02
CA TYR E 25 -12.18 -1.02 8.74
C TYR E 25 -11.12 -1.10 7.64
N SER E 26 -10.54 -2.27 7.43
CA SER E 26 -9.42 -2.33 6.51
C SER E 26 -9.57 -3.43 5.47
N THR E 27 -10.82 -3.75 5.16
CA THR E 27 -11.16 -4.75 4.16
C THR E 27 -12.18 -4.19 3.16
N THR E 28 -12.67 -5.07 2.28
CA THR E 28 -13.88 -4.76 1.52
C THR E 28 -15.11 -4.75 2.44
N LEU E 29 -16.19 -4.14 1.97
CA LEU E 29 -17.40 -4.02 2.74
C LEU E 29 -18.49 -4.80 2.09
N ASN E 30 -18.81 -5.95 2.65
CA ASN E 30 -20.07 -6.57 2.27
C ASN E 30 -21.29 -5.95 3.02
N SER E 31 -21.20 -5.92 4.34
CA SER E 31 -22.31 -5.44 5.18
C SER E 31 -21.83 -4.89 6.51
N MET E 32 -22.55 -3.86 6.98
CA MET E 32 -22.30 -3.26 8.28
C MET E 32 -23.50 -3.44 9.17
N GLN E 33 -23.29 -3.92 10.37
CA GLN E 33 -24.39 -4.07 11.33
C GLN E 33 -24.06 -3.34 12.64
N TRP E 34 -24.98 -2.48 13.06
CA TRP E 34 -24.80 -1.76 14.30
C TRP E 34 -25.71 -2.35 15.37
N PHE E 35 -25.16 -2.45 16.56
CA PHE E 35 -25.88 -2.98 17.71
C PHE E 35 -25.91 -1.98 18.86
N TYR E 36 -26.99 -2.01 19.63
CA TYR E 36 -27.11 -1.23 20.86
C TYR E 36 -27.16 -2.14 22.08
N GLN E 37 -26.52 -1.72 23.16
CA GLN E 37 -26.55 -2.53 24.39
C GLN E 37 -26.45 -1.68 25.65
N ARG E 38 -27.34 -1.93 26.62
CA ARG E 38 -27.17 -1.33 27.98
C ARG E 38 -26.34 -2.30 28.79
N PRO E 39 -25.50 -1.81 29.73
CA PRO E 39 -24.67 -2.78 30.49
C PRO E 39 -25.47 -3.95 31.10
N GLY E 40 -24.93 -5.16 30.97
CA GLY E 40 -25.63 -6.38 31.38
C GLY E 40 -26.90 -6.71 30.60
N GLY E 41 -27.16 -5.96 29.53
CA GLY E 41 -28.35 -6.18 28.72
C GLY E 41 -28.06 -6.97 27.46
N ARG E 42 -29.15 -7.26 26.75
CA ARG E 42 -29.12 -7.96 25.47
C ARG E 42 -28.45 -7.09 24.43
N LEU E 43 -28.03 -7.73 23.34
CA LEU E 43 -27.48 -7.06 22.19
C LEU E 43 -28.59 -6.79 21.15
N VAL E 44 -28.98 -5.54 20.97
CA VAL E 44 -30.14 -5.23 20.10
C VAL E 44 -29.67 -4.71 18.73
N SER E 45 -30.11 -5.36 17.65
CA SER E 45 -29.81 -4.90 16.30
C SER E 45 -30.49 -3.57 15.98
N LEU E 46 -29.72 -2.59 15.53
CA LEU E 46 -30.29 -1.27 15.17
C LEU E 46 -30.49 -1.11 13.68
N LEU E 47 -29.47 -1.53 12.94
CA LEU E 47 -29.34 -1.28 11.52
C LEU E 47 -28.55 -2.38 10.86
N TYR E 48 -29.04 -2.81 9.70
CA TYR E 48 -28.29 -3.68 8.81
C TYR E 48 -28.19 -2.97 7.46
N SER E 49 -26.98 -2.74 6.99
CA SER E 49 -26.82 -2.05 5.70
C SER E 49 -25.79 -2.75 4.84
N PRO E 50 -26.25 -3.51 3.84
CA PRO E 50 -25.33 -4.05 2.86
C PRO E 50 -24.79 -2.92 1.99
N SER E 51 -23.60 -3.10 1.42
CA SER E 51 -22.92 -1.99 0.73
C SER E 51 -23.67 -1.57 -0.53
N TRP E 52 -24.57 -2.41 -1.00
CA TRP E 52 -25.30 -2.14 -2.23
C TRP E 52 -26.73 -1.65 -1.99
N ALA E 53 -27.17 -1.60 -0.72
CA ALA E 53 -28.57 -1.26 -0.45
C ALA E 53 -28.73 0.23 -0.24
N GLU E 54 -29.93 0.75 -0.50
CA GLU E 54 -30.25 2.15 -0.22
C GLU E 54 -30.62 2.29 1.26
N GLN E 55 -30.09 3.32 1.90
CA GLN E 55 -30.48 3.65 3.28
C GLN E 55 -31.97 3.99 3.37
N ARG E 56 -32.60 3.63 4.48
CA ARG E 56 -33.99 3.97 4.71
C ARG E 56 -34.05 5.06 5.76
N GLY E 57 -34.40 6.29 5.33
CA GLY E 57 -34.49 7.46 6.22
C GLY E 57 -35.21 7.28 7.55
N GLY E 58 -34.82 8.09 8.53
CA GLY E 58 -35.31 7.93 9.92
C GLY E 58 -34.40 8.61 10.91
N ARG E 59 -34.65 8.38 12.20
CA ARG E 59 -33.90 9.04 13.26
C ARG E 59 -32.48 8.47 13.32
N LEU E 60 -32.40 7.18 13.00
CA LEU E 60 -31.17 6.42 12.97
C LEU E 60 -30.85 6.04 11.52
N THR E 61 -29.69 6.49 11.04
CA THR E 61 -29.21 6.16 9.69
C THR E 61 -27.71 5.91 9.68
N SER E 62 -27.22 5.40 8.55
CA SER E 62 -25.79 5.25 8.32
C SER E 62 -25.41 5.78 6.96
N SER E 63 -24.11 5.96 6.77
CA SER E 63 -23.54 6.39 5.51
C SER E 63 -22.09 5.96 5.46
N ALA E 64 -21.61 5.69 4.24
CA ALA E 64 -20.20 5.36 4.03
C ALA E 64 -19.45 6.62 3.57
N ALA E 65 -18.22 6.77 4.05
CA ALA E 65 -17.35 7.87 3.60
C ALA E 65 -16.88 7.61 2.19
N SER E 66 -16.82 8.67 1.39
CA SER E 66 -16.65 8.55 -0.07
C SER E 66 -15.40 7.77 -0.53
N ASN E 67 -14.20 8.28 -0.26
CA ASN E 67 -12.96 7.64 -0.75
C ASN E 67 -12.40 6.60 0.23
N GLU E 68 -13.09 6.48 1.37
CA GLU E 68 -12.53 5.96 2.59
C GLU E 68 -13.23 4.70 3.08
N SER E 69 -12.44 3.80 3.68
CA SER E 69 -12.94 2.62 4.37
C SER E 69 -13.49 2.98 5.78
N ARG E 70 -14.64 3.65 5.78
CA ARG E 70 -15.21 4.21 7.00
C ARG E 70 -16.69 4.45 6.83
N SER E 71 -17.49 3.99 7.79
CA SER E 71 -18.91 4.34 7.83
C SER E 71 -19.33 4.91 9.17
N SER E 72 -20.40 5.68 9.15
CA SER E 72 -20.88 6.36 10.33
C SER E 72 -22.29 5.91 10.69
N LEU E 73 -22.61 5.95 11.99
CA LEU E 73 -23.99 5.88 12.42
C LEU E 73 -24.41 7.29 12.75
N HIS E 74 -25.61 7.64 12.32
CA HIS E 74 -26.14 8.97 12.58
C HIS E 74 -27.38 8.85 13.45
N ILE E 75 -27.36 9.55 14.57
CA ILE E 75 -28.51 9.58 15.46
C ILE E 75 -29.02 10.99 15.48
N SER E 76 -30.24 11.17 15.00
CA SER E 76 -30.89 12.46 14.95
C SER E 76 -31.55 12.75 16.28
N SER E 77 -31.32 13.93 16.85
CA SER E 77 -32.11 14.43 17.99
C SER E 77 -32.06 13.46 19.20
N SER E 78 -30.87 13.35 19.79
CA SER E 78 -30.61 12.27 20.75
C SER E 78 -31.49 12.42 22.00
N GLN E 79 -31.99 11.29 22.50
CA GLN E 79 -32.81 11.23 23.71
C GLN E 79 -32.05 10.52 24.82
N ILE E 80 -32.49 10.71 26.07
CA ILE E 80 -31.74 10.15 27.21
C ILE E 80 -31.72 8.61 27.12
N THR E 81 -32.74 8.04 26.52
CA THR E 81 -32.84 6.60 26.36
C THR E 81 -31.94 6.04 25.22
N ASP E 82 -31.26 6.90 24.48
CA ASP E 82 -30.25 6.39 23.52
C ASP E 82 -28.94 6.03 24.23
N SER E 83 -28.84 6.36 25.52
CA SER E 83 -27.62 6.16 26.30
C SER E 83 -27.34 4.65 26.37
N GLY E 84 -26.10 4.27 26.13
CA GLY E 84 -25.72 2.85 26.08
C GLY E 84 -24.49 2.64 25.25
N THR E 85 -24.18 1.38 24.96
CA THR E 85 -23.02 1.08 24.13
C THR E 85 -23.47 0.77 22.68
N TYR E 86 -22.76 1.34 21.70
CA TYR E 86 -23.09 1.04 20.28
C TYR E 86 -21.96 0.25 19.66
N LEU E 87 -22.23 -0.95 19.18
CA LEU E 87 -21.19 -1.77 18.59
C LEU E 87 -21.35 -1.83 17.09
N CYS E 88 -20.23 -1.67 16.36
CA CYS E 88 -20.17 -1.87 14.91
C CYS E 88 -19.64 -3.28 14.56
N ALA E 89 -20.26 -3.92 13.58
CA ALA E 89 -19.76 -5.18 13.02
C ALA E 89 -19.74 -5.13 11.51
N ILE E 90 -18.63 -5.59 10.93
CA ILE E 90 -18.41 -5.60 9.48
C ILE E 90 -18.26 -7.02 8.99
N ALA E 91 -19.01 -7.38 7.95
CA ALA E 91 -18.68 -8.55 7.12
C ALA E 91 -17.96 -8.06 5.85
N SER E 92 -16.91 -8.77 5.46
CA SER E 92 -16.11 -8.34 4.30
C SER E 92 -16.55 -8.98 2.99
N SER E 93 -17.32 -10.06 3.10
CA SER E 93 -17.88 -10.75 1.95
C SER E 93 -19.02 -11.61 2.49
N SER E 94 -19.79 -12.26 1.62
CA SER E 94 -20.87 -13.11 2.13
C SER E 94 -20.33 -14.35 2.87
N PHE E 95 -19.04 -14.64 2.70
CA PHE E 95 -18.41 -15.79 3.34
C PHE E 95 -17.65 -15.53 4.64
N SER E 96 -17.29 -14.28 4.88
CA SER E 96 -16.43 -13.99 6.00
C SER E 96 -17.20 -14.04 7.32
N LYS E 97 -16.46 -13.83 8.39
CA LYS E 97 -17.05 -13.71 9.70
C LYS E 97 -17.49 -12.27 9.91
N LEU E 98 -18.36 -12.08 10.88
CA LEU E 98 -18.80 -10.78 11.30
C LEU E 98 -17.78 -10.31 12.32
N VAL E 99 -17.01 -9.27 11.98
CA VAL E 99 -15.92 -8.79 12.84
C VAL E 99 -16.37 -7.53 13.58
N PHE E 100 -16.27 -7.55 14.92
CA PHE E 100 -16.87 -6.54 15.79
C PHE E 100 -15.85 -5.53 16.27
N GLY E 101 -16.22 -4.25 16.25
CA GLY E 101 -15.46 -3.24 16.96
C GLY E 101 -15.56 -3.44 18.47
N GLN E 102 -14.94 -2.51 19.20
CA GLN E 102 -14.91 -2.56 20.65
C GLN E 102 -15.96 -1.61 21.25
N GLY E 103 -16.72 -0.93 20.39
CA GLY E 103 -17.85 -0.13 20.82
C GLY E 103 -17.57 1.31 21.21
N THR E 104 -18.62 2.13 21.14
CA THR E 104 -18.61 3.50 21.64
C THR E 104 -19.59 3.57 22.78
N SER E 105 -19.14 4.14 23.89
CA SER E 105 -20.03 4.47 25.01
C SER E 105 -20.71 5.83 24.75
N LEU E 106 -22.03 5.83 24.61
CA LEU E 106 -22.77 7.08 24.43
C LEU E 106 -23.57 7.45 25.69
N SER E 107 -23.34 8.65 26.19
CA SER E 107 -24.14 9.17 27.29
C SER E 107 -24.95 10.38 26.82
N VAL E 108 -26.27 10.26 26.82
CA VAL E 108 -27.12 11.40 26.50
C VAL E 108 -27.74 11.92 27.79
N VAL E 109 -27.48 13.20 28.07
CA VAL E 109 -27.70 13.82 29.37
C VAL E 109 -28.90 14.83 29.27
N PRO E 110 -29.70 15.01 30.36
CA PRO E 110 -30.85 15.88 30.19
C PRO E 110 -30.50 17.35 30.27
N ASN E 111 -31.31 18.17 29.60
CA ASN E 111 -31.24 19.62 29.71
C ASN E 111 -32.09 20.02 30.91
N ILE E 112 -31.44 20.21 32.04
CA ILE E 112 -32.13 20.68 33.25
C ILE E 112 -32.36 22.19 33.14
N GLN E 113 -33.62 22.60 32.97
CA GLN E 113 -33.94 24.02 32.72
C GLN E 113 -33.61 24.92 33.92
N ASN E 114 -34.09 24.52 35.10
CA ASN E 114 -33.91 25.27 36.34
C ASN E 114 -33.39 24.36 37.46
N PRO E 115 -32.06 24.18 37.54
CA PRO E 115 -31.53 23.27 38.56
C PRO E 115 -31.87 23.69 39.99
N ASP E 116 -31.98 22.70 40.87
CA ASP E 116 -32.34 22.98 42.24
C ASP E 116 -31.55 22.07 43.20
N PRO E 117 -30.20 22.08 43.09
CA PRO E 117 -29.36 21.14 43.80
C PRO E 117 -29.66 21.04 45.29
N ALA E 118 -29.91 19.82 45.78
CA ALA E 118 -30.20 19.66 47.20
C ALA E 118 -29.75 18.31 47.72
N VAL E 119 -29.42 18.26 49.02
CA VAL E 119 -29.04 17.00 49.69
C VAL E 119 -30.07 16.78 50.78
N TYR E 120 -30.77 15.64 50.69
CA TYR E 120 -31.89 15.33 51.57
C TYR E 120 -31.54 14.06 52.34
N GLN E 121 -31.99 13.98 53.58
CA GLN E 121 -31.93 12.72 54.32
C GLN E 121 -33.24 12.00 54.21
N LEU E 122 -33.19 10.73 53.82
CA LEU E 122 -34.41 9.94 53.79
C LEU E 122 -34.79 9.28 55.14
N ARG E 123 -36.07 8.91 55.27
CA ARG E 123 -36.53 8.14 56.41
C ARG E 123 -35.77 6.83 56.56
N ASP E 124 -35.44 6.49 57.79
CA ASP E 124 -34.90 5.18 58.12
C ASP E 124 -35.89 4.07 57.74
N SER E 125 -35.36 2.91 57.37
CA SER E 125 -36.16 1.70 57.21
C SER E 125 -36.12 0.90 58.52
N LYS E 126 -37.28 0.42 58.94
CA LYS E 126 -37.42 -0.31 60.21
C LYS E 126 -36.72 -1.66 60.18
N SER E 127 -36.33 -2.11 58.99
CA SER E 127 -35.61 -3.35 58.85
C SER E 127 -34.16 -3.16 58.33
N SER E 128 -33.63 -1.93 58.39
CA SER E 128 -32.22 -1.69 58.02
C SER E 128 -31.46 -0.76 59.01
N ASP E 129 -30.14 -0.95 59.11
CA ASP E 129 -29.27 -0.07 59.89
C ASP E 129 -28.70 1.13 59.11
N LYS E 130 -29.07 1.22 57.82
CA LYS E 130 -28.49 2.25 56.96
C LYS E 130 -29.19 3.60 57.10
N SER E 131 -28.40 4.67 57.07
CA SER E 131 -28.89 6.01 56.79
C SER E 131 -28.63 6.28 55.30
N VAL E 132 -29.58 6.93 54.63
CA VAL E 132 -29.42 7.23 53.19
C VAL E 132 -29.63 8.70 52.89
N CYS E 133 -28.73 9.25 52.09
CA CYS E 133 -28.79 10.66 51.73
C CYS E 133 -28.96 10.76 50.23
N LEU E 134 -29.75 11.73 49.80
CA LEU E 134 -30.03 11.90 48.40
C LEU E 134 -29.63 13.29 47.92
N PHE E 135 -28.65 13.31 47.00
CA PHE E 135 -28.25 14.53 46.30
C PHE E 135 -29.10 14.51 45.03
N THR E 136 -29.90 15.54 44.81
CA THR E 136 -30.82 15.53 43.66
C THR E 136 -31.03 16.89 43.05
N ASP E 137 -31.59 16.90 41.84
CA ASP E 137 -31.96 18.11 41.12
C ASP E 137 -30.76 18.97 40.65
N PHE E 138 -29.55 18.41 40.65
CA PHE E 138 -28.36 19.13 40.16
C PHE E 138 -28.25 19.11 38.65
N ASP E 139 -27.50 20.06 38.11
CA ASP E 139 -27.29 20.12 36.67
C ASP E 139 -26.40 18.96 36.16
N SER E 140 -26.55 18.64 34.89
CA SER E 140 -25.95 17.44 34.27
C SER E 140 -24.43 17.43 34.11
N GLN E 141 -23.78 18.57 34.31
CA GLN E 141 -22.32 18.61 34.28
C GLN E 141 -21.71 18.38 35.66
N THR E 142 -22.54 18.25 36.69
CA THR E 142 -22.05 17.95 38.04
C THR E 142 -21.38 16.58 38.07
N ASN E 143 -20.25 16.48 38.76
CA ASN E 143 -19.57 15.19 38.91
C ASN E 143 -19.64 14.74 40.35
N VAL E 144 -20.15 13.53 40.57
CA VAL E 144 -20.27 12.94 41.89
C VAL E 144 -19.03 12.09 42.12
N SER E 145 -18.25 12.41 43.13
CA SER E 145 -17.08 11.56 43.46
C SER E 145 -17.49 10.30 44.21
N GLN E 146 -16.78 9.20 43.93
CA GLN E 146 -16.86 7.99 44.75
C GLN E 146 -16.47 8.35 46.16
N SER E 147 -16.79 7.48 47.12
CA SER E 147 -16.46 7.70 48.52
C SER E 147 -14.97 7.55 48.81
N LYS E 148 -14.46 8.38 49.71
CA LYS E 148 -13.10 8.23 50.24
C LYS E 148 -13.08 7.20 51.36
N ASP E 149 -14.10 7.24 52.24
CA ASP E 149 -14.21 6.39 53.42
C ASP E 149 -14.79 5.02 53.07
N SER E 150 -14.30 3.97 53.73
CA SER E 150 -14.55 2.58 53.30
C SER E 150 -15.98 2.08 53.58
N ASP E 151 -16.53 2.45 54.73
CA ASP E 151 -17.89 2.05 55.14
C ASP E 151 -18.97 3.04 54.64
N VAL E 152 -18.61 3.92 53.71
CA VAL E 152 -19.56 4.84 53.06
C VAL E 152 -19.68 4.53 51.57
N TYR E 153 -20.90 4.41 51.09
CA TYR E 153 -21.16 4.03 49.71
C TYR E 153 -21.87 5.15 48.98
N ILE E 154 -21.31 5.54 47.84
CA ILE E 154 -21.87 6.63 47.02
C ILE E 154 -22.02 6.12 45.60
N THR E 155 -23.21 6.28 45.06
CA THR E 155 -23.48 5.86 43.68
C THR E 155 -23.12 6.98 42.69
N ASP E 156 -23.01 6.60 41.41
CA ASP E 156 -22.96 7.54 40.30
C ASP E 156 -24.37 8.10 39.99
N LYS E 157 -24.42 9.23 39.29
CA LYS E 157 -25.66 9.91 38.97
C LYS E 157 -26.48 9.10 37.96
N CYS E 158 -27.80 9.09 38.10
CA CYS E 158 -28.71 8.72 36.99
C CYS E 158 -29.83 9.73 36.76
N VAL E 159 -30.43 9.68 35.58
CA VAL E 159 -31.50 10.58 35.18
C VAL E 159 -32.79 9.79 35.27
N LEU E 160 -33.77 10.32 35.99
CA LEU E 160 -35.10 9.75 35.95
C LEU E 160 -36.01 10.70 35.15
N ASP E 161 -37.01 10.14 34.47
CA ASP E 161 -37.93 10.94 33.66
C ASP E 161 -39.36 10.75 34.16
N MET E 162 -39.94 11.77 34.77
CA MET E 162 -41.36 11.74 35.17
C MET E 162 -42.19 12.18 33.97
N ARG E 163 -42.78 11.21 33.26
CA ARG E 163 -43.41 11.48 31.95
C ARG E 163 -44.64 12.37 32.03
N SER E 164 -45.55 12.01 32.92
CA SER E 164 -46.75 12.82 33.18
C SER E 164 -46.44 14.30 33.50
N MET E 165 -45.38 14.55 34.24
CA MET E 165 -45.02 15.94 34.55
C MET E 165 -44.03 16.49 33.53
N ASP E 166 -43.65 15.64 32.57
CA ASP E 166 -42.64 15.98 31.58
C ASP E 166 -41.44 16.67 32.26
N PHE E 167 -40.86 15.98 33.26
CA PHE E 167 -39.82 16.57 34.12
C PHE E 167 -38.70 15.55 34.37
N LYS E 168 -37.46 15.96 34.16
CA LYS E 168 -36.31 15.08 34.33
C LYS E 168 -35.48 15.55 35.49
N SER E 169 -34.86 14.63 36.19
CA SER E 169 -33.93 15.03 37.22
C SER E 169 -32.82 13.99 37.40
N ASN E 170 -31.64 14.52 37.75
CA ASN E 170 -30.45 13.78 38.14
C ASN E 170 -30.42 13.57 39.66
N SER E 171 -29.93 12.43 40.09
CA SER E 171 -29.66 12.22 41.52
C SER E 171 -28.52 11.22 41.74
N ALA E 172 -27.95 11.25 42.94
CA ALA E 172 -27.02 10.22 43.41
C ALA E 172 -27.34 9.90 44.87
N VAL E 173 -27.00 8.70 45.28
CA VAL E 173 -27.32 8.23 46.61
C VAL E 173 -26.02 7.95 47.38
N ALA E 174 -26.03 8.29 48.67
CA ALA E 174 -24.97 7.91 49.60
C ALA E 174 -25.60 7.21 50.80
N TRP E 175 -24.95 6.15 51.29
CA TRP E 175 -25.43 5.48 52.47
C TRP E 175 -24.31 4.95 53.35
N SER E 176 -24.62 4.78 54.62
CA SER E 176 -23.68 4.19 55.59
C SER E 176 -24.43 3.87 56.87
N ASN E 177 -23.89 2.91 57.62
CA ASN E 177 -24.35 2.69 59.01
C ASN E 177 -23.42 3.27 60.10
N LYS E 178 -22.30 3.87 59.69
CA LYS E 178 -21.40 4.59 60.61
C LYS E 178 -22.15 5.59 61.46
N SER E 179 -21.99 5.49 62.78
CA SER E 179 -22.64 6.42 63.73
C SER E 179 -22.34 7.90 63.47
N ASP E 180 -21.19 8.19 62.88
CA ASP E 180 -20.77 9.58 62.59
C ASP E 180 -21.06 10.06 61.14
N PHE E 181 -22.08 9.48 60.51
CA PHE E 181 -22.45 9.80 59.12
C PHE E 181 -23.56 10.84 59.13
N ALA E 182 -23.34 11.98 58.51
CA ALA E 182 -24.39 12.98 58.35
C ALA E 182 -24.59 13.33 56.87
N CYS E 183 -25.82 13.70 56.51
CA CYS E 183 -26.10 14.08 55.13
C CYS E 183 -25.41 15.38 54.71
N ALA E 184 -25.21 16.28 55.68
CA ALA E 184 -24.43 17.52 55.48
C ALA E 184 -22.98 17.30 55.00
N ASN E 185 -22.44 16.10 55.25
CA ASN E 185 -21.04 15.81 54.95
C ASN E 185 -20.85 14.65 53.96
N ALA E 186 -21.94 14.02 53.54
CA ALA E 186 -21.85 12.79 52.73
C ALA E 186 -21.28 12.99 51.32
N PHE E 187 -21.51 14.16 50.72
CA PHE E 187 -21.02 14.40 49.38
C PHE E 187 -19.82 15.39 49.36
N ASN E 188 -19.11 15.43 50.50
CA ASN E 188 -17.94 16.31 50.71
C ASN E 188 -16.79 16.13 49.71
N ASN E 189 -16.65 14.96 49.12
CA ASN E 189 -15.67 14.74 48.08
C ASN E 189 -16.08 15.20 46.69
N SER E 190 -17.35 15.56 46.53
CA SER E 190 -17.77 16.12 45.26
C SER E 190 -17.62 17.63 45.30
N ILE E 191 -17.41 18.24 44.15
CA ILE E 191 -17.50 19.68 44.05
C ILE E 191 -18.90 20.01 43.54
N ILE E 192 -19.70 20.58 44.43
CA ILE E 192 -21.13 20.78 44.20
C ILE E 192 -21.43 22.28 44.18
N PRO E 193 -22.56 22.70 43.59
CA PRO E 193 -22.80 24.17 43.55
C PRO E 193 -22.86 24.82 44.93
N GLU E 194 -22.45 26.09 44.99
CA GLU E 194 -22.40 26.84 46.25
C GLU E 194 -23.81 27.09 46.82
N ASP E 195 -24.81 27.15 45.95
CA ASP E 195 -26.17 27.29 46.44
C ASP E 195 -26.96 25.97 46.59
N THR E 196 -26.24 24.85 46.77
CA THR E 196 -26.89 23.57 47.07
C THR E 196 -27.63 23.71 48.39
N PHE E 197 -28.90 23.32 48.39
CA PHE E 197 -29.80 23.39 49.56
C PHE E 197 -29.59 22.26 50.58
N PHE E 198 -29.22 22.64 51.80
CA PHE E 198 -29.09 21.70 52.90
C PHE E 198 -30.12 22.09 53.94
N PRO E 199 -31.22 21.32 54.04
CA PRO E 199 -32.29 21.78 54.93
C PRO E 199 -31.87 21.62 56.40
N SER E 200 -32.12 22.64 57.21
CA SER E 200 -31.62 22.68 58.60
C SER E 200 -32.22 21.62 59.55
N ALA F 3 -37.20 -15.00 17.52
CA ALA F 3 -36.39 -15.52 16.37
C ALA F 3 -35.21 -16.43 16.83
N VAL F 4 -34.42 -16.00 17.81
CA VAL F 4 -33.36 -16.85 18.37
C VAL F 4 -33.46 -16.89 19.89
N THR F 5 -33.59 -18.08 20.46
CA THR F 5 -33.66 -18.22 21.93
C THR F 5 -32.43 -18.90 22.51
N GLN F 6 -32.20 -18.73 23.80
CA GLN F 6 -31.03 -19.32 24.48
C GLN F 6 -31.46 -19.84 25.80
N SER F 7 -30.81 -20.90 26.27
CA SER F 7 -31.07 -21.39 27.62
C SER F 7 -29.84 -22.10 28.21
N PRO F 8 -29.65 -22.02 29.56
CA PRO F 8 -30.43 -21.22 30.53
C PRO F 8 -30.15 -19.74 30.30
N ARG F 9 -30.96 -18.87 30.93
CA ARG F 9 -30.78 -17.43 30.79
C ARG F 9 -29.58 -16.97 31.60
N SER F 10 -29.20 -17.79 32.56
CA SER F 10 -28.14 -17.47 33.49
C SER F 10 -27.60 -18.77 34.08
N LYS F 11 -26.35 -18.76 34.50
CA LYS F 11 -25.77 -19.94 35.08
C LYS F 11 -24.63 -19.61 36.03
N VAL F 12 -24.60 -20.30 37.16
CA VAL F 12 -23.46 -20.25 38.06
C VAL F 12 -22.91 -21.68 38.18
N ALA F 13 -21.63 -21.84 37.84
CA ALA F 13 -21.00 -23.15 37.86
C ALA F 13 -19.71 -23.13 38.68
N VAL F 14 -19.21 -24.31 39.02
CA VAL F 14 -17.92 -24.40 39.71
C VAL F 14 -16.81 -24.84 38.73
N THR F 15 -15.58 -24.42 38.98
CA THR F 15 -14.39 -24.93 38.28
C THR F 15 -14.43 -26.44 38.19
N GLY F 16 -14.13 -26.97 37.00
CA GLY F 16 -14.15 -28.41 36.80
C GLY F 16 -15.50 -28.98 36.41
N GLY F 17 -16.56 -28.17 36.54
CA GLY F 17 -17.89 -28.66 36.21
C GLY F 17 -18.17 -28.68 34.71
N LYS F 18 -19.15 -29.48 34.29
CA LYS F 18 -19.61 -29.48 32.93
C LYS F 18 -20.86 -28.59 32.77
N VAL F 19 -20.78 -27.69 31.81
CA VAL F 19 -21.82 -26.72 31.49
C VAL F 19 -22.14 -26.80 30.02
N THR F 20 -23.43 -26.79 29.73
CA THR F 20 -23.94 -26.84 28.40
C THR F 20 -24.87 -25.64 28.18
N LEU F 21 -24.56 -24.82 27.16
CA LEU F 21 -25.47 -23.74 26.77
C LEU F 21 -26.15 -24.11 25.47
N SER F 22 -27.45 -23.85 25.39
CA SER F 22 -28.24 -24.22 24.23
C SER F 22 -28.79 -23.01 23.53
N CYS F 23 -28.84 -23.13 22.21
CA CYS F 23 -29.37 -22.11 21.32
C CYS F 23 -30.34 -22.76 20.35
N HIS F 24 -31.45 -22.08 20.10
CA HIS F 24 -32.55 -22.64 19.32
C HIS F 24 -33.15 -21.62 18.36
N GLN F 25 -33.41 -22.07 17.13
CA GLN F 25 -33.98 -21.18 16.10
C GLN F 25 -34.83 -21.94 15.09
N THR F 26 -36.03 -21.42 14.81
CA THR F 26 -36.83 -22.02 13.75
C THR F 26 -37.07 -21.01 12.64
N ASN F 27 -36.02 -20.33 12.19
CA ASN F 27 -36.10 -19.37 11.09
C ASN F 27 -35.82 -20.02 9.74
N ASN F 28 -35.57 -21.32 9.71
CA ASN F 28 -35.02 -21.96 8.49
C ASN F 28 -33.62 -21.37 8.15
N HIS F 29 -32.79 -21.17 9.17
CA HIS F 29 -31.47 -20.54 8.96
C HIS F 29 -30.39 -21.63 8.81
N ASP F 30 -29.32 -21.28 8.09
CA ASP F 30 -28.26 -22.24 7.80
C ASP F 30 -27.15 -22.23 8.83
N TYR F 31 -26.54 -21.07 9.05
CA TYR F 31 -25.46 -20.90 10.02
C TYR F 31 -25.97 -20.68 11.47
N MET F 32 -25.16 -21.11 12.45
CA MET F 32 -25.41 -20.77 13.84
C MET F 32 -24.04 -20.55 14.43
N TYR F 33 -23.94 -19.64 15.40
CA TYR F 33 -22.68 -19.17 15.92
C TYR F 33 -22.70 -19.15 17.43
N TRP F 34 -21.54 -19.35 18.05
CA TRP F 34 -21.40 -19.02 19.45
C TRP F 34 -20.32 -17.98 19.65
N TYR F 35 -20.70 -16.86 20.27
CA TYR F 35 -19.74 -15.80 20.64
C TYR F 35 -19.64 -15.62 22.16
N ARG F 36 -18.49 -15.13 22.64
CA ARG F 36 -18.46 -14.64 24.01
C ARG F 36 -18.20 -13.15 23.97
N GLN F 37 -18.69 -12.46 25.00
CA GLN F 37 -18.44 -11.04 25.18
C GLN F 37 -17.89 -10.85 26.55
N ASP F 38 -16.85 -10.05 26.65
CA ASP F 38 -16.25 -9.68 27.92
C ASP F 38 -16.24 -8.17 28.07
N THR F 39 -16.83 -7.68 29.15
CA THR F 39 -16.90 -6.24 29.42
C THR F 39 -15.50 -5.65 29.50
N GLY F 40 -15.10 -4.85 28.50
CA GLY F 40 -15.97 -4.52 27.34
C GLY F 40 -15.24 -4.11 26.07
N HIS F 41 -15.73 -4.50 24.87
CA HIS F 41 -17.03 -5.23 24.65
C HIS F 41 -17.30 -5.97 23.33
N GLY F 42 -16.33 -6.12 22.42
CA GLY F 42 -16.59 -6.79 21.13
C GLY F 42 -16.84 -8.28 21.31
N LEU F 43 -17.73 -8.86 20.52
CA LEU F 43 -17.95 -10.30 20.59
C LEU F 43 -16.78 -11.05 19.91
N ARG F 44 -16.44 -12.22 20.45
CA ARG F 44 -15.46 -13.10 19.83
C ARG F 44 -16.06 -14.46 19.53
N LEU F 45 -15.86 -14.92 18.31
CA LEU F 45 -16.43 -16.15 17.79
C LEU F 45 -15.72 -17.42 18.35
N ILE F 46 -16.50 -18.32 18.95
CA ILE F 46 -15.93 -19.52 19.55
C ILE F 46 -16.01 -20.71 18.58
N HIS F 47 -17.20 -20.96 18.05
CA HIS F 47 -17.52 -22.04 17.14
C HIS F 47 -18.71 -21.60 16.28
N TYR F 48 -18.87 -22.21 15.11
CA TYR F 48 -20.00 -21.94 14.26
C TYR F 48 -20.36 -23.16 13.48
N SER F 49 -21.37 -23.10 12.64
CA SER F 49 -21.85 -24.32 11.99
C SER F 49 -22.62 -23.97 10.75
N TYR F 50 -22.58 -24.85 9.74
CA TYR F 50 -23.13 -24.60 8.39
C TYR F 50 -24.43 -25.31 8.15
N VAL F 51 -24.56 -26.46 8.80
CA VAL F 51 -25.66 -27.39 8.53
C VAL F 51 -25.67 -28.44 9.65
N ALA F 52 -26.82 -29.07 9.87
CA ALA F 52 -26.92 -30.22 10.78
C ALA F 52 -25.66 -31.09 10.78
N ASP F 53 -25.20 -31.47 11.98
CA ASP F 53 -24.17 -32.50 12.18
C ASP F 53 -22.78 -32.07 11.77
N SER F 54 -22.53 -30.78 11.68
CA SER F 54 -21.16 -30.31 11.52
C SER F 54 -20.91 -29.03 12.29
N THR F 55 -19.65 -28.81 12.61
CA THR F 55 -19.19 -27.80 13.55
C THR F 55 -17.85 -27.29 13.01
N GLU F 56 -17.64 -25.99 13.04
CA GLU F 56 -16.35 -25.45 12.68
C GLU F 56 -15.83 -24.60 13.81
N LYS F 57 -14.51 -24.59 13.96
CA LYS F 57 -13.85 -23.84 14.98
C LYS F 57 -13.82 -22.36 14.61
N GLY F 58 -14.08 -21.49 15.59
CA GLY F 58 -14.06 -20.05 15.39
C GLY F 58 -12.67 -19.53 15.65
N ASP F 59 -12.59 -18.32 16.20
CA ASP F 59 -11.31 -17.70 16.55
C ASP F 59 -10.75 -18.16 17.88
N ILE F 60 -11.61 -18.37 18.87
CA ILE F 60 -11.11 -18.74 20.21
C ILE F 60 -11.75 -20.03 20.71
N PRO F 61 -11.53 -21.13 19.98
CA PRO F 61 -12.24 -22.36 20.30
C PRO F 61 -11.71 -23.14 21.53
N ASP F 62 -10.54 -22.77 22.06
CA ASP F 62 -9.95 -23.51 23.19
C ASP F 62 -10.84 -23.46 24.45
N GLY F 63 -11.12 -24.65 25.00
CA GLY F 63 -11.96 -24.80 26.22
C GLY F 63 -13.41 -25.16 25.93
N TYR F 64 -13.76 -25.21 24.65
CA TYR F 64 -15.15 -25.36 24.27
C TYR F 64 -15.31 -26.40 23.19
N LYS F 65 -16.44 -27.08 23.23
CA LYS F 65 -16.89 -27.88 22.10
C LYS F 65 -18.28 -27.42 21.68
N ALA F 66 -18.65 -27.76 20.44
CA ALA F 66 -19.93 -27.35 19.91
C ALA F 66 -20.59 -28.56 19.36
N SER F 67 -21.90 -28.53 19.31
CA SER F 67 -22.65 -29.64 18.77
C SER F 67 -23.84 -29.07 17.99
N ARG F 68 -24.11 -29.64 16.81
CA ARG F 68 -25.21 -29.21 15.98
C ARG F 68 -26.10 -30.40 15.68
N PRO F 69 -26.92 -30.87 16.66
CA PRO F 69 -27.65 -32.12 16.42
C PRO F 69 -28.74 -32.04 15.35
N SER F 70 -29.19 -30.83 15.03
CA SER F 70 -30.19 -30.62 14.01
C SER F 70 -30.06 -29.20 13.48
N GLN F 71 -30.83 -28.86 12.43
CA GLN F 71 -30.84 -27.51 11.85
C GLN F 71 -31.20 -26.42 12.88
N GLU F 72 -32.10 -26.77 13.81
CA GLU F 72 -32.64 -25.84 14.82
C GLU F 72 -31.74 -25.57 16.03
N ASN F 73 -30.93 -26.55 16.42
CA ASN F 73 -30.23 -26.52 17.70
C ASN F 73 -28.74 -26.43 17.53
N PHE F 74 -28.11 -25.62 18.36
CA PHE F 74 -26.65 -25.50 18.41
C PHE F 74 -26.30 -25.32 19.88
N SER F 75 -25.50 -26.23 20.42
CA SER F 75 -25.04 -26.20 21.79
C SER F 75 -23.56 -25.90 21.92
N LEU F 76 -23.22 -25.20 22.99
CA LEU F 76 -21.84 -24.97 23.37
C LEU F 76 -21.64 -25.77 24.65
N ILE F 77 -20.60 -26.59 24.67
CA ILE F 77 -20.28 -27.46 25.79
C ILE F 77 -18.95 -27.03 26.38
N LEU F 78 -18.96 -26.77 27.68
CA LEU F 78 -17.75 -26.55 28.45
C LEU F 78 -17.58 -27.78 29.35
N GLU F 79 -16.67 -28.68 28.96
CA GLU F 79 -16.49 -29.95 29.68
C GLU F 79 -15.84 -29.76 31.06
N LEU F 80 -14.92 -28.80 31.17
CA LEU F 80 -14.24 -28.49 32.44
C LEU F 80 -14.19 -26.99 32.69
N ALA F 81 -15.25 -26.44 33.27
CA ALA F 81 -15.32 -25.00 33.43
C ALA F 81 -14.08 -24.45 34.13
N SER F 82 -13.53 -23.35 33.62
CA SER F 82 -12.49 -22.63 34.32
C SER F 82 -12.90 -21.19 34.50
N LEU F 83 -12.24 -20.51 35.41
CA LEU F 83 -12.58 -19.15 35.81
C LEU F 83 -12.57 -18.16 34.65
N SER F 84 -11.64 -18.36 33.72
CA SER F 84 -11.51 -17.52 32.54
C SER F 84 -12.75 -17.61 31.61
N GLN F 85 -13.65 -18.53 31.90
CA GLN F 85 -14.83 -18.69 31.07
C GLN F 85 -16.06 -17.92 31.61
N THR F 86 -15.84 -17.17 32.69
CA THR F 86 -16.83 -16.20 33.18
C THR F 86 -16.99 -15.14 32.09
N ALA F 87 -18.20 -15.03 31.55
CA ALA F 87 -18.47 -14.14 30.40
C ALA F 87 -19.96 -14.16 30.09
N VAL F 88 -20.40 -13.31 29.16
CA VAL F 88 -21.72 -13.42 28.57
C VAL F 88 -21.60 -14.13 27.20
N TYR F 89 -22.49 -15.08 26.90
CA TYR F 89 -22.42 -15.83 25.67
C TYR F 89 -23.62 -15.51 24.81
N PHE F 90 -23.37 -15.19 23.55
CA PHE F 90 -24.46 -14.98 22.62
C PHE F 90 -24.47 -16.03 21.52
N CYS F 91 -25.65 -16.58 21.31
CA CYS F 91 -25.93 -17.38 20.13
C CYS F 91 -26.34 -16.41 18.99
N ALA F 92 -26.25 -16.87 17.74
CA ALA F 92 -26.74 -16.10 16.58
C ALA F 92 -27.03 -17.05 15.45
N SER F 93 -27.91 -16.70 14.53
CA SER F 93 -28.11 -17.50 13.33
C SER F 93 -28.19 -16.60 12.10
N ARG F 94 -28.09 -17.21 10.91
CA ARG F 94 -28.34 -16.50 9.65
C ARG F 94 -28.68 -17.45 8.52
N LEU F 95 -29.46 -16.94 7.57
CA LEU F 95 -29.71 -17.60 6.31
C LEU F 95 -28.54 -17.23 5.41
N GLY F 96 -28.05 -18.19 4.60
CA GLY F 96 -27.00 -17.88 3.61
C GLY F 96 -25.77 -17.26 4.27
N GLY F 97 -25.32 -16.08 3.85
CA GLY F 97 -26.03 -15.20 3.00
C GLY F 97 -26.06 -13.85 3.70
N TYR F 98 -27.01 -13.72 4.63
CA TYR F 98 -27.56 -12.43 5.02
C TYR F 98 -27.22 -11.97 6.46
N GLU F 99 -28.12 -11.17 7.02
CA GLU F 99 -27.94 -10.62 8.34
C GLU F 99 -28.03 -11.68 9.47
N GLN F 100 -27.14 -11.53 10.44
CA GLN F 100 -27.12 -12.32 11.67
C GLN F 100 -28.11 -11.80 12.72
N TYR F 101 -28.94 -12.73 13.21
CA TYR F 101 -29.92 -12.47 14.29
C TYR F 101 -29.38 -13.05 15.59
N PHE F 102 -29.37 -12.25 16.65
CA PHE F 102 -28.75 -12.64 17.89
C PHE F 102 -29.75 -13.08 18.94
N GLY F 103 -29.33 -14.03 19.78
CA GLY F 103 -30.14 -14.44 20.95
C GLY F 103 -29.94 -13.47 22.10
N PRO F 104 -30.67 -13.66 23.19
CA PRO F 104 -30.63 -12.66 24.26
C PRO F 104 -29.41 -12.77 25.19
N GLY F 105 -28.61 -13.83 25.06
CA GLY F 105 -27.43 -13.95 25.91
C GLY F 105 -27.67 -14.76 27.16
N THR F 106 -26.57 -15.33 27.66
CA THR F 106 -26.52 -16.10 28.88
C THR F 106 -25.33 -15.60 29.67
N ARG F 107 -25.54 -15.21 30.92
CA ARG F 107 -24.43 -14.80 31.78
C ARG F 107 -23.96 -16.04 32.49
N LEU F 108 -22.68 -16.36 32.30
CA LEU F 108 -22.10 -17.47 33.01
C LEU F 108 -21.08 -16.97 34.00
N THR F 109 -21.16 -17.48 35.23
CA THR F 109 -20.15 -17.16 36.24
C THR F 109 -19.49 -18.45 36.70
N VAL F 110 -18.17 -18.56 36.52
CA VAL F 110 -17.53 -19.79 36.97
C VAL F 110 -16.83 -19.44 38.26
N LEU F 111 -16.98 -20.29 39.27
CA LEU F 111 -16.47 -20.02 40.62
C LEU F 111 -15.67 -21.18 41.21
N GLU F 112 -14.64 -20.86 42.00
CA GLU F 112 -13.91 -21.89 42.77
C GLU F 112 -14.88 -22.77 43.58
N ASP F 113 -15.74 -22.15 44.39
CA ASP F 113 -16.88 -22.88 44.98
C ASP F 113 -18.11 -22.00 45.18
N LEU F 114 -19.24 -22.66 45.44
CA LEU F 114 -20.51 -21.95 45.57
C LEU F 114 -20.70 -21.24 46.91
N LYS F 115 -19.72 -21.38 47.81
CA LYS F 115 -19.89 -20.89 49.19
C LYS F 115 -20.00 -19.37 49.32
N ASN F 116 -19.58 -18.62 48.30
CA ASN F 116 -19.61 -17.19 48.41
C ASN F 116 -20.81 -16.54 47.65
N VAL F 117 -21.75 -17.38 47.20
CA VAL F 117 -22.99 -16.95 46.52
C VAL F 117 -24.06 -16.47 47.52
N PHE F 118 -24.45 -15.21 47.42
CA PHE F 118 -25.45 -14.65 48.33
C PHE F 118 -26.57 -13.95 47.56
N PRO F 119 -27.81 -14.12 48.01
CA PRO F 119 -28.92 -13.35 47.40
C PRO F 119 -28.94 -11.95 47.97
N PRO F 120 -29.65 -11.01 47.32
CA PRO F 120 -29.67 -9.68 47.90
C PRO F 120 -30.55 -9.53 49.14
N GLU F 121 -30.19 -8.61 50.02
CA GLU F 121 -31.14 -8.08 50.98
C GLU F 121 -31.64 -6.77 50.38
N VAL F 122 -32.91 -6.47 50.57
CA VAL F 122 -33.54 -5.31 49.92
C VAL F 122 -34.25 -4.45 50.97
N ALA F 123 -34.04 -3.14 50.90
CA ALA F 123 -34.72 -2.20 51.78
C ALA F 123 -35.17 -1.00 50.96
N VAL F 124 -36.35 -0.49 51.30
CA VAL F 124 -36.89 0.76 50.76
C VAL F 124 -36.80 1.88 51.79
N PHE F 125 -36.44 3.07 51.34
CA PHE F 125 -36.30 4.24 52.20
C PHE F 125 -37.21 5.30 51.67
N GLU F 126 -38.06 5.81 52.57
CA GLU F 126 -39.19 6.70 52.24
C GLU F 126 -38.72 8.13 52.09
N PRO F 127 -39.45 8.94 51.31
CA PRO F 127 -39.01 10.30 50.96
C PRO F 127 -38.80 11.25 52.13
N SER F 128 -37.84 12.14 51.96
CA SER F 128 -37.57 13.19 52.89
C SER F 128 -38.75 14.17 52.88
N GLU F 129 -39.26 14.49 54.05
CA GLU F 129 -40.27 15.53 54.15
C GLU F 129 -39.70 16.88 53.75
N ALA F 130 -38.39 17.07 53.90
CA ALA F 130 -37.79 18.29 53.38
C ALA F 130 -37.83 18.34 51.84
N GLU F 131 -37.59 17.19 51.20
CA GLU F 131 -37.72 17.16 49.76
C GLU F 131 -39.15 17.54 49.39
N ILE F 132 -40.10 17.05 50.16
CA ILE F 132 -41.51 17.27 49.84
C ILE F 132 -41.88 18.76 49.93
N SER F 133 -41.44 19.45 50.98
CA SER F 133 -41.71 20.88 51.12
C SER F 133 -40.99 21.73 50.08
N HIS F 134 -39.75 21.36 49.76
CA HIS F 134 -38.97 22.19 48.85
C HIS F 134 -39.43 22.08 47.39
N THR F 135 -39.88 20.90 46.98
CA THR F 135 -40.08 20.61 45.56
C THR F 135 -41.49 20.12 45.20
N GLN F 136 -42.30 19.74 46.20
CA GLN F 136 -43.59 19.05 45.98
C GLN F 136 -43.46 17.73 45.16
N LYS F 137 -42.27 17.15 45.23
CA LYS F 137 -41.99 15.81 44.71
C LYS F 137 -41.44 14.92 45.82
N ALA F 138 -41.45 13.61 45.58
CA ALA F 138 -41.05 12.66 46.61
C ALA F 138 -40.30 11.50 45.99
N THR F 139 -39.06 11.28 46.45
CA THR F 139 -38.19 10.28 45.90
C THR F 139 -38.05 9.10 46.84
N LEU F 140 -38.46 7.91 46.40
CA LEU F 140 -38.17 6.70 47.16
C LEU F 140 -36.85 6.11 46.71
N VAL F 141 -36.11 5.54 47.63
CA VAL F 141 -34.87 4.87 47.28
C VAL F 141 -34.91 3.44 47.69
N CYS F 142 -34.43 2.56 46.82
CA CYS F 142 -34.30 1.12 47.09
C CYS F 142 -32.81 0.76 47.09
N LEU F 143 -32.42 -0.04 48.08
CA LEU F 143 -31.06 -0.56 48.15
C LEU F 143 -31.10 -2.06 48.19
N ALA F 144 -30.38 -2.66 47.26
CA ALA F 144 -30.20 -4.10 47.20
C ALA F 144 -28.75 -4.28 47.54
N THR F 145 -28.51 -4.93 48.67
CA THR F 145 -27.16 -5.05 49.18
C THR F 145 -26.77 -6.50 49.46
N GLY F 146 -25.47 -6.75 49.38
CA GLY F 146 -24.85 -7.98 49.85
C GLY F 146 -24.95 -9.15 48.93
N PHE F 147 -25.23 -8.94 47.63
CA PHE F 147 -25.44 -10.07 46.73
C PHE F 147 -24.16 -10.44 45.98
N TYR F 148 -24.08 -11.69 45.50
CA TYR F 148 -22.95 -12.17 44.70
C TYR F 148 -23.41 -13.43 44.01
N PRO F 149 -23.13 -13.57 42.71
CA PRO F 149 -22.44 -12.60 41.85
C PRO F 149 -23.34 -11.41 41.53
N ASP F 150 -22.84 -10.47 40.74
CA ASP F 150 -23.57 -9.24 40.50
C ASP F 150 -24.66 -9.34 39.42
N HIS F 151 -25.45 -10.40 39.46
CA HIS F 151 -26.49 -10.56 38.46
C HIS F 151 -27.88 -10.39 39.05
N VAL F 152 -28.41 -9.16 38.96
CA VAL F 152 -29.77 -8.84 39.42
C VAL F 152 -30.49 -7.98 38.39
N GLU F 153 -31.82 -7.91 38.53
CA GLU F 153 -32.70 -7.10 37.70
C GLU F 153 -33.68 -6.48 38.71
N LEU F 154 -33.61 -5.16 38.85
CA LEU F 154 -34.43 -4.45 39.83
C LEU F 154 -35.62 -3.75 39.15
N SER F 155 -36.82 -3.87 39.73
CA SER F 155 -38.01 -3.22 39.13
C SER F 155 -38.86 -2.59 40.22
N TRP F 156 -39.62 -1.54 39.86
CA TRP F 156 -40.55 -0.87 40.80
C TRP F 156 -41.96 -1.21 40.41
N TRP F 157 -42.79 -1.39 41.43
CA TRP F 157 -44.19 -1.74 41.28
C TRP F 157 -45.01 -0.77 42.11
N VAL F 158 -45.90 -0.05 41.45
CA VAL F 158 -46.77 0.89 42.13
C VAL F 158 -48.20 0.35 42.04
N ASN F 159 -48.81 0.10 43.19
CA ASN F 159 -50.15 -0.45 43.27
C ASN F 159 -50.31 -1.68 42.34
N GLY F 160 -49.33 -2.59 42.40
CA GLY F 160 -49.43 -3.85 41.67
C GLY F 160 -49.02 -3.82 40.22
N LYS F 161 -48.56 -2.67 39.71
CA LYS F 161 -48.17 -2.55 38.32
C LYS F 161 -46.75 -2.03 38.15
N GLU F 162 -45.97 -2.73 37.32
CA GLU F 162 -44.60 -2.34 37.06
C GLU F 162 -44.58 -0.95 36.45
N VAL F 163 -43.66 -0.10 36.91
CA VAL F 163 -43.60 1.28 36.41
C VAL F 163 -42.22 1.61 35.88
N HIS F 164 -42.15 2.47 34.87
CA HIS F 164 -40.86 2.89 34.33
C HIS F 164 -40.68 4.39 34.48
N SER F 165 -41.80 5.10 34.36
CA SER F 165 -41.82 6.52 34.56
C SER F 165 -41.31 6.89 35.94
N GLY F 166 -40.40 7.85 36.01
CA GLY F 166 -39.94 8.31 37.30
C GLY F 166 -38.92 7.41 37.98
N VAL F 167 -38.42 6.40 37.26
CA VAL F 167 -37.43 5.47 37.81
C VAL F 167 -36.07 5.65 37.12
N CYS F 168 -35.00 5.53 37.90
CA CYS F 168 -33.72 5.13 37.33
C CYS F 168 -32.93 4.28 38.28
N THR F 169 -32.15 3.39 37.69
CA THR F 169 -31.35 2.45 38.43
C THR F 169 -29.88 2.62 38.03
N ASP F 170 -28.98 2.47 39.00
CA ASP F 170 -27.57 2.48 38.71
C ASP F 170 -27.32 1.52 37.53
N PRO F 171 -26.55 1.97 36.54
CA PRO F 171 -26.24 1.14 35.36
C PRO F 171 -25.58 -0.19 35.77
N GLN F 172 -24.76 -0.16 36.82
CA GLN F 172 -24.15 -1.37 37.34
C GLN F 172 -23.94 -1.33 38.87
N PRO F 173 -23.95 -2.52 39.49
CA PRO F 173 -23.72 -2.66 40.91
C PRO F 173 -22.33 -2.21 41.29
N LEU F 174 -22.19 -1.77 42.53
CA LEU F 174 -20.89 -1.38 43.04
C LEU F 174 -20.42 -2.44 44.04
N LYS F 175 -19.11 -2.43 44.30
CA LYS F 175 -18.48 -3.36 45.20
C LYS F 175 -18.52 -2.82 46.60
N GLU F 176 -19.05 -3.61 47.52
CA GLU F 176 -19.12 -3.21 48.92
C GLU F 176 -17.74 -3.23 49.57
N GLN F 177 -16.82 -4.03 49.01
CA GLN F 177 -15.41 -4.02 49.41
C GLN F 177 -14.53 -4.15 48.18
N PRO F 178 -14.13 -3.00 47.60
CA PRO F 178 -13.48 -3.02 46.29
C PRO F 178 -12.17 -3.80 46.29
N ALA F 179 -11.68 -4.14 47.48
CA ALA F 179 -10.44 -4.90 47.62
C ALA F 179 -10.65 -6.34 48.13
N LEU F 180 -11.53 -7.10 47.48
CA LEU F 180 -11.66 -8.55 47.70
C LEU F 180 -12.12 -9.24 46.41
N SER F 183 -15.93 -10.48 46.95
CA SER F 183 -16.62 -9.26 47.40
C SER F 183 -18.05 -9.16 46.88
N ARG F 184 -18.96 -8.86 47.80
CA ARG F 184 -20.38 -8.76 47.47
C ARG F 184 -20.71 -7.42 46.81
N TYR F 185 -21.93 -7.29 46.31
CA TYR F 185 -22.35 -6.09 45.58
C TYR F 185 -23.58 -5.39 46.15
N ALA F 186 -23.75 -4.13 45.77
CA ALA F 186 -24.92 -3.30 46.11
C ALA F 186 -25.41 -2.54 44.88
N LEU F 187 -26.70 -2.22 44.85
CA LEU F 187 -27.29 -1.52 43.73
C LEU F 187 -28.38 -0.62 44.29
N SER F 188 -28.41 0.64 43.83
CA SER F 188 -29.53 1.51 44.19
C SER F 188 -30.41 1.85 42.99
N SER F 189 -31.59 2.35 43.33
CA SER F 189 -32.62 2.79 42.38
C SER F 189 -33.49 3.83 43.09
N ARG F 190 -34.00 4.78 42.30
CA ARG F 190 -34.89 5.82 42.79
C ARG F 190 -36.18 5.74 42.05
N LEU F 191 -37.26 6.07 42.75
CA LEU F 191 -38.56 6.30 42.13
C LEU F 191 -39.09 7.61 42.67
N ARG F 192 -39.39 8.53 41.76
CA ARG F 192 -39.92 9.83 42.11
C ARG F 192 -41.38 9.97 41.61
N VAL F 193 -42.24 10.42 42.53
CA VAL F 193 -43.65 10.64 42.29
C VAL F 193 -43.99 12.06 42.76
N SER F 194 -45.21 12.55 42.51
CA SER F 194 -45.61 13.85 43.11
C SER F 194 -45.82 13.70 44.61
N ALA F 195 -45.58 14.77 45.34
CA ALA F 195 -45.91 14.78 46.76
C ALA F 195 -47.35 14.30 47.01
N THR F 196 -48.34 14.77 46.22
CA THR F 196 -49.72 14.38 46.53
C THR F 196 -49.90 12.88 46.38
N PHE F 197 -49.25 12.27 45.38
CA PHE F 197 -49.32 10.82 45.19
C PHE F 197 -48.69 10.05 46.37
N TRP F 198 -47.54 10.50 46.85
CA TRP F 198 -46.88 9.87 47.98
C TRP F 198 -47.69 10.04 49.26
N GLN F 199 -48.41 11.15 49.37
CA GLN F 199 -49.13 11.42 50.61
C GLN F 199 -50.47 10.65 50.78
N ASN F 200 -50.74 9.74 49.85
CA ASN F 200 -51.92 8.90 49.92
C ASN F 200 -51.54 7.54 50.55
N PRO F 201 -52.03 7.27 51.79
CA PRO F 201 -51.73 6.03 52.48
C PRO F 201 -52.32 4.77 51.81
N ARG F 202 -53.14 4.93 50.78
CA ARG F 202 -53.60 3.78 50.02
C ARG F 202 -52.64 3.39 48.87
N ASN F 203 -51.68 4.27 48.56
CA ASN F 203 -50.72 3.96 47.48
C ASN F 203 -49.59 3.04 48.00
N HIS F 204 -49.26 2.05 47.16
CA HIS F 204 -48.35 1.02 47.56
C HIS F 204 -47.15 1.01 46.63
N PHE F 205 -45.97 0.87 47.23
CA PHE F 205 -44.70 1.04 46.52
C PHE F 205 -43.84 -0.17 46.82
N ARG F 206 -43.43 -0.91 45.80
CA ARG F 206 -42.63 -2.09 46.04
C ARG F 206 -41.48 -2.12 45.10
N CYS F 207 -40.30 -2.34 45.67
CA CYS F 207 -39.08 -2.53 44.92
C CYS F 207 -38.84 -4.02 44.84
N GLN F 208 -38.68 -4.52 43.62
CA GLN F 208 -38.51 -5.94 43.43
C GLN F 208 -37.11 -6.22 42.88
N VAL F 209 -36.36 -7.13 43.52
CA VAL F 209 -35.06 -7.53 42.94
C VAL F 209 -35.02 -8.99 42.49
N GLN F 210 -34.98 -9.20 41.19
CA GLN F 210 -34.78 -10.55 40.68
C GLN F 210 -33.31 -10.93 40.78
N PHE F 211 -33.01 -12.04 41.45
CA PHE F 211 -31.63 -12.50 41.61
C PHE F 211 -31.35 -13.79 40.84
N TYR F 212 -30.29 -13.80 40.06
CA TYR F 212 -29.90 -15.00 39.30
C TYR F 212 -28.77 -15.71 40.00
N GLY F 213 -29.06 -16.91 40.50
CA GLY F 213 -28.13 -17.61 41.37
C GLY F 213 -28.03 -19.08 41.02
N LEU F 214 -28.11 -19.93 42.04
CA LEU F 214 -27.98 -21.38 41.91
C LEU F 214 -29.27 -21.99 41.41
N SER F 215 -29.19 -23.17 40.81
CA SER F 215 -30.42 -23.92 40.49
C SER F 215 -30.67 -25.02 41.52
N GLU F 216 -31.80 -25.72 41.38
CA GLU F 216 -32.22 -26.75 42.34
C GLU F 216 -31.33 -28.01 42.37
N ASN F 217 -30.56 -28.23 41.32
CA ASN F 217 -29.69 -29.39 41.24
C ASN F 217 -28.30 -29.14 41.83
N ASP F 218 -28.06 -27.94 42.34
CA ASP F 218 -26.77 -27.64 42.96
C ASP F 218 -26.70 -28.21 44.37
N GLU F 219 -25.53 -28.78 44.68
CA GLU F 219 -25.20 -29.23 46.03
C GLU F 219 -24.97 -28.00 46.87
N TRP F 220 -25.50 -28.05 48.10
CA TRP F 220 -25.38 -26.94 49.01
C TRP F 220 -25.05 -27.43 50.42
N THR F 221 -23.98 -26.91 50.99
CA THR F 221 -23.54 -27.40 52.27
C THR F 221 -23.41 -26.33 53.36
N GLN F 222 -23.78 -25.09 53.05
CA GLN F 222 -23.69 -24.03 54.03
C GLN F 222 -24.89 -24.05 55.01
N ASP F 223 -24.70 -23.50 56.20
CA ASP F 223 -25.78 -23.39 57.18
C ASP F 223 -26.52 -22.03 57.00
N ARG F 224 -27.38 -22.00 55.98
CA ARG F 224 -28.16 -20.85 55.54
C ARG F 224 -28.81 -21.32 54.24
N ALA F 225 -29.96 -20.74 53.90
CA ALA F 225 -30.77 -21.17 52.78
C ALA F 225 -29.96 -21.17 51.46
N LYS F 226 -30.18 -22.17 50.61
CA LYS F 226 -29.49 -22.27 49.32
C LYS F 226 -29.81 -21.01 48.46
N PRO F 227 -28.78 -20.31 47.94
CA PRO F 227 -29.07 -19.03 47.23
C PRO F 227 -29.52 -19.22 45.76
N VAL F 228 -30.69 -19.81 45.61
CA VAL F 228 -31.20 -20.11 44.31
C VAL F 228 -31.62 -18.78 43.65
N THR F 229 -31.75 -18.83 42.34
CA THR F 229 -32.45 -17.82 41.57
C THR F 229 -33.78 -17.53 42.28
N GLN F 230 -34.05 -16.27 42.59
CA GLN F 230 -35.22 -15.88 43.40
C GLN F 230 -35.49 -14.40 43.26
N ILE F 231 -36.69 -13.98 43.71
CA ILE F 231 -37.06 -12.57 43.88
C ILE F 231 -37.01 -12.18 45.35
N VAL F 232 -36.38 -11.06 45.65
CA VAL F 232 -36.44 -10.48 46.99
C VAL F 232 -37.05 -9.07 46.85
N SER F 233 -37.96 -8.71 47.73
CA SER F 233 -38.69 -7.42 47.71
C SER F 233 -38.65 -6.68 49.03
N ALA F 234 -38.93 -5.38 48.96
CA ALA F 234 -39.30 -4.56 50.14
C ALA F 234 -40.37 -3.54 49.70
N GLU F 235 -41.15 -3.03 50.64
CA GLU F 235 -42.29 -2.24 50.23
C GLU F 235 -42.53 -1.14 51.22
N ALA F 236 -43.28 -0.12 50.80
CA ALA F 236 -43.76 0.95 51.66
C ALA F 236 -45.14 1.41 51.16
N TRP F 237 -45.93 1.92 52.11
CA TRP F 237 -47.19 2.54 51.81
C TRP F 237 -46.97 4.02 51.84
N GLY F 238 -47.81 4.77 51.13
CA GLY F 238 -47.83 6.25 51.25
C GLY F 238 -48.08 6.74 52.67
N ARG F 239 -47.79 8.01 52.91
CA ARG F 239 -47.85 8.57 54.27
C ARG F 239 -48.33 10.01 54.24
N ALA F 240 -49.53 10.25 54.76
CA ALA F 240 -50.14 11.60 54.75
C ALA F 240 -49.38 12.65 55.57
N GLN G 3 21.95 19.59 4.06
CA GLN G 3 21.38 19.62 2.67
C GLN G 3 20.07 20.42 2.54
N VAL G 4 19.30 20.57 3.61
CA VAL G 4 18.14 21.45 3.57
C VAL G 4 18.22 22.42 4.74
N GLU G 5 18.16 23.71 4.46
CA GLU G 5 18.30 24.70 5.52
C GLU G 5 17.16 25.72 5.56
N GLN G 6 16.69 26.01 6.77
CA GLN G 6 15.65 27.00 6.96
C GLN G 6 16.19 28.22 7.64
N SER G 7 15.63 29.38 7.31
CA SER G 7 16.01 30.62 7.96
C SER G 7 14.86 31.60 7.92
N PRO G 8 14.73 32.46 8.97
CA PRO G 8 15.55 32.47 10.16
C PRO G 8 15.19 31.31 11.10
N ALA G 9 16.04 31.05 12.07
CA ALA G 9 15.77 30.03 13.07
C ALA G 9 14.54 30.42 13.90
N SER G 10 14.42 31.70 14.22
CA SER G 10 13.24 32.24 14.92
C SER G 10 12.82 33.61 14.39
N LEU G 11 11.54 33.89 14.47
CA LEU G 11 11.00 35.15 13.98
C LEU G 11 9.93 35.59 14.98
N VAL G 12 10.04 36.82 15.48
CA VAL G 12 9.00 37.41 16.31
C VAL G 12 8.31 38.51 15.51
N LEU G 13 7.01 38.40 15.29
CA LEU G 13 6.31 39.55 14.74
C LEU G 13 5.00 39.93 15.42
N GLN G 14 4.58 41.17 15.20
CA GLN G 14 3.34 41.66 15.79
C GLN G 14 2.21 41.23 14.88
N GLU G 15 1.09 40.81 15.47
CA GLU G 15 -0.05 40.37 14.67
C GLU G 15 -0.39 41.41 13.59
N GLY G 16 -0.73 40.93 12.40
CA GLY G 16 -0.95 41.81 11.25
C GLY G 16 0.19 41.83 10.24
N GLU G 17 1.42 41.75 10.72
CA GLU G 17 2.57 41.69 9.84
C GLU G 17 2.57 40.42 8.97
N ASN G 18 3.19 40.54 7.80
CA ASN G 18 3.42 39.41 6.90
C ASN G 18 4.70 38.68 7.31
N ALA G 19 4.69 37.36 7.24
CA ALA G 19 5.90 36.58 7.55
C ALA G 19 6.45 35.94 6.28
N GLU G 20 7.77 35.93 6.16
CA GLU G 20 8.41 35.20 5.08
C GLU G 20 9.43 34.21 5.64
N LEU G 21 9.27 32.95 5.29
CA LEU G 21 10.18 31.94 5.81
C LEU G 21 10.96 31.32 4.63
N GLN G 22 12.25 31.09 4.80
CA GLN G 22 13.09 30.59 3.72
C GLN G 22 13.47 29.14 3.89
N CYS G 23 13.56 28.45 2.77
CA CYS G 23 14.04 27.09 2.73
C CYS G 23 14.96 26.96 1.53
N THR G 24 16.23 26.69 1.79
CA THR G 24 17.20 26.56 0.72
C THR G 24 17.66 25.12 0.63
N TYR G 25 18.09 24.72 -0.56
CA TYR G 25 18.49 23.32 -0.82
C TYR G 25 19.58 23.27 -1.89
N SER G 26 20.30 22.15 -1.98
CA SER G 26 21.41 22.08 -2.95
C SER G 26 21.14 21.14 -4.14
N THR G 27 19.88 20.79 -4.34
CA THR G 27 19.53 19.81 -5.36
C THR G 27 18.51 20.40 -6.27
N THR G 28 18.03 19.53 -7.15
CA THR G 28 16.84 19.80 -7.91
C THR G 28 15.64 19.84 -6.98
N LEU G 29 14.56 20.43 -7.49
CA LEU G 29 13.32 20.47 -6.75
C LEU G 29 12.25 19.72 -7.51
N ASN G 30 11.85 18.60 -6.94
CA ASN G 30 10.64 17.91 -7.38
C ASN G 30 9.41 18.45 -6.62
N SER G 31 9.48 18.48 -5.30
CA SER G 31 8.39 19.00 -4.45
C SER G 31 8.87 19.58 -3.13
N MET G 32 8.13 20.55 -2.62
CA MET G 32 8.35 21.10 -1.31
C MET G 32 7.10 20.83 -0.49
N GLN G 33 7.27 20.36 0.75
CA GLN G 33 6.18 20.20 1.73
C GLN G 33 6.47 21.05 2.96
N TRP G 34 5.52 21.89 3.33
CA TRP G 34 5.66 22.68 4.54
C TRP G 34 4.72 22.12 5.60
N PHE G 35 5.22 22.07 6.83
CA PHE G 35 4.48 21.54 7.98
C PHE G 35 4.42 22.53 9.14
N TYR G 36 3.31 22.51 9.88
CA TYR G 36 3.13 23.26 11.11
C TYR G 36 3.19 22.34 12.33
N GLN G 37 3.85 22.78 13.40
CA GLN G 37 3.86 22.01 14.64
C GLN G 37 3.92 22.88 15.90
N ARG G 38 3.01 22.64 16.83
CA ARG G 38 3.14 23.15 18.20
C ARG G 38 4.13 22.26 18.99
N PRO G 39 4.84 22.81 19.99
CA PRO G 39 5.70 21.94 20.83
C PRO G 39 4.93 20.72 21.39
N GLY G 40 5.39 19.52 21.08
CA GLY G 40 4.73 18.29 21.50
C GLY G 40 3.50 17.89 20.72
N GLY G 41 3.16 18.66 19.68
CA GLY G 41 1.98 18.37 18.83
C GLY G 41 2.22 17.54 17.59
N ARG G 42 1.15 17.25 16.85
CA ARG G 42 1.26 16.50 15.60
C ARG G 42 1.92 17.33 14.51
N LEU G 43 2.38 16.65 13.46
CA LEU G 43 2.92 17.33 12.29
C LEU G 43 1.75 17.71 11.38
N VAL G 44 1.50 19.00 11.21
CA VAL G 44 0.37 19.37 10.33
C VAL G 44 0.84 19.82 8.94
N SER G 45 0.37 19.11 7.92
CA SER G 45 0.72 19.44 6.56
C SER G 45 0.01 20.71 6.11
N LEU G 46 0.78 21.76 5.87
CA LEU G 46 0.24 23.03 5.40
C LEU G 46 0.10 23.12 3.89
N LEU G 47 1.17 22.78 3.18
CA LEU G 47 1.24 22.91 1.74
C LEU G 47 2.05 21.78 1.16
N TYR G 48 1.66 21.35 -0.03
CA TYR G 48 2.44 20.42 -0.83
C TYR G 48 2.50 21.05 -2.21
N SER G 49 3.70 21.43 -2.65
CA SER G 49 3.90 22.16 -3.91
C SER G 49 4.91 21.46 -4.82
N PRO G 50 4.43 20.70 -5.81
CA PRO G 50 5.40 20.12 -6.74
C PRO G 50 5.97 21.27 -7.58
N SER G 51 7.18 21.11 -8.11
CA SER G 51 7.80 22.21 -8.86
C SER G 51 6.99 22.65 -10.11
N TRP G 52 6.07 21.80 -10.55
CA TRP G 52 5.34 22.07 -11.79
C TRP G 52 3.94 22.60 -11.62
N ALA G 53 3.44 22.60 -10.39
CA ALA G 53 2.03 22.91 -10.13
C ALA G 53 1.83 24.41 -9.90
N GLU G 54 0.59 24.86 -10.03
CA GLU G 54 0.22 26.25 -9.70
C GLU G 54 -0.04 26.40 -8.21
N GLN G 55 0.52 27.45 -7.60
CA GLN G 55 0.17 27.82 -6.21
C GLN G 55 -1.35 28.06 -6.15
N ARG G 56 -2.00 27.55 -5.10
CA ARG G 56 -3.48 27.62 -4.97
C ARG G 56 -4.00 29.05 -4.86
N GLY G 57 -3.36 29.84 -4.01
CA GLY G 57 -3.86 31.18 -3.66
C GLY G 57 -4.55 31.19 -2.30
N GLY G 58 -4.26 32.22 -1.52
CA GLY G 58 -4.82 32.36 -0.18
C GLY G 58 -3.89 33.07 0.79
N ARG G 59 -4.14 32.90 2.08
CA ARG G 59 -3.38 33.61 3.11
C ARG G 59 -2.01 32.95 3.31
N LEU G 60 -1.93 31.69 2.90
CA LEU G 60 -0.75 30.90 3.07
C LEU G 60 -0.34 30.34 1.70
N THR G 61 0.79 30.85 1.18
CA THR G 61 1.34 30.43 -0.11
C THR G 61 2.83 30.13 0.01
N SER G 62 3.35 29.45 -1.01
CA SER G 62 4.77 29.31 -1.20
C SER G 62 5.19 29.84 -2.56
N SER G 63 6.50 29.96 -2.75
CA SER G 63 7.06 30.32 -4.05
C SER G 63 8.49 29.81 -4.18
N ALA G 64 8.95 29.73 -5.42
CA ALA G 64 10.32 29.38 -5.73
C ALA G 64 11.03 30.66 -6.15
N ALA G 65 12.27 30.84 -5.69
CA ALA G 65 13.07 31.98 -6.09
C ALA G 65 13.54 31.75 -7.52
N SER G 66 13.63 32.83 -8.30
CA SER G 66 14.11 32.69 -9.68
C SER G 66 15.64 32.62 -9.76
N ASN G 67 16.11 31.61 -10.50
CA ASN G 67 17.55 31.34 -10.73
C ASN G 67 18.35 30.93 -9.48
N GLU G 68 17.61 30.49 -8.47
CA GLU G 68 18.15 30.27 -7.14
C GLU G 68 17.46 29.06 -6.52
N SER G 69 18.25 28.24 -5.82
CA SER G 69 17.74 27.04 -5.16
C SER G 69 17.09 27.37 -3.79
N ARG G 70 16.02 28.13 -3.82
CA ARG G 70 15.40 28.63 -2.61
C ARG G 70 13.91 28.78 -2.83
N SER G 71 13.15 28.35 -1.84
CA SER G 71 11.73 28.64 -1.81
C SER G 71 11.35 29.29 -0.47
N SER G 72 10.17 29.93 -0.47
CA SER G 72 9.67 30.69 0.64
C SER G 72 8.27 30.24 1.02
N LEU G 73 7.95 30.35 2.30
CA LEU G 73 6.57 30.31 2.76
C LEU G 73 6.17 31.74 3.14
N HIS G 74 5.04 32.15 2.61
CA HIS G 74 4.52 33.48 2.83
C HIS G 74 3.27 33.35 3.64
N ILE G 75 3.27 33.97 4.81
CA ILE G 75 2.04 34.03 5.58
C ILE G 75 1.54 35.47 5.58
N SER G 76 0.37 35.64 4.96
CA SER G 76 -0.25 36.94 4.81
C SER G 76 -0.98 37.32 6.10
N SER G 77 -0.64 38.46 6.68
CA SER G 77 -1.37 39.03 7.83
C SER G 77 -1.41 38.07 9.06
N SER G 78 -0.28 37.91 9.73
CA SER G 78 -0.14 36.85 10.72
C SER G 78 -1.15 37.01 11.86
N GLN G 79 -1.55 35.87 12.42
CA GLN G 79 -2.44 35.80 13.56
C GLN G 79 -1.68 35.14 14.70
N ILE G 80 -2.11 35.37 15.93
CA ILE G 80 -1.37 34.82 17.06
C ILE G 80 -1.40 33.28 17.03
N THR G 81 -2.43 32.70 16.41
CA THR G 81 -2.49 31.24 16.29
C THR G 81 -1.58 30.65 15.19
N ASP G 82 -0.92 31.51 14.39
CA ASP G 82 0.13 31.05 13.49
C ASP G 82 1.39 30.71 14.28
N SER G 83 1.45 31.16 15.53
CA SER G 83 2.59 30.87 16.38
C SER G 83 2.87 29.36 16.47
N GLY G 84 4.14 28.99 16.30
CA GLY G 84 4.54 27.60 16.33
C GLY G 84 5.75 27.35 15.45
N THR G 85 6.06 26.08 15.21
CA THR G 85 7.20 25.72 14.40
C THR G 85 6.81 25.34 12.98
N TYR G 86 7.51 25.92 12.01
CA TYR G 86 7.33 25.65 10.60
C TYR G 86 8.50 24.85 10.07
N LEU G 87 8.20 23.71 9.45
CA LEU G 87 9.19 22.78 8.91
C LEU G 87 9.08 22.63 7.41
N CYS G 88 10.21 22.73 6.72
CA CYS G 88 10.26 22.59 5.27
C CYS G 88 10.79 21.19 4.94
N ALA G 89 10.19 20.51 3.98
CA ALA G 89 10.79 19.25 3.52
C ALA G 89 10.85 19.27 2.01
N ILE G 90 12.00 18.88 1.46
CA ILE G 90 12.23 18.89 0.01
C ILE G 90 12.41 17.47 -0.54
N ALA G 91 11.75 17.15 -1.66
CA ALA G 91 12.11 15.96 -2.46
C ALA G 91 12.74 16.41 -3.77
N SER G 92 13.90 15.87 -4.08
CA SER G 92 14.68 16.27 -5.24
C SER G 92 14.26 15.58 -6.54
N SER G 93 13.61 14.42 -6.41
CA SER G 93 13.10 13.68 -7.57
C SER G 93 11.92 12.83 -7.09
N SER G 94 11.32 12.04 -7.97
CA SER G 94 10.27 11.11 -7.54
C SER G 94 10.80 9.90 -6.74
N PHE G 95 12.11 9.66 -6.82
CA PHE G 95 12.73 8.54 -6.10
C PHE G 95 13.46 8.94 -4.82
N SER G 96 13.70 10.23 -4.59
CA SER G 96 14.52 10.64 -3.47
C SER G 96 13.78 10.59 -2.13
N LYS G 97 14.54 10.72 -1.05
CA LYS G 97 13.95 10.89 0.28
C LYS G 97 13.39 12.29 0.38
N LEU G 98 12.46 12.44 1.31
CA LEU G 98 11.98 13.74 1.71
C LEU G 98 12.93 14.24 2.78
N VAL G 99 13.62 15.35 2.50
CA VAL G 99 14.69 15.82 3.38
C VAL G 99 14.21 17.06 4.13
N PHE G 100 14.34 17.03 5.46
CA PHE G 100 13.71 18.01 6.34
C PHE G 100 14.71 19.04 6.75
N GLY G 101 14.32 20.30 6.70
CA GLY G 101 15.10 21.33 7.38
C GLY G 101 14.94 21.21 8.91
N GLN G 102 15.59 22.11 9.64
CA GLN G 102 15.53 22.05 11.09
C GLN G 102 14.42 22.93 11.69
N GLY G 103 13.65 23.61 10.85
CA GLY G 103 12.51 24.38 11.35
C GLY G 103 12.73 25.86 11.63
N THR G 104 11.64 26.63 11.53
CA THR G 104 11.61 28.02 11.97
C THR G 104 10.54 28.16 13.08
N SER G 105 10.94 28.75 14.22
CA SER G 105 10.01 29.12 15.27
C SER G 105 9.40 30.48 15.00
N LEU G 106 8.09 30.53 14.81
CA LEU G 106 7.41 31.80 14.65
C LEU G 106 6.60 32.12 15.91
N SER G 107 6.85 33.31 16.45
CA SER G 107 6.00 33.83 17.50
C SER G 107 5.27 35.08 17.01
N VAL G 108 3.94 35.04 17.05
CA VAL G 108 3.13 36.17 16.62
C VAL G 108 2.46 36.76 17.86
N VAL G 109 2.76 38.02 18.09
CA VAL G 109 2.52 38.68 19.35
C VAL G 109 1.32 39.64 19.23
N PRO G 110 0.46 39.71 20.28
CA PRO G 110 -0.75 40.52 20.12
C PRO G 110 -0.40 42.00 20.20
N ASN G 111 -1.13 42.80 19.42
CA ASN G 111 -1.13 44.24 19.56
C ASN G 111 -2.08 44.60 20.69
N ILE G 112 -1.53 44.90 21.86
CA ILE G 112 -2.35 45.25 23.04
C ILE G 112 -2.61 46.76 23.11
N GLN G 113 -3.82 47.12 22.66
CA GLN G 113 -4.22 48.51 22.46
C GLN G 113 -4.49 49.21 23.80
N ASN G 114 -5.35 48.60 24.64
CA ASN G 114 -5.67 49.15 25.96
C ASN G 114 -5.06 48.33 27.11
N PRO G 115 -3.76 48.57 27.43
CA PRO G 115 -3.13 47.77 28.50
C PRO G 115 -3.49 48.21 29.91
N ASP G 116 -3.70 47.23 30.79
CA ASP G 116 -3.92 47.51 32.19
C ASP G 116 -3.13 46.60 33.11
N PRO G 117 -1.79 46.69 33.10
CA PRO G 117 -0.93 45.75 33.83
C PRO G 117 -1.23 45.60 35.33
N ALA G 118 -1.36 44.36 35.81
CA ALA G 118 -1.58 44.10 37.25
C ALA G 118 -1.10 42.74 37.72
N VAL G 119 -0.90 42.60 39.02
CA VAL G 119 -0.59 41.31 39.62
C VAL G 119 -1.70 40.93 40.63
N TYR G 120 -2.45 39.87 40.34
CA TYR G 120 -3.56 39.45 41.22
C TYR G 120 -3.20 38.21 42.02
N GLN G 121 -3.69 38.11 43.25
CA GLN G 121 -3.55 36.89 44.03
C GLN G 121 -4.83 36.10 43.85
N LEU G 122 -4.70 34.85 43.42
CA LEU G 122 -5.87 34.01 43.29
C LEU G 122 -6.26 33.41 44.66
N ARG G 123 -7.46 32.84 44.77
CA ARG G 123 -7.86 32.23 46.05
C ARG G 123 -7.21 30.85 46.15
N ASP G 124 -6.67 30.56 47.33
CA ASP G 124 -6.08 29.24 47.60
C ASP G 124 -7.10 28.13 47.31
N SER G 125 -6.62 27.03 46.72
CA SER G 125 -7.45 25.85 46.50
C SER G 125 -7.45 24.98 47.75
N LYS G 126 -8.64 24.59 48.21
CA LYS G 126 -8.79 23.70 49.37
C LYS G 126 -7.86 22.48 49.30
N SER G 127 -7.55 22.06 48.06
CA SER G 127 -6.78 20.84 47.81
C SER G 127 -5.32 21.07 47.37
N SER G 128 -4.74 22.20 47.76
CA SER G 128 -3.36 22.52 47.38
C SER G 128 -2.65 23.37 48.44
N ASP G 129 -1.33 23.22 48.58
CA ASP G 129 -0.58 24.06 49.51
C ASP G 129 0.12 25.25 48.81
N LYS G 130 -0.20 25.45 47.53
CA LYS G 130 0.41 26.51 46.71
C LYS G 130 -0.44 27.78 46.73
N SER G 131 0.24 28.93 46.82
CA SER G 131 -0.33 30.25 46.54
C SER G 131 0.06 30.65 45.12
N VAL G 132 -0.89 31.18 44.36
CA VAL G 132 -0.64 31.59 42.98
C VAL G 132 -0.89 33.07 42.70
N CYS G 133 0.02 33.67 41.94
CA CYS G 133 -0.08 35.06 41.50
C CYS G 133 -0.26 35.12 40.00
N LEU G 134 -1.03 36.09 39.54
CA LEU G 134 -1.26 36.28 38.14
C LEU G 134 -0.87 37.69 37.72
N PHE G 135 0.15 37.77 36.87
CA PHE G 135 0.57 38.99 36.20
C PHE G 135 -0.16 39.01 34.86
N THR G 136 -0.97 40.04 34.65
CA THR G 136 -1.86 40.06 33.48
C THR G 136 -2.08 41.45 32.88
N ASP G 137 -2.60 41.46 31.65
CA ASP G 137 -2.98 42.68 30.92
C ASP G 137 -1.82 43.63 30.59
N PHE G 138 -0.59 43.16 30.69
CA PHE G 138 0.56 43.87 30.17
C PHE G 138 0.63 43.78 28.63
N ASP G 139 1.26 44.78 28.01
CA ASP G 139 1.48 44.74 26.55
C ASP G 139 2.70 43.87 26.20
N SER G 140 2.85 43.58 24.91
CA SER G 140 3.83 42.57 24.44
C SER G 140 5.30 42.97 24.53
N GLN G 141 5.56 44.23 24.86
CA GLN G 141 6.93 44.68 25.10
C GLN G 141 7.49 44.07 26.39
N THR G 142 6.61 43.70 27.32
CA THR G 142 7.04 43.16 28.60
C THR G 142 7.66 41.77 28.43
N ASN G 143 8.79 41.57 29.08
CA ASN G 143 9.46 40.26 29.10
C ASN G 143 9.41 39.69 30.51
N VAL G 144 8.92 38.45 30.63
CA VAL G 144 8.84 37.76 31.91
C VAL G 144 10.08 36.91 32.14
N SER G 145 10.81 37.21 33.20
CA SER G 145 12.02 36.49 33.50
C SER G 145 11.71 35.25 34.35
N GLN G 146 12.63 34.29 34.28
CA GLN G 146 12.63 33.12 35.14
C GLN G 146 12.74 33.50 36.62
N SER G 147 12.36 32.55 37.46
CA SER G 147 12.46 32.67 38.90
C SER G 147 13.94 32.69 39.30
N LYS G 148 14.25 33.44 40.36
CA LYS G 148 15.58 33.40 40.99
C LYS G 148 15.59 32.58 42.29
N ASP G 149 14.42 32.41 42.90
CA ASP G 149 14.20 31.47 44.03
C ASP G 149 13.78 30.09 43.48
N SER G 150 14.50 29.04 43.90
CA SER G 150 14.31 27.70 43.34
C SER G 150 13.00 26.99 43.77
N ASP G 151 12.30 27.59 44.73
CA ASP G 151 11.00 27.09 45.18
C ASP G 151 9.81 28.01 44.77
N VAL G 152 10.11 29.05 44.00
CA VAL G 152 9.10 29.87 43.34
C VAL G 152 9.16 29.49 41.86
N TYR G 153 8.00 29.31 41.24
CA TYR G 153 7.91 28.84 39.86
C TYR G 153 7.21 29.90 39.03
N ILE G 154 7.79 30.25 37.89
CA ILE G 154 7.23 31.31 37.06
C ILE G 154 7.13 30.88 35.61
N THR G 155 5.96 31.07 35.03
CA THR G 155 5.76 30.73 33.65
C THR G 155 6.09 31.91 32.74
N ASP G 156 6.34 31.61 31.47
CA ASP G 156 6.49 32.63 30.43
C ASP G 156 5.10 33.22 30.14
N LYS G 157 5.03 34.32 29.41
CA LYS G 157 3.74 34.90 29.04
C LYS G 157 3.10 34.08 27.94
N CYS G 158 1.76 33.93 28.00
CA CYS G 158 0.98 33.49 26.85
C CYS G 158 -0.19 34.44 26.61
N VAL G 159 -0.72 34.36 25.41
CA VAL G 159 -1.78 35.21 24.92
C VAL G 159 -3.06 34.42 24.94
N LEU G 160 -4.08 34.92 25.62
CA LEU G 160 -5.40 34.37 25.43
C LEU G 160 -6.28 35.31 24.62
N ASP G 161 -7.27 34.76 23.96
CA ASP G 161 -8.10 35.54 23.06
C ASP G 161 -9.55 35.22 23.39
N MET G 162 -10.22 36.16 24.03
CA MET G 162 -11.66 36.04 24.30
C MET G 162 -12.42 36.43 23.05
N ARG G 163 -12.90 35.43 22.32
CA ARG G 163 -13.44 35.65 20.98
C ARG G 163 -14.79 36.39 20.92
N SER G 164 -15.73 35.97 21.75
CA SER G 164 -17.02 36.66 21.89
C SER G 164 -16.83 38.15 22.17
N MET G 165 -15.85 38.48 23.01
CA MET G 165 -15.53 39.85 23.44
C MET G 165 -14.47 40.55 22.58
N ASP G 166 -14.01 39.87 21.53
CA ASP G 166 -12.88 40.32 20.68
C ASP G 166 -11.75 41.03 21.45
N PHE G 167 -11.22 40.36 22.48
CA PHE G 167 -10.24 40.93 23.41
C PHE G 167 -9.14 39.91 23.66
N LYS G 168 -7.89 40.38 23.72
CA LYS G 168 -6.70 39.53 23.86
C LYS G 168 -5.94 40.02 25.08
N SER G 169 -5.25 39.12 25.77
CA SER G 169 -4.39 39.56 26.85
C SER G 169 -3.25 38.60 27.14
N ASN G 170 -2.15 39.17 27.63
CA ASN G 170 -0.98 38.46 28.05
C ASN G 170 -1.06 38.24 29.55
N SER G 171 -0.56 37.10 29.99
CA SER G 171 -0.43 36.85 31.40
C SER G 171 0.68 35.85 31.64
N ALA G 172 1.29 35.95 32.82
CA ALA G 172 2.18 34.95 33.37
C ALA G 172 1.69 34.56 34.76
N VAL G 173 2.08 33.38 35.23
CA VAL G 173 1.69 32.88 36.52
C VAL G 173 2.93 32.59 37.34
N ALA G 174 2.91 33.00 38.61
CA ALA G 174 3.93 32.59 39.58
C ALA G 174 3.26 31.86 40.74
N TRP G 175 3.92 30.84 41.26
CA TRP G 175 3.42 30.15 42.42
C TRP G 175 4.52 29.55 43.30
N SER G 176 4.20 29.35 44.57
CA SER G 176 5.09 28.75 45.57
C SER G 176 4.30 28.32 46.83
N ASN G 177 4.78 27.28 47.51
CA ASN G 177 4.25 26.93 48.84
C ASN G 177 5.03 27.55 50.00
N LYS G 178 6.10 28.29 49.71
CA LYS G 178 6.89 28.98 50.76
C LYS G 178 6.04 29.97 51.56
N SER G 179 6.24 30.03 52.88
CA SER G 179 5.48 30.96 53.73
C SER G 179 5.92 32.41 53.56
N ASP G 180 7.12 32.58 52.98
CA ASP G 180 7.64 33.86 52.50
C ASP G 180 6.75 34.53 51.44
N PHE G 181 6.20 33.69 50.56
CA PHE G 181 5.70 34.09 49.24
C PHE G 181 4.61 35.16 49.24
N ALA G 182 4.88 36.23 48.52
CA ALA G 182 3.91 37.31 48.36
C ALA G 182 3.84 37.77 46.90
N CYS G 183 2.62 38.09 46.46
CA CYS G 183 2.41 38.55 45.10
C CYS G 183 3.18 39.83 44.75
N ALA G 184 3.50 40.62 45.77
CA ALA G 184 4.25 41.87 45.62
C ALA G 184 5.68 41.64 45.17
N ASN G 185 6.22 40.49 45.55
CA ASN G 185 7.62 40.15 45.28
C ASN G 185 7.81 39.16 44.14
N ALA G 186 6.70 38.60 43.65
CA ALA G 186 6.72 37.44 42.74
C ALA G 186 7.50 37.67 41.44
N PHE G 187 7.30 38.84 40.85
CA PHE G 187 7.94 39.17 39.59
C PHE G 187 9.10 40.16 39.73
N ASN G 188 9.67 40.24 40.93
CA ASN G 188 10.86 41.05 41.23
C ASN G 188 11.99 40.92 40.22
N ASN G 189 12.14 39.73 39.65
CA ASN G 189 13.22 39.54 38.70
C ASN G 189 12.93 39.92 37.26
N SER G 190 11.72 40.40 37.00
CA SER G 190 11.38 40.92 35.68
C SER G 190 11.38 42.45 35.66
N ILE G 191 11.54 43.02 34.46
CA ILE G 191 11.28 44.44 34.26
C ILE G 191 9.81 44.51 33.91
N ILE G 192 9.01 45.10 34.80
CA ILE G 192 7.56 45.14 34.55
C ILE G 192 7.04 46.57 34.43
N PRO G 193 5.87 46.78 33.80
CA PRO G 193 5.50 48.18 33.63
C PRO G 193 5.47 48.92 34.97
N GLU G 194 5.97 50.15 34.94
CA GLU G 194 6.04 51.01 36.11
C GLU G 194 4.69 51.23 36.81
N ASP G 195 3.62 51.23 36.03
CA ASP G 195 2.28 51.46 36.58
C ASP G 195 1.50 50.15 36.86
N THR G 196 2.21 49.08 37.19
CA THR G 196 1.56 47.81 37.47
C THR G 196 0.74 47.93 38.77
N PHE G 197 -0.55 47.65 38.67
CA PHE G 197 -1.49 47.67 39.79
C PHE G 197 -1.22 46.51 40.78
N PHE G 198 -1.01 46.86 42.04
CA PHE G 198 -0.88 45.88 43.11
C PHE G 198 -1.96 46.10 44.17
N PRO G 199 -3.01 45.27 44.13
CA PRO G 199 -4.17 45.46 45.01
C PRO G 199 -3.98 44.91 46.42
N SER G 200 -4.40 45.71 47.40
CA SER G 200 -4.30 45.38 48.84
C SER G 200 -5.29 44.27 49.26
N ALA H 3 -5.48 9.89 7.79
CA ALA H 3 -5.31 8.91 6.67
C ALA H 3 -4.20 7.92 7.02
N VAL H 4 -3.41 8.24 8.03
CA VAL H 4 -2.40 7.32 8.54
C VAL H 4 -2.54 7.26 10.04
N THR H 5 -2.63 6.04 10.60
CA THR H 5 -2.75 5.83 12.05
C THR H 5 -1.53 5.11 12.62
N GLN H 6 -1.32 5.28 13.93
CA GLN H 6 -0.14 4.81 14.65
C GLN H 6 -0.57 4.34 16.04
N SER H 7 0.04 3.25 16.48
CA SER H 7 -0.24 2.72 17.82
C SER H 7 1.07 2.19 18.38
N PRO H 8 1.28 2.31 19.70
CA PRO H 8 0.45 3.05 20.67
C PRO H 8 0.54 4.56 20.44
N ARG H 9 -0.30 5.33 21.10
CA ARG H 9 -0.28 6.79 20.97
C ARG H 9 0.87 7.42 21.75
N SER H 10 1.35 6.68 22.77
CA SER H 10 2.51 7.02 23.57
C SER H 10 3.08 5.73 24.20
N LYS H 11 4.34 5.76 24.62
CA LYS H 11 4.94 4.63 25.30
C LYS H 11 6.05 5.05 26.26
N VAL H 12 6.04 4.50 27.47
CA VAL H 12 7.17 4.65 28.39
C VAL H 12 7.71 3.22 28.46
N ALA H 13 9.01 3.05 28.27
CA ALA H 13 9.62 1.71 28.31
C ALA H 13 10.91 1.73 29.13
N VAL H 14 11.34 0.58 29.60
CA VAL H 14 12.65 0.48 30.30
C VAL H 14 13.78 0.08 29.36
N THR H 15 14.99 0.53 29.67
CA THR H 15 16.18 0.02 28.97
C THR H 15 16.11 -1.50 28.88
N GLY H 16 16.32 -2.03 27.67
CA GLY H 16 16.46 -3.45 27.44
C GLY H 16 15.15 -4.12 27.13
N GLY H 17 14.09 -3.33 27.12
CA GLY H 17 12.77 -3.83 26.74
C GLY H 17 12.65 -3.89 25.22
N LYS H 18 11.70 -4.69 24.76
CA LYS H 18 11.29 -4.68 23.38
C LYS H 18 10.19 -3.65 23.25
N VAL H 19 10.33 -2.76 22.26
CA VAL H 19 9.25 -1.86 21.89
C VAL H 19 8.97 -1.99 20.42
N THR H 20 7.69 -2.10 20.11
CA THR H 20 7.17 -2.20 18.76
C THR H 20 6.18 -1.06 18.50
N LEU H 21 6.43 -0.30 17.44
CA LEU H 21 5.51 0.75 17.04
C LEU H 21 4.88 0.38 15.71
N SER H 22 3.57 0.51 15.61
CA SER H 22 2.83 0.12 14.42
C SER H 22 2.28 1.31 13.65
N CYS H 23 2.41 1.25 12.32
CA CYS H 23 1.86 2.25 11.39
C CYS H 23 0.83 1.53 10.54
N HIS H 24 -0.30 2.17 10.29
CA HIS H 24 -1.40 1.54 9.56
C HIS H 24 -1.99 2.52 8.53
N GLN H 25 -2.12 2.09 7.28
CA GLN H 25 -2.77 2.93 6.24
C GLN H 25 -3.67 2.09 5.35
N THR H 26 -4.86 2.60 5.04
CA THR H 26 -5.80 1.92 4.15
C THR H 26 -5.99 2.68 2.83
N ASN H 27 -4.98 3.46 2.43
CA ASN H 27 -5.00 4.25 1.19
C ASN H 27 -4.42 3.54 -0.02
N ASN H 28 -4.03 2.29 0.16
CA ASN H 28 -3.40 1.53 -0.90
C ASN H 28 -2.12 2.24 -1.36
N HIS H 29 -1.35 2.75 -0.39
CA HIS H 29 -0.09 3.41 -0.70
C HIS H 29 1.00 2.38 -0.91
N ASP H 30 2.02 2.75 -1.64
CA ASP H 30 3.14 1.85 -1.85
C ASP H 30 4.20 1.98 -0.78
N TYR H 31 4.70 3.19 -0.59
CA TYR H 31 5.78 3.43 0.33
C TYR H 31 5.26 3.65 1.75
N MET H 32 5.99 3.13 2.72
CA MET H 32 5.72 3.52 4.09
C MET H 32 7.05 3.83 4.72
N TYR H 33 7.07 4.72 5.72
CA TYR H 33 8.31 5.26 6.26
C TYR H 33 8.24 5.33 7.78
N TRP H 34 9.40 5.26 8.45
CA TRP H 34 9.48 5.63 9.86
C TRP H 34 10.54 6.66 10.06
N TYR H 35 10.17 7.78 10.69
CA TYR H 35 11.12 8.85 11.04
C TYR H 35 11.18 9.07 12.56
N ARG H 36 12.28 9.64 13.04
CA ARG H 36 12.31 10.12 14.41
C ARG H 36 12.56 11.61 14.41
N GLN H 37 11.95 12.28 15.39
CA GLN H 37 12.09 13.70 15.54
C GLN H 37 12.52 13.93 16.96
N ASP H 38 13.65 14.61 17.07
CA ASP H 38 14.23 15.00 18.36
C ASP H 38 14.10 16.48 18.50
N THR H 39 13.74 16.92 19.70
CA THR H 39 13.65 18.34 20.05
C THR H 39 15.02 19.07 20.06
N GLY H 40 15.52 19.60 18.92
CA GLY H 40 14.94 19.45 17.57
C GLY H 40 15.25 20.47 16.47
N HIS H 41 14.71 20.25 15.24
CA HIS H 41 13.51 19.39 15.03
C HIS H 41 13.23 18.72 13.66
N GLY H 42 14.20 18.62 12.76
CA GLY H 42 13.90 17.96 11.47
C GLY H 42 13.64 16.49 11.67
N LEU H 43 12.69 15.92 10.94
CA LEU H 43 12.55 14.45 10.96
C LEU H 43 13.69 13.75 10.22
N ARG H 44 14.14 12.61 10.75
CA ARG H 44 15.20 11.80 10.12
C ARG H 44 14.73 10.38 9.88
N LEU H 45 14.98 9.89 8.67
CA LEU H 45 14.48 8.60 8.20
C LEU H 45 15.24 7.41 8.82
N ILE H 46 14.49 6.44 9.33
CA ILE H 46 15.09 5.28 10.03
C ILE H 46 15.04 4.04 9.14
N HIS H 47 13.85 3.74 8.62
CA HIS H 47 13.64 2.64 7.69
C HIS H 47 12.48 3.03 6.81
N TYR H 48 12.40 2.42 5.61
CA TYR H 48 11.26 2.55 4.73
C TYR H 48 10.99 1.26 3.93
N SER H 49 9.94 1.26 3.13
CA SER H 49 9.52 0.08 2.42
C SER H 49 8.72 0.44 1.17
N TYR H 50 9.03 -0.22 0.05
CA TYR H 50 8.35 -0.02 -1.22
C TYR H 50 7.13 -0.92 -1.39
N VAL H 51 7.10 -2.02 -0.65
CA VAL H 51 6.06 -3.05 -0.87
C VAL H 51 6.04 -4.08 0.27
N ALA H 52 4.93 -4.82 0.39
CA ALA H 52 4.82 -5.90 1.36
C ALA H 52 6.06 -6.76 1.32
N ASP H 53 6.50 -7.19 2.49
CA ASP H 53 7.60 -8.17 2.64
C ASP H 53 8.99 -7.64 2.35
N SER H 54 9.15 -6.33 2.19
CA SER H 54 10.52 -5.78 2.08
C SER H 54 10.71 -4.48 2.87
N THR H 55 11.96 -4.17 3.15
CA THR H 55 12.31 -3.13 4.06
C THR H 55 13.65 -2.60 3.61
N GLU H 56 13.86 -1.30 3.79
CA GLU H 56 15.12 -0.69 3.43
C GLU H 56 15.62 0.20 4.54
N LYS H 57 16.94 0.25 4.72
CA LYS H 57 17.56 1.09 5.73
C LYS H 57 17.50 2.57 5.32
N GLY H 58 17.07 3.45 6.23
CA GLY H 58 17.05 4.88 5.96
C GLY H 58 18.42 5.43 6.32
N ASP H 59 18.48 6.67 6.79
CA ASP H 59 19.74 7.32 7.12
C ASP H 59 20.29 6.97 8.51
N ILE H 60 19.41 6.63 9.46
CA ILE H 60 19.83 6.28 10.84
C ILE H 60 19.21 4.97 11.31
N PRO H 61 19.50 3.86 10.61
CA PRO H 61 18.89 2.57 10.93
C PRO H 61 19.36 1.93 12.26
N ASP H 62 20.50 2.34 12.79
CA ASP H 62 21.14 1.62 13.93
C ASP H 62 20.28 1.57 15.19
N GLY H 63 20.01 0.35 15.64
CA GLY H 63 19.30 0.10 16.89
C GLY H 63 17.83 -0.15 16.60
N TYR H 64 17.47 -0.16 15.33
CA TYR H 64 16.09 -0.36 14.93
C TYR H 64 15.99 -1.49 13.92
N LYS H 65 14.90 -2.23 13.97
CA LYS H 65 14.53 -3.03 12.82
C LYS H 65 13.12 -2.65 12.38
N ALA H 66 12.76 -3.03 11.16
CA ALA H 66 11.46 -2.68 10.62
C ALA H 66 10.84 -3.90 10.00
N SER H 67 9.52 -3.94 9.91
CA SER H 67 8.85 -5.05 9.24
C SER H 67 7.63 -4.57 8.48
N ARG H 68 7.47 -5.06 7.25
CA ARG H 68 6.32 -4.73 6.39
C ARG H 68 5.57 -6.04 6.15
N PRO H 69 4.76 -6.48 7.14
CA PRO H 69 4.07 -7.77 6.92
C PRO H 69 3.02 -7.72 5.81
N SER H 70 2.58 -6.52 5.42
CA SER H 70 1.51 -6.36 4.44
C SER H 70 1.50 -4.93 3.90
N GLN H 71 0.69 -4.67 2.88
CA GLN H 71 0.60 -3.34 2.26
C GLN H 71 0.11 -2.29 3.25
N GLU H 72 -0.76 -2.71 4.15
CA GLU H 72 -1.38 -1.84 5.15
C GLU H 72 -0.45 -1.47 6.32
N ASN H 73 0.42 -2.38 6.71
CA ASN H 73 1.12 -2.26 7.99
C ASN H 73 2.63 -2.15 7.87
N PHE H 74 3.21 -1.31 8.71
CA PHE H 74 4.65 -1.12 8.79
C PHE H 74 5.03 -0.88 10.25
N SER H 75 5.93 -1.73 10.77
CA SER H 75 6.33 -1.72 12.18
C SER H 75 7.77 -1.31 12.38
N LEU H 76 8.03 -0.60 13.48
CA LEU H 76 9.38 -0.27 13.89
C LEU H 76 9.66 -1.00 15.19
N ILE H 77 10.73 -1.79 15.22
CA ILE H 77 11.06 -2.64 16.39
C ILE H 77 12.34 -2.17 17.02
N LEU H 78 12.26 -1.87 18.32
CA LEU H 78 13.42 -1.59 19.14
C LEU H 78 13.57 -2.84 19.99
N GLU H 79 14.66 -3.59 19.76
CA GLU H 79 14.76 -4.92 20.36
C GLU H 79 15.35 -4.86 21.75
N LEU H 80 16.29 -3.95 21.94
CA LEU H 80 16.80 -3.59 23.26
C LEU H 80 16.81 -2.08 23.35
N ALA H 81 15.82 -1.51 24.03
CA ALA H 81 15.62 -0.07 24.03
C ALA H 81 16.68 0.67 24.84
N SER H 82 17.21 1.75 24.27
CA SER H 82 18.24 2.54 24.95
C SER H 82 17.72 3.95 25.21
N LEU H 83 18.39 4.65 26.11
CA LEU H 83 17.98 5.98 26.53
C LEU H 83 17.97 6.96 25.35
N SER H 84 18.93 6.80 24.46
CA SER H 84 19.12 7.67 23.30
C SER H 84 17.96 7.52 22.28
N GLN H 85 17.12 6.50 22.47
CA GLN H 85 15.95 6.26 21.62
C GLN H 85 14.68 6.99 22.08
N THR H 86 14.80 7.69 23.20
CA THR H 86 13.78 8.66 23.60
C THR H 86 13.60 9.70 22.51
N ALA H 87 12.37 9.82 21.98
CA ALA H 87 12.05 10.75 20.87
C ALA H 87 10.57 10.63 20.55
N VAL H 88 10.12 11.41 19.56
CA VAL H 88 8.81 11.23 18.91
C VAL H 88 9.01 10.54 17.54
N TYR H 89 8.27 9.47 17.30
CA TYR H 89 8.38 8.74 16.03
C TYR H 89 7.17 9.05 15.14
N PHE H 90 7.44 9.44 13.89
CA PHE H 90 6.37 9.57 12.88
C PHE H 90 6.50 8.53 11.77
N CYS H 91 5.37 7.93 11.42
CA CYS H 91 5.35 7.12 10.26
C CYS H 91 4.69 7.91 9.16
N ALA H 92 4.92 7.50 7.92
CA ALA H 92 4.31 8.16 6.78
C ALA H 92 4.05 7.15 5.70
N SER H 93 3.23 7.51 4.71
CA SER H 93 3.03 6.65 3.56
C SER H 93 2.78 7.53 2.34
N ARG H 94 2.93 6.95 1.13
CA ARG H 94 2.65 7.67 -0.11
C ARG H 94 2.38 6.71 -1.25
N LEU H 95 1.55 7.15 -2.18
CA LEU H 95 1.39 6.47 -3.45
C LEU H 95 2.59 6.86 -4.33
N GLY H 96 2.98 5.99 -5.25
CA GLY H 96 4.02 6.37 -6.22
C GLY H 96 5.23 6.84 -5.47
N GLY H 97 5.78 8.03 -5.77
CA GLY H 97 5.19 8.98 -6.64
C GLY H 97 5.01 10.34 -5.98
N TYR H 98 3.99 10.43 -5.13
CA TYR H 98 3.32 11.66 -4.82
C TYR H 98 3.59 12.18 -3.38
N GLU H 99 2.69 13.04 -2.88
CA GLU H 99 2.77 13.60 -1.52
C GLU H 99 2.82 12.49 -0.44
N GLN H 100 3.74 12.61 0.51
CA GLN H 100 3.77 11.76 1.71
C GLN H 100 2.80 12.26 2.74
N TYR H 101 1.97 11.38 3.28
CA TYR H 101 1.04 11.72 4.37
C TYR H 101 1.52 11.12 5.70
N PHE H 102 1.46 11.93 6.76
CA PHE H 102 2.05 11.56 8.03
C PHE H 102 1.03 11.09 9.06
N GLY H 103 1.46 10.18 9.93
CA GLY H 103 0.69 9.80 11.09
C GLY H 103 0.83 10.83 12.19
N PRO H 104 0.04 10.70 13.27
CA PRO H 104 0.05 11.74 14.29
C PRO H 104 1.27 11.71 15.24
N GLY H 105 2.06 10.65 15.23
CA GLY H 105 3.22 10.60 16.11
C GLY H 105 3.00 9.74 17.35
N THR H 106 4.08 9.15 17.83
CA THR H 106 4.11 8.43 19.10
C THR H 106 5.30 8.94 19.88
N ARG H 107 5.06 9.42 21.10
CA ARG H 107 6.13 9.77 22.02
C ARG H 107 6.59 8.53 22.79
N LEU H 108 7.89 8.27 22.73
CA LEU H 108 8.47 7.17 23.44
C LEU H 108 9.45 7.78 24.41
N THR H 109 9.33 7.38 25.66
CA THR H 109 10.29 7.76 26.66
C THR H 109 10.90 6.47 27.17
N VAL H 110 12.22 6.34 27.07
CA VAL H 110 12.89 5.14 27.56
C VAL H 110 13.63 5.50 28.84
N LEU H 111 13.52 4.63 29.84
CA LEU H 111 14.00 4.96 31.18
C LEU H 111 14.73 3.80 31.85
N GLU H 112 15.66 4.13 32.74
CA GLU H 112 16.37 3.10 33.52
C GLU H 112 15.42 2.32 34.40
N ASP H 113 14.48 3.00 35.04
CA ASP H 113 13.45 2.34 35.79
C ASP H 113 12.16 3.17 35.85
N LEU H 114 11.06 2.47 36.12
CA LEU H 114 9.74 3.10 36.18
C LEU H 114 9.38 3.79 37.52
N LYS H 115 10.24 3.65 38.54
CA LYS H 115 10.02 4.31 39.87
C LYS H 115 9.73 5.80 39.77
N ASN H 116 10.25 6.45 38.75
CA ASN H 116 10.03 7.90 38.71
C ASN H 116 8.79 8.35 37.94
N VAL H 117 8.06 7.41 37.32
CA VAL H 117 6.81 7.76 36.65
C VAL H 117 5.72 8.12 37.69
N PHE H 118 5.20 9.35 37.59
CA PHE H 118 4.12 9.86 38.43
C PHE H 118 3.05 10.58 37.61
N PRO H 119 1.75 10.39 37.96
CA PRO H 119 0.68 11.16 37.30
C PRO H 119 0.65 12.59 37.86
N PRO H 120 -0.01 13.52 37.18
CA PRO H 120 -0.07 14.87 37.75
C PRO H 120 -1.07 14.98 38.91
N GLU H 121 -0.86 15.94 39.81
CA GLU H 121 -1.93 16.44 40.66
C GLU H 121 -2.43 17.73 40.03
N VAL H 122 -3.73 17.98 40.12
CA VAL H 122 -4.36 19.07 39.38
C VAL H 122 -5.28 19.86 40.29
N ALA H 123 -5.11 21.19 40.25
CA ALA H 123 -5.84 22.13 41.09
C ALA H 123 -6.26 23.29 40.23
N VAL H 124 -7.46 23.82 40.49
CA VAL H 124 -7.95 25.04 39.88
C VAL H 124 -8.00 26.12 40.96
N PHE H 125 -7.55 27.30 40.60
CA PHE H 125 -7.56 28.45 41.47
C PHE H 125 -8.54 29.46 40.92
N GLU H 126 -9.41 29.90 41.82
CA GLU H 126 -10.52 30.76 41.47
C GLU H 126 -10.05 32.21 41.31
N PRO H 127 -10.82 32.99 40.55
CA PRO H 127 -10.50 34.36 40.18
C PRO H 127 -10.33 35.29 41.37
N SER H 128 -9.33 36.15 41.27
CA SER H 128 -9.12 37.24 42.22
C SER H 128 -10.28 38.25 42.16
N GLU H 129 -10.83 38.59 43.32
CA GLU H 129 -11.92 39.58 43.42
C GLU H 129 -11.44 40.99 43.03
N ALA H 130 -10.15 41.25 43.24
CA ALA H 130 -9.54 42.50 42.78
C ALA H 130 -9.62 42.58 41.26
N GLU H 131 -9.31 41.48 40.56
CA GLU H 131 -9.49 41.41 39.11
C GLU H 131 -10.92 41.72 38.67
N ILE H 132 -11.91 41.21 39.38
CA ILE H 132 -13.30 41.46 38.96
C ILE H 132 -13.68 42.94 39.17
N SER H 133 -13.42 43.46 40.36
CA SER H 133 -13.60 44.90 40.63
C SER H 133 -12.93 45.72 39.53
N HIS H 134 -11.65 45.45 39.30
CA HIS H 134 -10.83 46.22 38.38
C HIS H 134 -11.16 46.07 36.90
N THR H 135 -11.47 44.85 36.43
CA THR H 135 -11.52 44.58 34.98
C THR H 135 -12.86 44.14 34.45
N GLN H 136 -13.73 43.69 35.35
CA GLN H 136 -15.01 43.05 35.00
C GLN H 136 -14.78 41.74 34.25
N LYS H 137 -13.61 41.15 34.44
CA LYS H 137 -13.24 39.88 33.83
C LYS H 137 -12.66 38.96 34.90
N ALA H 138 -12.67 37.66 34.64
CA ALA H 138 -12.34 36.70 35.67
C ALA H 138 -11.40 35.67 35.09
N THR H 139 -10.20 35.56 35.67
CA THR H 139 -9.22 34.56 35.20
C THR H 139 -9.05 33.38 36.15
N LEU H 140 -9.44 32.19 35.71
CA LEU H 140 -9.18 30.93 36.44
C LEU H 140 -7.85 30.36 36.04
N VAL H 141 -7.07 29.91 37.03
CA VAL H 141 -5.80 29.25 36.79
C VAL H 141 -5.86 27.75 37.16
N CYS H 142 -5.34 26.91 36.26
CA CYS H 142 -5.14 25.48 36.51
C CYS H 142 -3.65 25.14 36.58
N LEU H 143 -3.22 24.48 37.66
CA LEU H 143 -1.84 24.00 37.75
C LEU H 143 -1.80 22.48 37.80
N ALA H 144 -1.12 21.87 36.85
CA ALA H 144 -0.90 20.42 36.87
C ALA H 144 0.53 20.24 37.35
N THR H 145 0.74 19.55 38.48
CA THR H 145 2.06 19.47 39.13
C THR H 145 2.51 18.04 39.48
N GLY H 146 3.81 17.86 39.65
CA GLY H 146 4.41 16.59 40.11
C GLY H 146 4.41 15.44 39.11
N PHE H 147 4.27 15.71 37.81
CA PHE H 147 4.13 14.59 36.88
C PHE H 147 5.44 14.24 36.16
N TYR H 148 5.57 12.99 35.73
CA TYR H 148 6.78 12.50 35.10
C TYR H 148 6.45 11.22 34.33
N PRO H 149 6.85 11.13 33.04
CA PRO H 149 7.51 12.08 32.17
C PRO H 149 6.60 13.25 31.77
N ASP H 150 7.16 14.19 31.02
CA ASP H 150 6.51 15.45 30.73
C ASP H 150 5.52 15.36 29.55
N HIS H 151 4.69 14.32 29.56
CA HIS H 151 3.74 14.08 28.50
C HIS H 151 2.28 14.17 28.98
N VAL H 152 1.72 15.38 28.90
CA VAL H 152 0.34 15.66 29.24
C VAL H 152 -0.37 16.48 28.13
N GLU H 153 -1.70 16.47 28.16
CA GLU H 153 -2.52 17.36 27.32
C GLU H 153 -3.59 17.93 28.22
N LEU H 154 -3.68 19.25 28.22
CA LEU H 154 -4.56 19.95 29.15
C LEU H 154 -5.69 20.61 28.35
N SER H 155 -6.92 20.51 28.84
CA SER H 155 -8.07 21.12 28.19
C SER H 155 -9.03 21.72 29.22
N TRP H 156 -9.83 22.68 28.78
CA TRP H 156 -10.82 23.35 29.64
C TRP H 156 -12.21 23.00 29.14
N TRP H 157 -13.12 22.82 30.09
CA TRP H 157 -14.47 22.37 29.80
C TRP H 157 -15.41 23.29 30.56
N VAL H 158 -16.30 23.95 29.84
CA VAL H 158 -17.22 24.89 30.47
C VAL H 158 -18.63 24.37 30.27
N ASN H 159 -19.34 24.15 31.37
CA ASN H 159 -20.65 23.54 31.28
C ASN H 159 -20.63 22.28 30.41
N GLY H 160 -19.59 21.47 30.60
CA GLY H 160 -19.43 20.19 29.92
C GLY H 160 -19.03 20.22 28.44
N LYS H 161 -18.73 21.40 27.91
CA LYS H 161 -18.24 21.55 26.53
C LYS H 161 -16.77 22.03 26.50
N GLU H 162 -15.91 21.34 25.73
CA GLU H 162 -14.50 21.78 25.60
C GLU H 162 -14.46 23.16 24.98
N VAL H 163 -13.68 24.08 25.58
CA VAL H 163 -13.54 25.46 25.09
C VAL H 163 -12.11 25.79 24.66
N HIS H 164 -12.01 26.64 23.65
CA HIS H 164 -10.72 27.19 23.25
C HIS H 164 -10.66 28.71 23.47
N SER H 165 -11.79 29.38 23.23
CA SER H 165 -11.89 30.82 23.48
C SER H 165 -11.52 31.20 24.93
N GLY H 166 -10.73 32.25 25.09
CA GLY H 166 -10.29 32.66 26.41
C GLY H 166 -9.24 31.83 27.15
N VAL H 167 -8.63 30.86 26.47
CA VAL H 167 -7.62 29.94 27.07
C VAL H 167 -6.18 30.13 26.53
N CYS H 168 -5.17 30.09 27.41
CA CYS H 168 -3.81 29.73 26.98
C CYS H 168 -3.12 28.87 27.99
N THR H 169 -2.34 27.95 27.48
CA THR H 169 -1.61 26.98 28.29
C THR H 169 -0.16 27.19 27.94
N ASP H 170 0.75 27.09 28.89
CA ASP H 170 2.18 27.09 28.58
C ASP H 170 2.49 26.09 27.43
N PRO H 171 3.39 26.48 26.50
CA PRO H 171 3.83 25.64 25.36
C PRO H 171 4.36 24.28 25.83
N GLN H 172 5.19 24.30 26.87
CA GLN H 172 5.70 23.07 27.46
C GLN H 172 5.85 23.15 28.99
N PRO H 173 5.80 21.99 29.65
CA PRO H 173 5.98 21.93 31.11
C PRO H 173 7.32 22.47 31.53
N LEU H 174 7.43 22.91 32.78
CA LEU H 174 8.69 23.31 33.40
C LEU H 174 9.14 22.33 34.48
N LYS H 175 10.46 22.32 34.74
CA LYS H 175 11.09 21.41 35.70
C LYS H 175 10.90 21.88 37.12
N GLU H 176 10.39 21.00 37.98
CA GLU H 176 10.13 21.32 39.38
C GLU H 176 11.39 21.47 40.21
N GLN H 177 12.39 20.66 39.89
CA GLN H 177 13.74 20.73 40.46
C GLN H 177 14.72 20.70 39.28
N PRO H 178 14.96 21.86 38.65
CA PRO H 178 15.72 21.88 37.39
C PRO H 178 17.16 21.34 37.52
N ALA H 179 17.67 21.23 38.74
CA ALA H 179 19.01 20.70 38.96
C ALA H 179 19.08 19.17 39.04
N LEU H 180 17.94 18.49 38.93
CA LEU H 180 17.91 17.03 39.01
C LEU H 180 17.65 16.42 37.64
N SER H 183 13.67 14.65 37.59
CA SER H 183 12.88 15.84 37.98
C SER H 183 11.48 15.81 37.39
N ARG H 184 10.49 16.00 38.27
CA ARG H 184 9.09 16.03 37.87
C ARG H 184 8.78 17.36 37.24
N TYR H 185 7.59 17.47 36.63
CA TYR H 185 7.19 18.63 35.82
C TYR H 185 5.91 19.31 36.30
N ALA H 186 5.80 20.60 35.99
CA ALA H 186 4.60 21.40 36.24
C ALA H 186 4.10 22.08 34.93
N LEU H 187 2.81 22.38 34.87
CA LEU H 187 2.22 23.06 33.74
C LEU H 187 1.04 23.89 34.23
N SER H 188 0.92 25.11 33.72
CA SER H 188 -0.20 25.96 34.07
C SER H 188 -1.03 26.31 32.85
N SER H 189 -2.30 26.61 33.10
CA SER H 189 -3.19 27.13 32.09
C SER H 189 -4.14 28.19 32.65
N ARG H 190 -4.58 29.07 31.76
CA ARG H 190 -5.51 30.12 32.16
C ARG H 190 -6.76 30.03 31.35
N LEU H 191 -7.91 30.28 31.99
CA LEU H 191 -9.17 30.49 31.30
C LEU H 191 -9.76 31.80 31.80
N ARG H 192 -9.93 32.76 30.89
CA ARG H 192 -10.53 34.04 31.21
C ARG H 192 -11.94 34.11 30.70
N VAL H 193 -12.83 34.53 31.59
CA VAL H 193 -14.25 34.71 31.26
C VAL H 193 -14.70 36.10 31.76
N SER H 194 -15.88 36.57 31.35
CA SER H 194 -16.39 37.82 31.97
C SER H 194 -16.71 37.60 33.45
N ALA H 195 -16.67 38.70 34.20
CA ALA H 195 -17.12 38.68 35.59
C ALA H 195 -18.56 38.15 35.72
N THR H 196 -19.48 38.54 34.83
CA THR H 196 -20.88 38.11 34.99
C THR H 196 -21.04 36.60 34.74
N PHE H 197 -20.24 36.06 33.82
CA PHE H 197 -20.24 34.62 33.58
C PHE H 197 -19.74 33.82 34.78
N TRP H 198 -18.67 34.29 35.42
CA TRP H 198 -18.13 33.68 36.66
C TRP H 198 -19.06 33.81 37.88
N GLN H 199 -19.75 34.94 37.98
CA GLN H 199 -20.66 35.21 39.09
C GLN H 199 -21.97 34.42 39.03
N ASN H 200 -22.18 33.69 37.94
CA ASN H 200 -23.34 32.83 37.81
C ASN H 200 -23.03 31.43 38.40
N PRO H 201 -23.69 31.06 39.50
CA PRO H 201 -23.39 29.81 40.23
C PRO H 201 -23.88 28.54 39.49
N ARG H 202 -24.60 28.74 38.40
CA ARG H 202 -25.01 27.68 37.49
C ARG H 202 -23.87 27.29 36.52
N ASN H 203 -22.83 28.11 36.47
CA ASN H 203 -21.74 27.89 35.54
C ASN H 203 -20.65 26.97 36.11
N HIS H 204 -20.28 25.97 35.32
CA HIS H 204 -19.34 24.93 35.76
C HIS H 204 -18.02 24.90 34.95
N PHE H 205 -16.91 24.92 35.69
CA PHE H 205 -15.57 25.00 35.14
C PHE H 205 -14.70 23.76 35.47
N ARG H 206 -14.15 23.12 34.44
CA ARG H 206 -13.27 21.98 34.68
C ARG H 206 -11.97 22.12 33.87
N CYS H 207 -10.86 21.92 34.57
CA CYS H 207 -9.54 21.81 33.97
C CYS H 207 -9.26 20.30 33.91
N GLN H 208 -8.91 19.82 32.71
CA GLN H 208 -8.76 18.37 32.48
C GLN H 208 -7.34 18.11 32.00
N VAL H 209 -6.62 17.23 32.68
CA VAL H 209 -5.25 16.85 32.23
C VAL H 209 -5.15 15.36 31.87
N GLN H 210 -4.98 15.08 30.58
CA GLN H 210 -4.71 13.72 30.12
C GLN H 210 -3.22 13.44 30.32
N PHE H 211 -2.89 12.41 31.10
CA PHE H 211 -1.49 12.02 31.32
C PHE H 211 -1.13 10.74 30.56
N TYR H 212 0.08 10.70 30.00
CA TYR H 212 0.56 9.54 29.24
C TYR H 212 1.67 8.84 30.00
N GLY H 213 1.35 7.70 30.59
CA GLY H 213 2.24 6.98 31.49
C GLY H 213 2.35 5.49 31.18
N LEU H 214 2.17 4.65 32.19
CA LEU H 214 2.40 3.22 32.04
C LEU H 214 1.14 2.58 31.46
N SER H 215 1.26 1.40 30.88
CA SER H 215 0.02 0.69 30.48
C SER H 215 -0.40 -0.36 31.50
N GLU H 216 -1.59 -0.92 31.32
CA GLU H 216 -2.15 -1.95 32.19
C GLU H 216 -1.23 -3.16 32.40
N ASN H 217 -0.44 -3.51 31.40
CA ASN H 217 0.37 -4.73 31.44
C ASN H 217 1.80 -4.56 31.94
N ASP H 218 2.18 -3.32 32.29
CA ASP H 218 3.48 -3.09 32.88
C ASP H 218 3.47 -3.68 34.28
N GLU H 219 4.56 -4.35 34.65
CA GLU H 219 4.77 -4.79 36.03
C GLU H 219 4.93 -3.55 36.90
N TRP H 220 4.47 -3.61 38.15
CA TRP H 220 4.60 -2.51 39.08
C TRP H 220 4.84 -3.03 40.51
N THR H 221 5.95 -2.63 41.12
CA THR H 221 6.29 -3.16 42.45
C THR H 221 6.26 -2.10 43.55
N GLN H 222 6.05 -0.83 43.20
CA GLN H 222 6.11 0.23 44.20
C GLN H 222 4.85 0.23 45.06
N ASP H 223 4.98 0.67 46.30
CA ASP H 223 3.83 0.75 47.21
C ASP H 223 3.07 2.08 47.02
N ARG H 224 2.53 2.26 45.83
CA ARG H 224 1.70 3.41 45.46
C ARG H 224 1.00 3.00 44.17
N ALA H 225 -0.05 3.73 43.82
CA ALA H 225 -0.92 3.35 42.72
C ALA H 225 -0.08 3.40 41.46
N LYS H 226 -0.22 2.37 40.63
CA LYS H 226 0.52 2.27 39.38
C LYS H 226 0.21 3.51 38.48
N PRO H 227 1.25 4.25 38.01
CA PRO H 227 1.02 5.52 37.25
C PRO H 227 0.63 5.31 35.78
N VAL H 228 -0.56 4.77 35.59
CA VAL H 228 -1.03 4.50 34.26
C VAL H 228 -1.51 5.77 33.57
N THR H 229 -1.42 5.75 32.25
CA THR H 229 -2.19 6.62 31.37
C THR H 229 -3.59 6.81 31.95
N GLN H 230 -3.94 8.07 32.21
CA GLN H 230 -5.16 8.42 32.93
C GLN H 230 -5.47 9.92 32.79
N ILE H 231 -6.73 10.26 33.04
CA ILE H 231 -7.16 11.64 33.06
C ILE H 231 -7.29 12.10 34.51
N VAL H 232 -6.78 13.30 34.80
CA VAL H 232 -6.95 13.95 36.10
C VAL H 232 -7.55 15.34 35.94
N SER H 233 -8.60 15.58 36.69
CA SER H 233 -9.38 16.81 36.57
C SER H 233 -9.49 17.58 37.88
N ALA H 234 -9.68 18.88 37.77
CA ALA H 234 -10.08 19.72 38.89
C ALA H 234 -11.21 20.66 38.43
N GLU H 235 -12.11 21.02 39.36
CA GLU H 235 -13.30 21.79 39.00
C GLU H 235 -13.69 22.91 39.96
N ALA H 236 -14.49 23.82 39.46
CA ALA H 236 -15.07 24.91 40.26
C ALA H 236 -16.41 25.34 39.64
N TRP H 237 -17.35 25.72 40.49
CA TRP H 237 -18.59 26.35 40.04
C TRP H 237 -18.45 27.86 40.23
N GLY H 238 -19.21 28.60 39.43
CA GLY H 238 -19.34 30.05 39.56
C GLY H 238 -19.81 30.49 40.94
N ARG H 239 -19.55 31.75 41.28
CA ARG H 239 -19.74 32.26 42.64
C ARG H 239 -20.26 33.70 42.65
N ALA H 240 -21.56 33.85 42.96
CA ALA H 240 -22.29 35.12 42.88
C ALA H 240 -21.61 36.28 43.58
C1 NAG I . 0.42 -16.20 -4.34
C2 NAG I . 1.37 -16.82 -3.31
C3 NAG I . 0.92 -16.58 -1.86
C4 NAG I . 0.56 -15.11 -1.58
C5 NAG I . -0.37 -14.64 -2.70
C6 NAG I . -0.80 -13.18 -2.50
C7 NAG I . 2.70 -18.78 -3.77
C8 NAG I . 2.76 -20.28 -3.94
N2 NAG I . 1.51 -18.25 -3.50
O3 NAG I . 1.95 -17.02 -1.03
O4 NAG I . -0.15 -14.97 -0.37
O5 NAG I . 0.22 -14.85 -3.97
O6 NAG I . 0.32 -12.35 -2.72
O7 NAG I . 3.73 -18.10 -3.90
C1 NAG I . 0.64 -14.67 0.79
C2 NAG I . -0.26 -13.95 1.80
C3 NAG I . 0.32 -13.98 3.22
C4 NAG I . 0.91 -15.32 3.63
C5 NAG I . 1.83 -15.92 2.56
C6 NAG I . 2.13 -17.38 2.90
C7 NAG I . -1.75 -12.16 1.00
C8 NAG I . -1.89 -10.72 0.63
N2 NAG I . -0.55 -12.57 1.41
O3 NAG I . -0.71 -13.67 4.13
O4 NAG I . 1.62 -15.16 4.85
O5 NAG I . 1.15 -15.89 1.32
O6 NAG I . 3.24 -17.86 2.16
O7 NAG I . -2.73 -12.92 0.91
C1 NAG J . 31.82 9.34 -13.58
C2 NAG J . 32.76 8.84 -12.48
C3 NAG J . 32.21 9.13 -11.07
C4 NAG J . 31.72 10.57 -10.86
C5 NAG J . 30.81 10.95 -12.05
C6 NAG J . 30.33 12.41 -12.07
C7 NAG J . 34.19 6.90 -12.82
C8 NAG J . 34.34 5.41 -12.87
N2 NAG J . 32.98 7.40 -12.57
O3 NAG J . 33.23 8.88 -10.17
O4 NAG J . 30.95 10.66 -9.67
O5 NAG J . 31.44 10.67 -13.30
O6 NAG J . 31.42 13.31 -11.99
O7 NAG J . 35.19 7.60 -12.98
C1 NAG J . 31.64 10.56 -8.41
C2 NAG J . 31.15 11.64 -7.44
C3 NAG J . 31.79 11.45 -6.05
C4 NAG J . 31.30 10.09 -5.56
C5 NAG J . 32.00 9.10 -6.50
C6 NAG J . 31.87 7.65 -6.04
C7 NAG J . 30.31 13.69 -8.48
C8 NAG J . 30.67 15.03 -9.05
N2 NAG J . 31.35 12.97 -8.03
O3 NAG J . 31.49 12.45 -5.10
O4 NAG J . 31.54 9.87 -4.18
O5 NAG J . 31.47 9.28 -7.81
O6 NAG J . 33.12 7.19 -5.57
O7 NAG J . 29.13 13.32 -8.43
C1 DB6 K . -15.54 -8.98 -2.62
C2 DB6 K . -15.53 -10.16 -3.61
N2 DB6 K . -16.19 -9.77 -4.84
C3 DB6 K . -16.21 -11.34 -2.96
O3 DB6 K . -15.30 -11.68 -1.93
C4 DB6 K . -16.46 -12.54 -3.86
O4 DB6 K . -17.00 -13.61 -3.06
C5 DB6 K . -15.19 -13.03 -4.59
C6 DB6 K . -15.40 -14.36 -5.34
C7 DB6 K . -16.28 -14.26 -6.59
C8 DB6 K . -16.10 -15.47 -7.54
C9 DB6 K . -16.62 -16.78 -6.93
C10 DB6 K . -16.97 -17.84 -7.98
C11 DB6 K . -16.41 -19.19 -7.56
C12 DB6 K . -17.41 -20.27 -7.15
C13 DB6 K . -16.73 -21.59 -7.45
C14 DB6 K . -17.46 -22.83 -6.99
C15 DB6 K . -16.59 -24.08 -7.08
C16 DB6 K . -15.49 -24.00 -6.06
C17 DB6 K . -15.34 -25.30 -5.29
C18 DB6 K . -14.04 -25.26 -4.52
C1A DB6 K . -17.08 -7.59 -1.37
O1A DB6 K . -16.91 -8.60 -2.36
C2A DB6 K . -18.57 -7.44 -1.04
O2A DB6 K . -19.17 -8.72 -0.72
C3A DB6 K . -19.26 -6.86 -2.27
O3A DB6 K . -20.60 -6.57 -1.89
C4A DB6 K . -18.63 -5.53 -2.70
O4A DB6 K . -19.19 -5.07 -3.93
O5A DB6 K . -15.19 -4.49 -3.40
C5M DB6 K . -17.14 -5.64 -2.88
C6A DB6 K . -16.51 -4.26 -2.89
O6A DB6 K . -16.53 -6.33 -1.79
CAA DB6 K . -15.54 -9.22 -5.87
OAA DB6 K . -14.36 -9.03 -5.87
CAB DB6 K . -16.41 -8.82 -7.04
CAC DB6 K . -15.77 -9.05 -8.39
CAD DB6 K . -16.19 -10.42 -8.90
CAE DB6 K . -15.63 -10.59 -10.30
CAF DB6 K . -15.48 -12.06 -10.68
CAG DB6 K . -14.34 -12.14 -11.69
CAH DB6 K . -14.23 -13.47 -12.39
CAI DB6 K . -13.44 -13.22 -13.67
CAJ DB6 K . -11.99 -13.69 -13.57
CAK DB6 K . -11.68 -14.70 -14.66
CAL DB6 K . -10.54 -14.81 -15.35
CAM DB6 K . -9.29 -13.95 -15.25
CAN DB6 K . -9.03 -13.24 -13.93
CAO DB6 K . -8.30 -12.12 -13.85
CAP DB6 K . -7.68 -11.51 -15.10
CAQ DB6 K . -8.37 -10.21 -15.50
CAR DB6 K . -8.02 -9.81 -16.94
CAS DB6 K . -8.16 -8.32 -17.24
CAT DB6 K . -8.46 -8.01 -18.69
C1 NAG L . 1.14 -27.38 1.78
C2 NAG L . 2.34 -27.92 2.55
C3 NAG L . 3.64 -27.32 2.05
C4 NAG L . 3.83 -27.61 0.55
C5 NAG L . 2.57 -27.20 -0.27
C6 NAG L . 2.48 -28.09 -1.51
C7 NAG L . 1.74 -28.51 4.87
C8 NAG L . 1.70 -28.02 6.30
N2 NAG L . 2.23 -27.65 3.98
O3 NAG L . 4.66 -27.90 2.83
O4 NAG L . 5.04 -27.07 -0.01
O5 NAG L . 1.30 -27.36 0.37
O6 NAG L . 3.06 -27.43 -2.59
O7 NAG L . 1.34 -29.65 4.60
C1 NAG M . -26.93 -8.47 -18.08
C2 NAG M . -28.10 -7.71 -17.45
C3 NAG M . -29.14 -8.71 -16.96
C4 NAG M . -29.64 -9.57 -18.12
C5 NAG M . -28.44 -10.25 -18.79
C6 NAG M . -28.84 -10.98 -20.06
C7 NAG M . -27.23 -5.63 -16.53
C8 NAG M . -26.84 -4.85 -15.31
N2 NAG M . -27.70 -6.86 -16.35
O3 NAG M . -30.19 -8.05 -16.29
O4 NAG M . -30.59 -10.50 -17.62
O5 NAG M . -27.44 -9.30 -19.13
O6 NAG M . -27.76 -11.73 -20.58
O7 NAG M . -27.08 -5.14 -17.66
C1 DB6 N . 15.40 15.62 -12.06
C2 DB6 N . 15.49 14.45 -13.05
N2 DB6 N . 14.86 14.85 -14.31
C3 DB6 N . 14.89 13.18 -12.41
O3 DB6 N . 15.79 12.83 -11.34
C4 DB6 N . 14.76 11.98 -13.33
O4 DB6 N . 14.26 10.84 -12.59
C5 DB6 N . 16.07 11.62 -14.04
C6 DB6 N . 15.96 10.27 -14.79
C7 DB6 N . 14.94 10.25 -15.94
C8 DB6 N . 15.06 9.05 -16.94
C9 DB6 N . 15.16 7.69 -16.27
C10 DB6 N . 14.80 6.56 -17.23
C11 DB6 N . 14.61 5.24 -16.47
C12 DB6 N . 14.43 4.02 -17.35
C13 DB6 N . 15.36 2.90 -16.90
C14 DB6 N . 14.61 1.63 -16.50
C15 DB6 N . 15.56 0.46 -16.37
C16 DB6 N . 16.27 0.49 -15.01
C17 DB6 N . 16.73 -0.93 -14.68
C18 DB6 N . 17.89 -1.00 -13.71
C1A DB6 N . 13.83 17.02 -10.86
O1A DB6 N . 14.04 16.04 -11.87
C2A DB6 N . 12.34 17.13 -10.56
O2A DB6 N . 11.83 15.85 -10.18
C3A DB6 N . 11.61 17.62 -11.81
O3A DB6 N . 10.21 17.68 -11.57
C4A DB6 N . 12.10 18.99 -12.23
O4A DB6 N . 11.51 19.39 -13.49
O5A DB6 N . 15.48 20.12 -12.90
C5M DB6 N . 13.61 18.93 -12.39
C6A DB6 N . 14.12 20.34 -12.53
O6A DB6 N . 14.31 18.30 -11.29
CAA DB6 N . 15.52 15.37 -15.34
OAA DB6 N . 16.75 15.54 -15.42
CAB DB6 N . 14.60 15.76 -16.46
CAC DB6 N . 15.18 15.53 -17.85
CAD DB6 N . 14.95 14.08 -18.30
CAE DB6 N . 15.96 13.87 -19.44
CAF DB6 N . 15.82 12.48 -20.05
CAG DB6 N . 16.58 12.50 -21.36
CAH DB6 N . 16.96 11.10 -21.80
CAI DB6 N . 17.92 11.24 -22.96
CAJ DB6 N . 19.21 10.49 -22.67
CAK DB6 N . 19.75 9.82 -23.92
CAL DB6 N . 20.66 10.41 -24.68
CAM DB6 N . 21.18 11.79 -24.33
CAN DB6 N . 22.39 11.76 -23.42
CAO DB6 N . 23.15 12.84 -23.25
CAP DB6 N . 22.84 14.14 -23.95
CAQ DB6 N . 23.72 14.41 -25.18
CAR DB6 N . 22.96 15.34 -26.13
CAS DB6 N . 23.81 16.50 -26.65
CAT DB6 N . 23.26 17.08 -27.94
C1 NAG O . 33.10 -1.56 -7.32
C2 NAG O . 34.20 -1.97 -6.31
C3 NAG O . 35.64 -1.80 -6.83
C4 NAG O . 35.86 -1.99 -8.34
C5 NAG O . 34.68 -1.44 -9.16
C6 NAG O . 34.67 -1.88 -10.63
C7 NAG O . 33.52 -1.57 -3.97
C8 NAG O . 33.46 -0.54 -2.87
N2 NAG O . 34.05 -1.15 -5.13
O3 NAG O . 36.51 -2.69 -6.15
O4 NAG O . 37.08 -1.36 -8.71
O5 NAG O . 33.48 -1.95 -8.63
O6 NAG O . 35.86 -2.50 -11.05
O7 NAG O . 33.09 -2.72 -3.77
C1 NAG P . 4.07 15.59 -27.48
C2 NAG P . 2.92 16.39 -26.86
C3 NAG P . 1.94 15.42 -26.28
C4 NAG P . 1.42 14.45 -27.34
C5 NAG P . 2.62 13.74 -28.00
C6 NAG P . 2.25 12.88 -29.19
C7 NAG P . 3.82 18.50 -25.97
C8 NAG P . 4.17 19.28 -24.74
N2 NAG P . 3.32 17.28 -25.77
O3 NAG P . 0.92 16.15 -25.65
O4 NAG P . 0.55 13.50 -26.73
O5 NAG P . 3.57 14.69 -28.45
O6 NAG P . 3.44 12.31 -29.71
O7 NAG P . 3.99 19.01 -27.09
#